data_2EW0
# 
_entry.id   2EW0 
# 
_audit_conform.dict_name       mmcif_pdbx.dic 
_audit_conform.dict_version    5.398 
_audit_conform.dict_location   http://mmcif.pdb.org/dictionaries/ascii/mmcif_pdbx.dic 
# 
loop_
_database_2.database_id 
_database_2.database_code 
_database_2.pdbx_database_accession 
_database_2.pdbx_DOI 
PDB   2EW0         pdb_00002ew0 10.2210/pdb2ew0/pdb 
RCSB  RCSB035160   ?            ?                   
WWPDB D_1000035160 ?            ?                   
# 
loop_
_pdbx_audit_revision_history.ordinal 
_pdbx_audit_revision_history.data_content_type 
_pdbx_audit_revision_history.major_revision 
_pdbx_audit_revision_history.minor_revision 
_pdbx_audit_revision_history.revision_date 
1 'Structure model' 1 0 2005-12-06 
2 'Structure model' 1 1 2008-05-01 
3 'Structure model' 1 2 2011-07-13 
4 'Structure model' 1 3 2024-10-30 
# 
_pdbx_audit_revision_details.ordinal             1 
_pdbx_audit_revision_details.revision_ordinal    1 
_pdbx_audit_revision_details.data_content_type   'Structure model' 
_pdbx_audit_revision_details.provider            repository 
_pdbx_audit_revision_details.type                'Initial release' 
_pdbx_audit_revision_details.description         ? 
_pdbx_audit_revision_details.details             ? 
# 
loop_
_pdbx_audit_revision_group.ordinal 
_pdbx_audit_revision_group.revision_ordinal 
_pdbx_audit_revision_group.data_content_type 
_pdbx_audit_revision_group.group 
1 2 'Structure model' 'Version format compliance' 
2 3 'Structure model' 'Source and taxonomy'       
3 3 'Structure model' 'Version format compliance' 
4 4 'Structure model' 'Data collection'           
5 4 'Structure model' 'Database references'       
6 4 'Structure model' 'Derived calculations'      
7 4 'Structure model' 'Structure summary'         
# 
loop_
_pdbx_audit_revision_category.ordinal 
_pdbx_audit_revision_category.revision_ordinal 
_pdbx_audit_revision_category.data_content_type 
_pdbx_audit_revision_category.category 
1 4 'Structure model' chem_comp_atom            
2 4 'Structure model' chem_comp_bond            
3 4 'Structure model' database_2                
4 4 'Structure model' pdbx_entry_details        
5 4 'Structure model' pdbx_modification_feature 
6 4 'Structure model' struct_conn               
7 4 'Structure model' struct_ref_seq_dif        
8 4 'Structure model' struct_site               
# 
loop_
_pdbx_audit_revision_item.ordinal 
_pdbx_audit_revision_item.revision_ordinal 
_pdbx_audit_revision_item.data_content_type 
_pdbx_audit_revision_item.item 
1 4 'Structure model' '_database_2.pdbx_DOI'                
2 4 'Structure model' '_database_2.pdbx_database_accession' 
3 4 'Structure model' '_struct_conn.pdbx_leaving_atom_flag' 
4 4 'Structure model' '_struct_ref_seq_dif.details'         
5 4 'Structure model' '_struct_site.pdbx_auth_asym_id'      
6 4 'Structure model' '_struct_site.pdbx_auth_comp_id'      
7 4 'Structure model' '_struct_site.pdbx_auth_seq_id'       
# 
_pdbx_database_status.status_code                     REL 
_pdbx_database_status.entry_id                        2EW0 
_pdbx_database_status.recvd_initial_deposition_date   2005-11-01 
_pdbx_database_status.deposit_site                    RCSB 
_pdbx_database_status.process_site                    RCSB 
_pdbx_database_status.status_code_sf                  REL 
_pdbx_database_status.status_code_mr                  ? 
_pdbx_database_status.SG_entry                        Y 
_pdbx_database_status.pdb_format_compatible           Y 
_pdbx_database_status.status_code_cs                  ? 
_pdbx_database_status.status_code_nmr_data            ? 
_pdbx_database_status.methods_development_category    ? 
# 
_pdbx_database_related.db_name        TargetDB 
_pdbx_database_related.db_id          AsR1 
_pdbx_database_related.details        . 
_pdbx_database_related.content_type   unspecified 
# 
loop_
_audit_author.name 
_audit_author.pdbx_ordinal 
'Kuzin, A.P.'                                     1 
'Abashidze, M.'                                   2 
'Vorobiev, S.M.'                                  3 
'Forouhar, F.'                                    4 
'Acton, T.'                                       5 
'Xiao, R.'                                        6 
'Northeast Structural Genomics Consortium (NESG)' 7 
# 
_citation.id                        primary 
_citation.title                     
'Novel x-ray structure of hypothetical protein Q6FF54 at the resolution 1.4 A. Northeast Structural Genomics target AsR1.' 
_citation.journal_abbrev            'TO BE PUBLISHED' 
_citation.journal_volume            ? 
_citation.page_first                ? 
_citation.page_last                 ? 
_citation.year                      ? 
_citation.journal_id_ASTM           ? 
_citation.country                   ? 
_citation.journal_id_ISSN           ? 
_citation.journal_id_CSD            0353 
_citation.book_publisher            ? 
_citation.pdbx_database_id_PubMed   ? 
_citation.pdbx_database_id_DOI      ? 
# 
loop_
_citation_author.citation_id 
_citation_author.name 
_citation_author.ordinal 
_citation_author.identifier_ORCID 
primary 'Kuzin, A.P.'      1  ? 
primary 'Abashidze, M.'    2  ? 
primary 'Vorobiev, S.M.'   3  ? 
primary 'Forouhar, F.'     4  ? 
primary 'Acton, T.'        5  ? 
primary 'Xiao, R.'         6  ? 
primary 'Ma, L.-C.'        7  ? 
primary 'Cunningham, K.E.' 8  ? 
primary 'Montelione, G.T.' 9  ? 
primary 'Hunt, J.F.'       10 ? 
# 
loop_
_entity.id 
_entity.type 
_entity.src_method 
_entity.pdbx_description 
_entity.formula_weight 
_entity.pdbx_number_of_molecules 
_entity.pdbx_ec 
_entity.pdbx_mutation 
_entity.pdbx_fragment 
_entity.details 
1 polymer     man 'hypothetical protein ACIAD0353' 21667.900 1   ? 
'D34E, L40I, S46A, V50I, R51K, E60D, H63N, Q65N, V89T, L100V, T131G, G137D, S140A, E161D, L170I, I175T, S178A' ? ? 
2 non-polymer syn 'SULFATE ION'                    96.063    2   ? ? ? ? 
3 water       nat water                            18.015    219 ? ? ? ? 
# 
_entity_poly.entity_id                      1 
_entity_poly.type                           'polypeptide(L)' 
_entity_poly.nstd_linkage                   no 
_entity_poly.nstd_monomer                   yes 
_entity_poly.pdbx_seq_one_letter_code       
;MTKQYLTHRCLIAPPE(MSE)ADDFFANTVIYLARHDEEGAQGIIINRPAGIQIKELLNDLDIDADNVNPHEVLQGGPLR
PEAGFVLHTGQPTWHSSIAVGENVCITTSKDILDAIAHNEGVGRYQIALGYASWGKNQLEDEIARGDWLICDAD(MSE)D
LIFNLPYDDRWDAAYKKIGVDRTWLASEIGHALEHHHHHH
;
_entity_poly.pdbx_seq_one_letter_code_can   
;MTKQYLTHRCLIAPPEMADDFFANTVIYLARHDEEGAQGIIINRPAGIQIKELLNDLDIDADNVNPHEVLQGGPLRPEAG
FVLHTGQPTWHSSIAVGENVCITTSKDILDAIAHNEGVGRYQIALGYASWGKNQLEDEIARGDWLICDADMDLIFNLPYD
DRWDAAYKKIGVDRTWLASEIGHALEHHHHHH
;
_entity_poly.pdbx_strand_id                 A 
_entity_poly.pdbx_target_identifier         AsR1 
# 
loop_
_pdbx_entity_nonpoly.entity_id 
_pdbx_entity_nonpoly.name 
_pdbx_entity_nonpoly.comp_id 
2 'SULFATE ION' SO4 
3 water         HOH 
# 
loop_
_entity_poly_seq.entity_id 
_entity_poly_seq.num 
_entity_poly_seq.mon_id 
_entity_poly_seq.hetero 
1 1   MET n 
1 2   THR n 
1 3   LYS n 
1 4   GLN n 
1 5   TYR n 
1 6   LEU n 
1 7   THR n 
1 8   HIS n 
1 9   ARG n 
1 10  CYS n 
1 11  LEU n 
1 12  ILE n 
1 13  ALA n 
1 14  PRO n 
1 15  PRO n 
1 16  GLU n 
1 17  MSE n 
1 18  ALA n 
1 19  ASP n 
1 20  ASP n 
1 21  PHE n 
1 22  PHE n 
1 23  ALA n 
1 24  ASN n 
1 25  THR n 
1 26  VAL n 
1 27  ILE n 
1 28  TYR n 
1 29  LEU n 
1 30  ALA n 
1 31  ARG n 
1 32  HIS n 
1 33  ASP n 
1 34  GLU n 
1 35  GLU n 
1 36  GLY n 
1 37  ALA n 
1 38  GLN n 
1 39  GLY n 
1 40  ILE n 
1 41  ILE n 
1 42  ILE n 
1 43  ASN n 
1 44  ARG n 
1 45  PRO n 
1 46  ALA n 
1 47  GLY n 
1 48  ILE n 
1 49  GLN n 
1 50  ILE n 
1 51  LYS n 
1 52  GLU n 
1 53  LEU n 
1 54  LEU n 
1 55  ASN n 
1 56  ASP n 
1 57  LEU n 
1 58  ASP n 
1 59  ILE n 
1 60  ASP n 
1 61  ALA n 
1 62  ASP n 
1 63  ASN n 
1 64  VAL n 
1 65  ASN n 
1 66  PRO n 
1 67  HIS n 
1 68  GLU n 
1 69  VAL n 
1 70  LEU n 
1 71  GLN n 
1 72  GLY n 
1 73  GLY n 
1 74  PRO n 
1 75  LEU n 
1 76  ARG n 
1 77  PRO n 
1 78  GLU n 
1 79  ALA n 
1 80  GLY n 
1 81  PHE n 
1 82  VAL n 
1 83  LEU n 
1 84  HIS n 
1 85  THR n 
1 86  GLY n 
1 87  GLN n 
1 88  PRO n 
1 89  THR n 
1 90  TRP n 
1 91  HIS n 
1 92  SER n 
1 93  SER n 
1 94  ILE n 
1 95  ALA n 
1 96  VAL n 
1 97  GLY n 
1 98  GLU n 
1 99  ASN n 
1 100 VAL n 
1 101 CYS n 
1 102 ILE n 
1 103 THR n 
1 104 THR n 
1 105 SER n 
1 106 LYS n 
1 107 ASP n 
1 108 ILE n 
1 109 LEU n 
1 110 ASP n 
1 111 ALA n 
1 112 ILE n 
1 113 ALA n 
1 114 HIS n 
1 115 ASN n 
1 116 GLU n 
1 117 GLY n 
1 118 VAL n 
1 119 GLY n 
1 120 ARG n 
1 121 TYR n 
1 122 GLN n 
1 123 ILE n 
1 124 ALA n 
1 125 LEU n 
1 126 GLY n 
1 127 TYR n 
1 128 ALA n 
1 129 SER n 
1 130 TRP n 
1 131 GLY n 
1 132 LYS n 
1 133 ASN n 
1 134 GLN n 
1 135 LEU n 
1 136 GLU n 
1 137 ASP n 
1 138 GLU n 
1 139 ILE n 
1 140 ALA n 
1 141 ARG n 
1 142 GLY n 
1 143 ASP n 
1 144 TRP n 
1 145 LEU n 
1 146 ILE n 
1 147 CYS n 
1 148 ASP n 
1 149 ALA n 
1 150 ASP n 
1 151 MSE n 
1 152 ASP n 
1 153 LEU n 
1 154 ILE n 
1 155 PHE n 
1 156 ASN n 
1 157 LEU n 
1 158 PRO n 
1 159 TYR n 
1 160 ASP n 
1 161 ASP n 
1 162 ARG n 
1 163 TRP n 
1 164 ASP n 
1 165 ALA n 
1 166 ALA n 
1 167 TYR n 
1 168 LYS n 
1 169 LYS n 
1 170 ILE n 
1 171 GLY n 
1 172 VAL n 
1 173 ASP n 
1 174 ARG n 
1 175 THR n 
1 176 TRP n 
1 177 LEU n 
1 178 ALA n 
1 179 SER n 
1 180 GLU n 
1 181 ILE n 
1 182 GLY n 
1 183 HIS n 
1 184 ALA n 
1 185 LEU n 
1 186 GLU n 
1 187 HIS n 
1 188 HIS n 
1 189 HIS n 
1 190 HIS n 
1 191 HIS n 
1 192 HIS n 
# 
_entity_src_gen.entity_id                          1 
_entity_src_gen.pdbx_src_id                        1 
_entity_src_gen.pdbx_alt_source_flag               sample 
_entity_src_gen.pdbx_seq_type                      ? 
_entity_src_gen.pdbx_beg_seq_num                   ? 
_entity_src_gen.pdbx_end_seq_num                   ? 
_entity_src_gen.gene_src_common_name               ? 
_entity_src_gen.gene_src_genus                     Acinetobacter 
_entity_src_gen.pdbx_gene_src_gene                 ? 
_entity_src_gen.gene_src_species                   ? 
_entity_src_gen.gene_src_strain                    ADP1 
_entity_src_gen.gene_src_tissue                    ? 
_entity_src_gen.gene_src_tissue_fraction           ? 
_entity_src_gen.gene_src_details                   ? 
_entity_src_gen.pdbx_gene_src_fragment             ? 
_entity_src_gen.pdbx_gene_src_scientific_name      'Acinetobacter sp.' 
_entity_src_gen.pdbx_gene_src_ncbi_taxonomy_id     62977 
_entity_src_gen.pdbx_gene_src_variant              ? 
_entity_src_gen.pdbx_gene_src_cell_line            ? 
_entity_src_gen.pdbx_gene_src_atcc                 ? 
_entity_src_gen.pdbx_gene_src_organ                ? 
_entity_src_gen.pdbx_gene_src_organelle            ? 
_entity_src_gen.pdbx_gene_src_cell                 ? 
_entity_src_gen.pdbx_gene_src_cellular_location    ? 
_entity_src_gen.host_org_common_name               ? 
_entity_src_gen.pdbx_host_org_scientific_name      'Escherichia coli' 
_entity_src_gen.pdbx_host_org_ncbi_taxonomy_id     562 
_entity_src_gen.host_org_genus                     Escherichia 
_entity_src_gen.pdbx_host_org_gene                 ? 
_entity_src_gen.pdbx_host_org_organ                ? 
_entity_src_gen.host_org_species                   ? 
_entity_src_gen.pdbx_host_org_tissue               ? 
_entity_src_gen.pdbx_host_org_tissue_fraction      ? 
_entity_src_gen.pdbx_host_org_strain               'BL21(DE3) + Magic' 
_entity_src_gen.pdbx_host_org_variant              ? 
_entity_src_gen.pdbx_host_org_cell_line            ? 
_entity_src_gen.pdbx_host_org_atcc                 ? 
_entity_src_gen.pdbx_host_org_culture_collection   ? 
_entity_src_gen.pdbx_host_org_cell                 ? 
_entity_src_gen.pdbx_host_org_organelle            ? 
_entity_src_gen.pdbx_host_org_cellular_location    ? 
_entity_src_gen.pdbx_host_org_vector_type          plasmid 
_entity_src_gen.pdbx_host_org_vector               ? 
_entity_src_gen.host_org_details                   ? 
_entity_src_gen.expression_system_id               ? 
_entity_src_gen.plasmid_name                       pET21 
_entity_src_gen.plasmid_details                    ? 
_entity_src_gen.pdbx_description                   ? 
# 
loop_
_chem_comp.id 
_chem_comp.type 
_chem_comp.mon_nstd_flag 
_chem_comp.name 
_chem_comp.pdbx_synonyms 
_chem_comp.formula 
_chem_comp.formula_weight 
ALA 'L-peptide linking' y ALANINE          ? 'C3 H7 N O2'     89.093  
ARG 'L-peptide linking' y ARGININE         ? 'C6 H15 N4 O2 1' 175.209 
ASN 'L-peptide linking' y ASPARAGINE       ? 'C4 H8 N2 O3'    132.118 
ASP 'L-peptide linking' y 'ASPARTIC ACID'  ? 'C4 H7 N O4'     133.103 
CYS 'L-peptide linking' y CYSTEINE         ? 'C3 H7 N O2 S'   121.158 
GLN 'L-peptide linking' y GLUTAMINE        ? 'C5 H10 N2 O3'   146.144 
GLU 'L-peptide linking' y 'GLUTAMIC ACID'  ? 'C5 H9 N O4'     147.129 
GLY 'peptide linking'   y GLYCINE          ? 'C2 H5 N O2'     75.067  
HIS 'L-peptide linking' y HISTIDINE        ? 'C6 H10 N3 O2 1' 156.162 
HOH non-polymer         . WATER            ? 'H2 O'           18.015  
ILE 'L-peptide linking' y ISOLEUCINE       ? 'C6 H13 N O2'    131.173 
LEU 'L-peptide linking' y LEUCINE          ? 'C6 H13 N O2'    131.173 
LYS 'L-peptide linking' y LYSINE           ? 'C6 H15 N2 O2 1' 147.195 
MET 'L-peptide linking' y METHIONINE       ? 'C5 H11 N O2 S'  149.211 
MSE 'L-peptide linking' n SELENOMETHIONINE ? 'C5 H11 N O2 Se' 196.106 
PHE 'L-peptide linking' y PHENYLALANINE    ? 'C9 H11 N O2'    165.189 
PRO 'L-peptide linking' y PROLINE          ? 'C5 H9 N O2'     115.130 
SER 'L-peptide linking' y SERINE           ? 'C3 H7 N O3'     105.093 
SO4 non-polymer         . 'SULFATE ION'    ? 'O4 S -2'        96.063  
THR 'L-peptide linking' y THREONINE        ? 'C4 H9 N O3'     119.119 
TRP 'L-peptide linking' y TRYPTOPHAN       ? 'C11 H12 N2 O2'  204.225 
TYR 'L-peptide linking' y TYROSINE         ? 'C9 H11 N O3'    181.189 
VAL 'L-peptide linking' y VALINE           ? 'C5 H11 N O2'    117.146 
# 
loop_
_pdbx_poly_seq_scheme.asym_id 
_pdbx_poly_seq_scheme.entity_id 
_pdbx_poly_seq_scheme.seq_id 
_pdbx_poly_seq_scheme.mon_id 
_pdbx_poly_seq_scheme.ndb_seq_num 
_pdbx_poly_seq_scheme.pdb_seq_num 
_pdbx_poly_seq_scheme.auth_seq_num 
_pdbx_poly_seq_scheme.pdb_mon_id 
_pdbx_poly_seq_scheme.auth_mon_id 
_pdbx_poly_seq_scheme.pdb_strand_id 
_pdbx_poly_seq_scheme.pdb_ins_code 
_pdbx_poly_seq_scheme.hetero 
A 1 1   MET 1   1   ?   ?   ?   A . n 
A 1 2   THR 2   2   ?   ?   ?   A . n 
A 1 3   LYS 3   3   ?   ?   ?   A . n 
A 1 4   GLN 4   4   ?   ?   ?   A . n 
A 1 5   TYR 5   5   5   TYR TYR A . n 
A 1 6   LEU 6   6   6   LEU LEU A . n 
A 1 7   THR 7   7   7   THR THR A . n 
A 1 8   HIS 8   8   8   HIS HIS A . n 
A 1 9   ARG 9   9   9   ARG ARG A . n 
A 1 10  CYS 10  10  10  CYS CYS A . n 
A 1 11  LEU 11  11  11  LEU LEU A . n 
A 1 12  ILE 12  12  12  ILE ILE A . n 
A 1 13  ALA 13  13  13  ALA ALA A . n 
A 1 14  PRO 14  14  14  PRO PRO A . n 
A 1 15  PRO 15  15  15  PRO PRO A . n 
A 1 16  GLU 16  16  16  GLU GLU A . n 
A 1 17  MSE 17  17  17  MSE MSE A . n 
A 1 18  ALA 18  18  18  ALA ALA A . n 
A 1 19  ASP 19  19  19  ASP ASP A . n 
A 1 20  ASP 20  20  20  ASP ASP A . n 
A 1 21  PHE 21  21  21  PHE PHE A . n 
A 1 22  PHE 22  22  22  PHE PHE A . n 
A 1 23  ALA 23  23  23  ALA ALA A . n 
A 1 24  ASN 24  24  24  ASN ASN A . n 
A 1 25  THR 25  25  25  THR THR A . n 
A 1 26  VAL 26  26  26  VAL VAL A . n 
A 1 27  ILE 27  27  27  ILE ILE A . n 
A 1 28  TYR 28  28  28  TYR TYR A . n 
A 1 29  LEU 29  29  29  LEU LEU A . n 
A 1 30  ALA 30  30  30  ALA ALA A . n 
A 1 31  ARG 31  31  31  ARG ARG A . n 
A 1 32  HIS 32  32  32  HIS HIS A . n 
A 1 33  ASP 33  33  33  ASP ASP A . n 
A 1 34  GLU 34  34  34  GLU GLU A . n 
A 1 35  GLU 35  35  35  GLU GLU A . n 
A 1 36  GLY 36  36  36  GLY GLY A . n 
A 1 37  ALA 37  37  37  ALA ALA A . n 
A 1 38  GLN 38  38  38  GLN GLN A . n 
A 1 39  GLY 39  39  39  GLY GLY A . n 
A 1 40  ILE 40  40  40  ILE ILE A . n 
A 1 41  ILE 41  41  41  ILE ILE A . n 
A 1 42  ILE 42  42  42  ILE ILE A . n 
A 1 43  ASN 43  43  43  ASN ASN A . n 
A 1 44  ARG 44  44  44  ARG ARG A . n 
A 1 45  PRO 45  45  45  PRO PRO A . n 
A 1 46  ALA 46  46  46  ALA ALA A . n 
A 1 47  GLY 47  47  47  GLY GLY A . n 
A 1 48  ILE 48  48  48  ILE ILE A . n 
A 1 49  GLN 49  49  49  GLN GLN A . n 
A 1 50  ILE 50  50  50  ILE ILE A . n 
A 1 51  LYS 51  51  51  LYS LYS A . n 
A 1 52  GLU 52  52  52  GLU GLU A . n 
A 1 53  LEU 53  53  53  LEU LEU A . n 
A 1 54  LEU 54  54  54  LEU LEU A . n 
A 1 55  ASN 55  55  55  ASN ASN A . n 
A 1 56  ASP 56  56  56  ASP ASP A . n 
A 1 57  LEU 57  57  57  LEU LEU A . n 
A 1 58  ASP 58  58  58  ASP ASP A . n 
A 1 59  ILE 59  59  59  ILE ILE A . n 
A 1 60  ASP 60  60  60  ASP ASP A . n 
A 1 61  ALA 61  61  61  ALA ALA A . n 
A 1 62  ASP 62  62  62  ASP ASP A . n 
A 1 63  ASN 63  63  63  ASN ASN A . n 
A 1 64  VAL 64  64  64  VAL VAL A . n 
A 1 65  ASN 65  65  65  ASN ASN A . n 
A 1 66  PRO 66  66  66  PRO PRO A . n 
A 1 67  HIS 67  67  67  HIS HIS A . n 
A 1 68  GLU 68  68  68  GLU GLU A . n 
A 1 69  VAL 69  69  69  VAL VAL A . n 
A 1 70  LEU 70  70  70  LEU LEU A . n 
A 1 71  GLN 71  71  71  GLN GLN A . n 
A 1 72  GLY 72  72  72  GLY GLY A . n 
A 1 73  GLY 73  73  73  GLY GLY A . n 
A 1 74  PRO 74  74  74  PRO PRO A . n 
A 1 75  LEU 75  75  75  LEU LEU A . n 
A 1 76  ARG 76  76  76  ARG ARG A . n 
A 1 77  PRO 77  77  77  PRO PRO A . n 
A 1 78  GLU 78  78  78  GLU GLU A . n 
A 1 79  ALA 79  79  79  ALA ALA A . n 
A 1 80  GLY 80  80  80  GLY GLY A . n 
A 1 81  PHE 81  81  81  PHE PHE A . n 
A 1 82  VAL 82  82  82  VAL VAL A . n 
A 1 83  LEU 83  83  83  LEU LEU A . n 
A 1 84  HIS 84  84  84  HIS HIS A . n 
A 1 85  THR 85  85  85  THR THR A . n 
A 1 86  GLY 86  86  86  GLY GLY A . n 
A 1 87  GLN 87  87  87  GLN GLN A . n 
A 1 88  PRO 88  88  88  PRO PRO A . n 
A 1 89  THR 89  89  89  THR THR A . n 
A 1 90  TRP 90  90  90  TRP TRP A . n 
A 1 91  HIS 91  91  91  HIS HIS A . n 
A 1 92  SER 92  92  92  SER SER A . n 
A 1 93  SER 93  93  93  SER SER A . n 
A 1 94  ILE 94  94  94  ILE ILE A . n 
A 1 95  ALA 95  95  95  ALA ALA A . n 
A 1 96  VAL 96  96  96  VAL VAL A . n 
A 1 97  GLY 97  97  97  GLY GLY A . n 
A 1 98  GLU 98  98  98  GLU GLU A . n 
A 1 99  ASN 99  99  99  ASN ASN A . n 
A 1 100 VAL 100 100 100 VAL VAL A . n 
A 1 101 CYS 101 101 101 CYS CYS A . n 
A 1 102 ILE 102 102 102 ILE ILE A . n 
A 1 103 THR 103 103 103 THR THR A . n 
A 1 104 THR 104 104 104 THR THR A . n 
A 1 105 SER 105 105 105 SER SER A . n 
A 1 106 LYS 106 106 106 LYS LYS A . n 
A 1 107 ASP 107 107 107 ASP ASP A . n 
A 1 108 ILE 108 108 108 ILE ILE A . n 
A 1 109 LEU 109 109 109 LEU LEU A . n 
A 1 110 ASP 110 110 110 ASP ASP A . n 
A 1 111 ALA 111 111 111 ALA ALA A . n 
A 1 112 ILE 112 112 112 ILE ILE A . n 
A 1 113 ALA 113 113 113 ALA ALA A . n 
A 1 114 HIS 114 114 114 HIS HIS A . n 
A 1 115 ASN 115 115 115 ASN ASN A . n 
A 1 116 GLU 116 116 116 GLU GLU A . n 
A 1 117 GLY 117 117 117 GLY GLY A . n 
A 1 118 VAL 118 118 118 VAL VAL A . n 
A 1 119 GLY 119 119 119 GLY GLY A . n 
A 1 120 ARG 120 120 120 ARG ARG A . n 
A 1 121 TYR 121 121 121 TYR TYR A . n 
A 1 122 GLN 122 122 122 GLN GLN A . n 
A 1 123 ILE 123 123 123 ILE ILE A . n 
A 1 124 ALA 124 124 124 ALA ALA A . n 
A 1 125 LEU 125 125 125 LEU LEU A . n 
A 1 126 GLY 126 126 126 GLY GLY A . n 
A 1 127 TYR 127 127 127 TYR TYR A . n 
A 1 128 ALA 128 128 128 ALA ALA A . n 
A 1 129 SER 129 129 129 SER SER A . n 
A 1 130 TRP 130 130 130 TRP TRP A . n 
A 1 131 GLY 131 131 131 GLY GLY A . n 
A 1 132 LYS 132 132 132 LYS LYS A . n 
A 1 133 ASN 133 133 133 ASN ASN A . n 
A 1 134 GLN 134 134 134 GLN GLN A . n 
A 1 135 LEU 135 135 135 LEU LEU A . n 
A 1 136 GLU 136 136 136 GLU GLU A . n 
A 1 137 ASP 137 137 137 ASP ASP A . n 
A 1 138 GLU 138 138 138 GLU GLU A . n 
A 1 139 ILE 139 139 139 ILE ILE A . n 
A 1 140 ALA 140 140 140 ALA ALA A . n 
A 1 141 ARG 141 141 141 ARG ARG A . n 
A 1 142 GLY 142 142 142 GLY GLY A . n 
A 1 143 ASP 143 143 143 ASP ASP A . n 
A 1 144 TRP 144 144 144 TRP TRP A . n 
A 1 145 LEU 145 145 145 LEU LEU A . n 
A 1 146 ILE 146 146 146 ILE ILE A . n 
A 1 147 CYS 147 147 147 CYS CYS A . n 
A 1 148 ASP 148 148 148 ASP ASP A . n 
A 1 149 ALA 149 149 149 ALA ALA A . n 
A 1 150 ASP 150 150 150 ASP ASP A . n 
A 1 151 MSE 151 151 151 MSE MSE A . n 
A 1 152 ASP 152 152 152 ASP ASP A . n 
A 1 153 LEU 153 153 153 LEU LEU A . n 
A 1 154 ILE 154 154 154 ILE ILE A . n 
A 1 155 PHE 155 155 155 PHE PHE A . n 
A 1 156 ASN 156 156 156 ASN ASN A . n 
A 1 157 LEU 157 157 157 LEU LEU A . n 
A 1 158 PRO 158 158 158 PRO PRO A . n 
A 1 159 TYR 159 159 159 TYR TYR A . n 
A 1 160 ASP 160 160 160 ASP ASP A . n 
A 1 161 ASP 161 161 161 ASP ASP A . n 
A 1 162 ARG 162 162 162 ARG ARG A . n 
A 1 163 TRP 163 163 163 TRP TRP A . n 
A 1 164 ASP 164 164 164 ASP ASP A . n 
A 1 165 ALA 165 165 165 ALA ALA A . n 
A 1 166 ALA 166 166 166 ALA ALA A . n 
A 1 167 TYR 167 167 167 TYR TYR A . n 
A 1 168 LYS 168 168 168 LYS LYS A . n 
A 1 169 LYS 169 169 169 LYS LYS A . n 
A 1 170 ILE 170 170 170 ILE ILE A . n 
A 1 171 GLY 171 171 171 GLY GLY A . n 
A 1 172 VAL 172 172 172 VAL VAL A . n 
A 1 173 ASP 173 173 173 ASP ASP A . n 
A 1 174 ARG 174 174 174 ARG ARG A . n 
A 1 175 THR 175 175 175 THR THR A . n 
A 1 176 TRP 176 176 176 TRP TRP A . n 
A 1 177 LEU 177 177 177 LEU LEU A . n 
A 1 178 ALA 178 178 178 ALA ALA A . n 
A 1 179 SER 179 179 179 SER SER A . n 
A 1 180 GLU 180 180 ?   ?   ?   A . n 
A 1 181 ILE 181 181 ?   ?   ?   A . n 
A 1 182 GLY 182 182 ?   ?   ?   A . n 
A 1 183 HIS 183 183 ?   ?   ?   A . n 
A 1 184 ALA 184 184 ?   ?   ?   A . n 
A 1 185 LEU 185 185 ?   ?   ?   A . n 
A 1 186 GLU 186 186 ?   ?   ?   A . n 
A 1 187 HIS 187 187 ?   ?   ?   A . n 
A 1 188 HIS 188 188 ?   ?   ?   A . n 
A 1 189 HIS 189 189 ?   ?   ?   A . n 
A 1 190 HIS 190 190 ?   ?   ?   A . n 
A 1 191 HIS 191 191 ?   ?   ?   A . n 
A 1 192 HIS 192 192 ?   ?   ?   A . n 
# 
loop_
_pdbx_nonpoly_scheme.asym_id 
_pdbx_nonpoly_scheme.entity_id 
_pdbx_nonpoly_scheme.mon_id 
_pdbx_nonpoly_scheme.ndb_seq_num 
_pdbx_nonpoly_scheme.pdb_seq_num 
_pdbx_nonpoly_scheme.auth_seq_num 
_pdbx_nonpoly_scheme.pdb_mon_id 
_pdbx_nonpoly_scheme.auth_mon_id 
_pdbx_nonpoly_scheme.pdb_strand_id 
_pdbx_nonpoly_scheme.pdb_ins_code 
B 2 SO4 1   221 201 SO4 SO4 A . 
C 2 SO4 1   222 202 SO4 SO4 A . 
D 3 HOH 1   223 1   HOH TIP A . 
D 3 HOH 2   224 2   HOH TIP A . 
D 3 HOH 3   225 3   HOH TIP A . 
D 3 HOH 4   226 4   HOH TIP A . 
D 3 HOH 5   227 5   HOH TIP A . 
D 3 HOH 6   228 6   HOH TIP A . 
D 3 HOH 7   229 7   HOH TIP A . 
D 3 HOH 8   230 8   HOH TIP A . 
D 3 HOH 9   231 9   HOH TIP A . 
D 3 HOH 10  232 10  HOH TIP A . 
D 3 HOH 11  233 11  HOH TIP A . 
D 3 HOH 12  234 12  HOH TIP A . 
D 3 HOH 13  235 13  HOH TIP A . 
D 3 HOH 14  236 14  HOH TIP A . 
D 3 HOH 15  237 15  HOH TIP A . 
D 3 HOH 16  238 16  HOH TIP A . 
D 3 HOH 17  239 17  HOH TIP A . 
D 3 HOH 18  240 18  HOH TIP A . 
D 3 HOH 19  241 19  HOH TIP A . 
D 3 HOH 20  242 20  HOH TIP A . 
D 3 HOH 21  243 21  HOH TIP A . 
D 3 HOH 22  244 22  HOH TIP A . 
D 3 HOH 23  245 23  HOH TIP A . 
D 3 HOH 24  246 24  HOH TIP A . 
D 3 HOH 25  247 25  HOH TIP A . 
D 3 HOH 26  248 26  HOH TIP A . 
D 3 HOH 27  249 27  HOH TIP A . 
D 3 HOH 28  250 28  HOH TIP A . 
D 3 HOH 29  251 29  HOH TIP A . 
D 3 HOH 30  252 30  HOH TIP A . 
D 3 HOH 31  253 31  HOH TIP A . 
D 3 HOH 32  254 32  HOH TIP A . 
D 3 HOH 33  255 33  HOH TIP A . 
D 3 HOH 34  256 34  HOH TIP A . 
D 3 HOH 35  257 35  HOH TIP A . 
D 3 HOH 36  258 36  HOH TIP A . 
D 3 HOH 37  259 37  HOH TIP A . 
D 3 HOH 38  260 38  HOH TIP A . 
D 3 HOH 39  261 39  HOH TIP A . 
D 3 HOH 40  262 40  HOH TIP A . 
D 3 HOH 41  263 41  HOH TIP A . 
D 3 HOH 42  264 42  HOH TIP A . 
D 3 HOH 43  265 43  HOH TIP A . 
D 3 HOH 44  266 44  HOH TIP A . 
D 3 HOH 45  267 45  HOH TIP A . 
D 3 HOH 46  268 46  HOH TIP A . 
D 3 HOH 47  269 47  HOH TIP A . 
D 3 HOH 48  270 48  HOH TIP A . 
D 3 HOH 49  271 49  HOH TIP A . 
D 3 HOH 50  272 50  HOH TIP A . 
D 3 HOH 51  273 51  HOH TIP A . 
D 3 HOH 52  274 52  HOH TIP A . 
D 3 HOH 53  275 53  HOH TIP A . 
D 3 HOH 54  276 54  HOH TIP A . 
D 3 HOH 55  277 55  HOH TIP A . 
D 3 HOH 56  278 56  HOH TIP A . 
D 3 HOH 57  279 57  HOH TIP A . 
D 3 HOH 58  280 58  HOH TIP A . 
D 3 HOH 59  281 59  HOH TIP A . 
D 3 HOH 60  282 60  HOH TIP A . 
D 3 HOH 61  283 61  HOH TIP A . 
D 3 HOH 62  284 62  HOH TIP A . 
D 3 HOH 63  285 63  HOH TIP A . 
D 3 HOH 64  286 64  HOH TIP A . 
D 3 HOH 65  287 65  HOH TIP A . 
D 3 HOH 66  288 66  HOH TIP A . 
D 3 HOH 67  289 67  HOH TIP A . 
D 3 HOH 68  290 68  HOH TIP A . 
D 3 HOH 69  291 69  HOH TIP A . 
D 3 HOH 70  292 70  HOH TIP A . 
D 3 HOH 71  293 71  HOH TIP A . 
D 3 HOH 72  294 72  HOH TIP A . 
D 3 HOH 73  295 73  HOH TIP A . 
D 3 HOH 74  296 74  HOH TIP A . 
D 3 HOH 75  297 75  HOH TIP A . 
D 3 HOH 76  298 76  HOH TIP A . 
D 3 HOH 77  299 77  HOH TIP A . 
D 3 HOH 78  300 78  HOH TIP A . 
D 3 HOH 79  301 79  HOH TIP A . 
D 3 HOH 80  302 80  HOH TIP A . 
D 3 HOH 81  303 81  HOH TIP A . 
D 3 HOH 82  304 82  HOH TIP A . 
D 3 HOH 83  305 83  HOH TIP A . 
D 3 HOH 84  306 84  HOH TIP A . 
D 3 HOH 85  307 85  HOH TIP A . 
D 3 HOH 86  308 86  HOH TIP A . 
D 3 HOH 87  309 87  HOH TIP A . 
D 3 HOH 88  310 88  HOH TIP A . 
D 3 HOH 89  311 89  HOH TIP A . 
D 3 HOH 90  312 90  HOH TIP A . 
D 3 HOH 91  313 91  HOH TIP A . 
D 3 HOH 92  314 92  HOH TIP A . 
D 3 HOH 93  315 93  HOH TIP A . 
D 3 HOH 94  316 94  HOH TIP A . 
D 3 HOH 95  317 95  HOH TIP A . 
D 3 HOH 96  318 96  HOH TIP A . 
D 3 HOH 97  319 97  HOH TIP A . 
D 3 HOH 98  320 98  HOH TIP A . 
D 3 HOH 99  321 99  HOH TIP A . 
D 3 HOH 100 322 100 HOH TIP A . 
D 3 HOH 101 323 101 HOH TIP A . 
D 3 HOH 102 324 102 HOH TIP A . 
D 3 HOH 103 325 103 HOH TIP A . 
D 3 HOH 104 326 104 HOH TIP A . 
D 3 HOH 105 327 105 HOH TIP A . 
D 3 HOH 106 328 106 HOH TIP A . 
D 3 HOH 107 329 107 HOH TIP A . 
D 3 HOH 108 330 108 HOH TIP A . 
D 3 HOH 109 331 109 HOH TIP A . 
D 3 HOH 110 332 110 HOH TIP A . 
D 3 HOH 111 333 111 HOH TIP A . 
D 3 HOH 112 334 112 HOH TIP A . 
D 3 HOH 113 335 113 HOH TIP A . 
D 3 HOH 114 336 114 HOH TIP A . 
D 3 HOH 115 337 115 HOH TIP A . 
D 3 HOH 116 338 116 HOH TIP A . 
D 3 HOH 117 339 117 HOH TIP A . 
D 3 HOH 118 340 118 HOH TIP A . 
D 3 HOH 119 341 119 HOH TIP A . 
D 3 HOH 120 342 120 HOH TIP A . 
D 3 HOH 121 343 121 HOH TIP A . 
D 3 HOH 122 344 122 HOH TIP A . 
D 3 HOH 123 345 123 HOH TIP A . 
D 3 HOH 124 346 124 HOH TIP A . 
D 3 HOH 125 347 125 HOH TIP A . 
D 3 HOH 126 348 126 HOH TIP A . 
D 3 HOH 127 349 127 HOH TIP A . 
D 3 HOH 128 350 128 HOH TIP A . 
D 3 HOH 129 351 129 HOH TIP A . 
D 3 HOH 130 352 130 HOH TIP A . 
D 3 HOH 131 353 131 HOH TIP A . 
D 3 HOH 132 354 132 HOH TIP A . 
D 3 HOH 133 355 133 HOH TIP A . 
D 3 HOH 134 356 134 HOH TIP A . 
D 3 HOH 135 357 135 HOH TIP A . 
D 3 HOH 136 358 136 HOH TIP A . 
D 3 HOH 137 359 137 HOH TIP A . 
D 3 HOH 138 360 138 HOH TIP A . 
D 3 HOH 139 361 139 HOH TIP A . 
D 3 HOH 140 362 140 HOH TIP A . 
D 3 HOH 141 363 141 HOH TIP A . 
D 3 HOH 142 364 142 HOH TIP A . 
D 3 HOH 143 365 143 HOH TIP A . 
D 3 HOH 144 366 144 HOH TIP A . 
D 3 HOH 145 367 145 HOH TIP A . 
D 3 HOH 146 368 146 HOH TIP A . 
D 3 HOH 147 369 147 HOH TIP A . 
D 3 HOH 148 370 148 HOH TIP A . 
D 3 HOH 149 371 149 HOH TIP A . 
D 3 HOH 150 372 150 HOH TIP A . 
D 3 HOH 151 373 151 HOH TIP A . 
D 3 HOH 152 374 152 HOH TIP A . 
D 3 HOH 153 375 153 HOH TIP A . 
D 3 HOH 154 376 154 HOH TIP A . 
D 3 HOH 155 377 155 HOH TIP A . 
D 3 HOH 156 378 156 HOH TIP A . 
D 3 HOH 157 379 157 HOH TIP A . 
D 3 HOH 158 380 158 HOH TIP A . 
D 3 HOH 159 381 159 HOH TIP A . 
D 3 HOH 160 382 160 HOH TIP A . 
D 3 HOH 161 383 161 HOH TIP A . 
D 3 HOH 162 384 162 HOH TIP A . 
D 3 HOH 163 385 163 HOH TIP A . 
D 3 HOH 164 386 164 HOH TIP A . 
D 3 HOH 165 387 165 HOH TIP A . 
D 3 HOH 166 388 166 HOH TIP A . 
D 3 HOH 167 389 167 HOH TIP A . 
D 3 HOH 168 390 168 HOH TIP A . 
D 3 HOH 169 391 169 HOH TIP A . 
D 3 HOH 170 392 170 HOH TIP A . 
D 3 HOH 171 393 171 HOH TIP A . 
D 3 HOH 172 394 172 HOH TIP A . 
D 3 HOH 173 395 173 HOH TIP A . 
D 3 HOH 174 396 174 HOH TIP A . 
D 3 HOH 175 397 175 HOH TIP A . 
D 3 HOH 176 398 176 HOH TIP A . 
D 3 HOH 177 399 177 HOH TIP A . 
D 3 HOH 178 400 178 HOH TIP A . 
D 3 HOH 179 401 179 HOH TIP A . 
D 3 HOH 180 402 180 HOH TIP A . 
D 3 HOH 181 403 181 HOH TIP A . 
D 3 HOH 182 404 182 HOH TIP A . 
D 3 HOH 183 405 183 HOH TIP A . 
D 3 HOH 184 406 184 HOH TIP A . 
D 3 HOH 185 407 185 HOH TIP A . 
D 3 HOH 186 408 186 HOH TIP A . 
D 3 HOH 187 409 187 HOH TIP A . 
D 3 HOH 188 410 188 HOH TIP A . 
D 3 HOH 189 411 189 HOH TIP A . 
D 3 HOH 190 412 190 HOH TIP A . 
D 3 HOH 191 413 191 HOH TIP A . 
D 3 HOH 192 414 192 HOH TIP A . 
D 3 HOH 193 415 193 HOH TIP A . 
D 3 HOH 194 416 194 HOH TIP A . 
D 3 HOH 195 417 195 HOH TIP A . 
D 3 HOH 196 418 196 HOH TIP A . 
D 3 HOH 197 419 197 HOH TIP A . 
D 3 HOH 198 420 198 HOH TIP A . 
D 3 HOH 199 421 199 HOH TIP A . 
D 3 HOH 200 422 200 HOH TIP A . 
D 3 HOH 201 423 201 HOH TIP A . 
D 3 HOH 202 424 202 HOH TIP A . 
D 3 HOH 203 425 203 HOH TIP A . 
D 3 HOH 204 426 204 HOH TIP A . 
D 3 HOH 205 427 205 HOH TIP A . 
D 3 HOH 206 428 206 HOH TIP A . 
D 3 HOH 207 429 207 HOH TIP A . 
D 3 HOH 208 430 208 HOH TIP A . 
D 3 HOH 209 431 209 HOH TIP A . 
D 3 HOH 210 432 210 HOH TIP A . 
D 3 HOH 211 433 211 HOH TIP A . 
D 3 HOH 212 434 212 HOH TIP A . 
D 3 HOH 213 435 213 HOH TIP A . 
D 3 HOH 214 436 214 HOH TIP A . 
D 3 HOH 215 437 215 HOH TIP A . 
D 3 HOH 216 438 216 HOH TIP A . 
D 3 HOH 217 439 217 HOH TIP A . 
D 3 HOH 218 440 218 HOH TIP A . 
D 3 HOH 219 441 219 HOH TIP A . 
# 
loop_
_software.name 
_software.classification 
_software.version 
_software.citation_id 
_software.pdbx_ordinal 
CNS       refinement       1.1 ? 1 
DENZO     'data reduction' .   ? 2 
SCALEPACK 'data scaling'   .   ? 3 
SOLVE     phasing          .   ? 4 
# 
_cell.entry_id           2EW0 
_cell.length_a           105.848 
_cell.length_b           105.848 
_cell.length_c           35.039 
_cell.angle_alpha        90.00 
_cell.angle_beta         90.00 
_cell.angle_gamma        120.00 
_cell.Z_PDB              6 
_cell.pdbx_unique_axis   ? 
_cell.length_a_esd       ? 
_cell.length_b_esd       ? 
_cell.length_c_esd       ? 
_cell.angle_alpha_esd    ? 
_cell.angle_beta_esd     ? 
_cell.angle_gamma_esd    ? 
# 
_symmetry.entry_id                         2EW0 
_symmetry.space_group_name_H-M             'P 61' 
_symmetry.pdbx_full_space_group_name_H-M   ? 
_symmetry.cell_setting                     ? 
_symmetry.Int_Tables_number                169 
_symmetry.space_group_name_Hall            ? 
# 
_exptl.entry_id          2EW0 
_exptl.method            'X-RAY DIFFRACTION' 
_exptl.crystals_number   1 
# 
_exptl_crystal.id                    1 
_exptl_crystal.density_meas          ? 
_exptl_crystal.density_Matthews      2.61 
_exptl_crystal.density_percent_sol   52.95 
_exptl_crystal.description           'THE STRUCTURE FACTOR FILE CONTAINS FRIEDEL PAIRS.' 
_exptl_crystal.F_000                 ? 
_exptl_crystal.preparation           ? 
# 
_exptl_crystal_grow.crystal_id      1 
_exptl_crystal_grow.method          'VAPOR DIFFUSION, HANGING DROP' 
_exptl_crystal_grow.temp            291 
_exptl_crystal_grow.temp_details    ? 
_exptl_crystal_grow.pH              7.0 
_exptl_crystal_grow.pdbx_details    '2M (NH4)2SO4, 2% PEG400, 0.1M MES, pH 7.0, VAPOR DIFFUSION, HANGING DROP, temperature 291K' 
_exptl_crystal_grow.pdbx_pH_range   . 
# 
_diffrn.id                     1 
_diffrn.ambient_temp           100 
_diffrn.ambient_temp_details   ? 
_diffrn.crystal_id             1 
# 
_diffrn_detector.diffrn_id              1 
_diffrn_detector.detector               CCD 
_diffrn_detector.type                   'ADSC QUANTUM 4' 
_diffrn_detector.pdbx_collection_date   2005-06-15 
_diffrn_detector.details                mirrors 
# 
_diffrn_radiation.diffrn_id                        1 
_diffrn_radiation.wavelength_id                    1 
_diffrn_radiation.pdbx_monochromatic_or_laue_m_l   M 
_diffrn_radiation.monochromator                    'SI(111)' 
_diffrn_radiation.pdbx_diffrn_protocol             'SINGLE WAVELENGTH' 
_diffrn_radiation.pdbx_scattering_type             x-ray 
# 
_diffrn_radiation_wavelength.id           1 
_diffrn_radiation_wavelength.wavelength   0.979 
_diffrn_radiation_wavelength.wt           1.0 
# 
_diffrn_source.diffrn_id                   1 
_diffrn_source.source                      SYNCHROTRON 
_diffrn_source.type                        'NSLS BEAMLINE X4A' 
_diffrn_source.pdbx_synchrotron_site       NSLS 
_diffrn_source.pdbx_synchrotron_beamline   X4A 
_diffrn_source.pdbx_wavelength             ? 
_diffrn_source.pdbx_wavelength_list        0.979 
# 
_reflns.entry_id                     2EW0 
_reflns.observed_criterion_sigma_I   -3.0 
_reflns.observed_criterion_sigma_F   ? 
_reflns.d_resolution_low             30 
_reflns.d_resolution_high            1.40 
_reflns.number_obs                   85882 
_reflns.number_all                   ? 
_reflns.percent_possible_obs         99.8 
_reflns.pdbx_Rmerge_I_obs            0.053 
_reflns.pdbx_Rsym_value              ? 
_reflns.pdbx_netI_over_sigmaI        72.8 
_reflns.B_iso_Wilson_estimate        15.4 
_reflns.pdbx_redundancy              24.4 
_reflns.R_free_details               ? 
_reflns.limit_h_max                  ? 
_reflns.limit_h_min                  ? 
_reflns.limit_k_max                  ? 
_reflns.limit_k_min                  ? 
_reflns.limit_l_max                  ? 
_reflns.limit_l_min                  ? 
_reflns.observed_criterion_F_max     ? 
_reflns.observed_criterion_F_min     ? 
_reflns.pdbx_chi_squared             ? 
_reflns.pdbx_scaling_rejects         ? 
_reflns.pdbx_ordinal                 1 
_reflns.pdbx_diffrn_id               1 
# 
_reflns_shell.d_res_high             1.40 
_reflns_shell.d_res_low              1.45 
_reflns_shell.percent_possible_all   99.6 
_reflns_shell.Rmerge_I_obs           0.374 
_reflns_shell.pdbx_Rsym_value        ? 
_reflns_shell.meanI_over_sigI_obs    ? 
_reflns_shell.pdbx_redundancy        ? 
_reflns_shell.percent_possible_obs   ? 
_reflns_shell.number_unique_all      ? 
_reflns_shell.number_measured_all    ? 
_reflns_shell.number_measured_obs    ? 
_reflns_shell.number_unique_obs      ? 
_reflns_shell.pdbx_chi_squared       ? 
_reflns_shell.pdbx_ordinal           1 
_reflns_shell.pdbx_diffrn_id         1 
# 
_refine.entry_id                                 2EW0 
_refine.ls_number_reflns_obs                     79938 
_refine.ls_number_reflns_all                     ? 
_refine.pdbx_ls_sigma_I                          ? 
_refine.pdbx_ls_sigma_F                          2.0 
_refine.pdbx_data_cutoff_high_absF               395945.41 
_refine.pdbx_data_cutoff_low_absF                0.000000 
_refine.pdbx_data_cutoff_high_rms_absF           ? 
_refine.ls_d_res_low                             29.22 
_refine.ls_d_res_high                            1.40 
_refine.ls_percent_reflns_obs                    92.3 
_refine.ls_R_factor_obs                          0.2 
_refine.ls_R_factor_all                          ? 
_refine.ls_R_factor_R_work                       0.2 
_refine.ls_R_factor_R_free                       0.217 
_refine.ls_R_factor_R_free_error                 0.003 
_refine.ls_R_factor_R_free_error_details         ? 
_refine.ls_percent_reflns_R_free                 4.9 
_refine.ls_number_reflns_R_free                  3919 
_refine.ls_number_parameters                     ? 
_refine.ls_number_restraints                     ? 
_refine.occupancy_min                            ? 
_refine.occupancy_max                            ? 
_refine.correlation_coeff_Fo_to_Fc               ? 
_refine.correlation_coeff_Fo_to_Fc_free          ? 
_refine.B_iso_mean                               19.4 
_refine.aniso_B[1][1]                            -1.06 
_refine.aniso_B[2][2]                            -0.88 
_refine.aniso_B[3][3]                            1.94 
_refine.aniso_B[1][2]                            -0.03 
_refine.aniso_B[1][3]                            0.00 
_refine.aniso_B[2][3]                            0.00 
_refine.solvent_model_details                    'FLAT MODEL' 
_refine.solvent_model_param_ksol                 0.402761 
_refine.solvent_model_param_bsol                 56.1504 
_refine.pdbx_solvent_vdw_probe_radii             ? 
_refine.pdbx_solvent_ion_probe_radii             ? 
_refine.pdbx_solvent_shrinkage_radii             ? 
_refine.pdbx_ls_cross_valid_method               THROUGHOUT 
_refine.details                                  'THE FRIEDEL PAIRS WERE USED FOR phasing.' 
_refine.pdbx_starting_model                      ? 
_refine.pdbx_method_to_determine_struct          SAD 
_refine.pdbx_isotropic_thermal_model             RESTRAINED 
_refine.pdbx_stereochemistry_target_values       'Engh & Huber' 
_refine.pdbx_stereochem_target_val_spec_case     ? 
_refine.pdbx_R_Free_selection_details            RANDOM 
_refine.pdbx_overall_ESU_R                       ? 
_refine.pdbx_overall_ESU_R_Free                  ? 
_refine.overall_SU_ML                            ? 
_refine.overall_SU_B                             ? 
_refine.ls_redundancy_reflns_obs                 ? 
_refine.B_iso_min                                ? 
_refine.B_iso_max                                ? 
_refine.overall_SU_R_Cruickshank_DPI             ? 
_refine.overall_SU_R_free                        ? 
_refine.ls_wR_factor_R_free                      ? 
_refine.ls_wR_factor_R_work                      ? 
_refine.overall_FOM_free_R_set                   ? 
_refine.overall_FOM_work_R_set                   ? 
_refine.pdbx_refine_id                           'X-RAY DIFFRACTION' 
_refine.pdbx_diffrn_id                           1 
_refine.pdbx_TLS_residual_ADP_flag               ? 
_refine.pdbx_overall_phase_error                 ? 
_refine.pdbx_overall_SU_R_free_Cruickshank_DPI   ? 
_refine.pdbx_overall_SU_R_Blow_DPI               ? 
_refine.pdbx_overall_SU_R_free_Blow_DPI          ? 
# 
_refine_analyze.entry_id                        2EW0 
_refine_analyze.Luzzati_coordinate_error_obs    0.16 
_refine_analyze.Luzzati_sigma_a_obs             0.07 
_refine_analyze.Luzzati_d_res_low_obs           5.00 
_refine_analyze.Luzzati_coordinate_error_free   0.17 
_refine_analyze.Luzzati_sigma_a_free            0.05 
_refine_analyze.Luzzati_d_res_low_free          ? 
_refine_analyze.number_disordered_residues      ? 
_refine_analyze.occupancy_sum_hydrogen          ? 
_refine_analyze.occupancy_sum_non_hydrogen      ? 
_refine_analyze.pdbx_Luzzati_d_res_high_obs     ? 
_refine_analyze.pdbx_refine_id                  'X-RAY DIFFRACTION' 
# 
_refine_hist.pdbx_refine_id                   'X-RAY DIFFRACTION' 
_refine_hist.cycle_id                         LAST 
_refine_hist.pdbx_number_atoms_protein        1374 
_refine_hist.pdbx_number_atoms_nucleic_acid   0 
_refine_hist.pdbx_number_atoms_ligand         10 
_refine_hist.number_atoms_solvent             219 
_refine_hist.number_atoms_total               1603 
_refine_hist.d_res_high                       1.40 
_refine_hist.d_res_low                        29.22 
# 
loop_
_refine_ls_restr.type 
_refine_ls_restr.dev_ideal 
_refine_ls_restr.dev_ideal_target 
_refine_ls_restr.weight 
_refine_ls_restr.number 
_refine_ls_restr.pdbx_refine_id 
_refine_ls_restr.pdbx_restraint_function 
c_bond_d           0.004 ? ? ? 'X-RAY DIFFRACTION' ? 
c_angle_deg        1.3   ? ? ? 'X-RAY DIFFRACTION' ? 
c_dihedral_angle_d 23.2  ? ? ? 'X-RAY DIFFRACTION' ? 
c_improper_angle_d 0.78  ? ? ? 'X-RAY DIFFRACTION' ? 
# 
_refine_ls_shell.pdbx_total_number_of_bins_used   6 
_refine_ls_shell.d_res_high                       1.40 
_refine_ls_shell.d_res_low                        1.49 
_refine_ls_shell.number_reflns_R_work             10928 
_refine_ls_shell.R_factor_R_work                  0.214 
_refine_ls_shell.percent_reflns_obs               80.0 
_refine_ls_shell.R_factor_R_free                  0.221 
_refine_ls_shell.R_factor_R_free_error            0.009 
_refine_ls_shell.percent_reflns_R_free            5.2 
_refine_ls_shell.number_reflns_R_free             595 
_refine_ls_shell.number_reflns_all                ? 
_refine_ls_shell.R_factor_all                     ? 
_refine_ls_shell.number_reflns_obs                ? 
_refine_ls_shell.redundancy_reflns_obs            ? 
_refine_ls_shell.pdbx_refine_id                   'X-RAY DIFFRACTION' 
# 
loop_
_pdbx_xplor_file.serial_no 
_pdbx_xplor_file.param_file 
_pdbx_xplor_file.topol_file 
_pdbx_xplor_file.pdbx_refine_id 
1 protein_rep.param protein.top       'X-RAY DIFFRACTION' 
2 water_rep.param   water.top         'X-RAY DIFFRACTION' 
3 ion.param         ion.top           'X-RAY DIFFRACTION' 
4 PARM_HOME:acy.par PARM_HOME:acy.top 'X-RAY DIFFRACTION' 
# 
_struct.entry_id                  2EW0 
_struct.title                     
'X-ray Crystal Structure of Protein Q6FF54 from Acinetobacter sp. ADP1. Northeast Structural Genomics Consortium Target AsR1.' 
_struct.pdbx_model_details        ? 
_struct.pdbx_CASP_flag            ? 
_struct.pdbx_model_type_details   ? 
# 
_struct_keywords.entry_id        2EW0 
_struct_keywords.pdbx_keywords   'STRUCTURAL GENOMICS, UNKNOWN FUNCTION' 
_struct_keywords.text            
;Q5FF54, AsR1, NESG, Structural Genomics, PSI, Protein Structure Initiative, Northeast Structural Genomics Consortium, UNKNOWN FUNCTION
;
# 
loop_
_struct_asym.id 
_struct_asym.pdbx_blank_PDB_chainid_flag 
_struct_asym.pdbx_modified 
_struct_asym.entity_id 
_struct_asym.details 
A N N 1 ? 
B N N 2 ? 
C N N 2 ? 
D N N 3 ? 
# 
_struct_ref.id                         1 
_struct_ref.db_name                    UNP 
_struct_ref.db_code                    Q6FF54_ACIAD 
_struct_ref.pdbx_db_accession          Q6FF54 
_struct_ref.entity_id                  1 
_struct_ref.pdbx_seq_one_letter_code   
;MTKQYLTHRCLIAPPEMADDFFANTVIYLARHDDEGAQGLIINRPSGIQVRELLNDLDIEADHVQPHEVLQGGPLRPEAG
FVLHTGQPVWHSSIAVGENLCITTSKDILDAIAHNEGVGRYQIALGYASWTKNQLEGEISRGDWLICDADMDLIFNLPYD
ERWDAAYKKLGVDRIWLSSEIGHA
;
_struct_ref.pdbx_align_begin           1 
_struct_ref.pdbx_db_isoform            ? 
# 
_struct_ref_seq.align_id                      1 
_struct_ref_seq.ref_id                        1 
_struct_ref_seq.pdbx_PDB_id_code              2EW0 
_struct_ref_seq.pdbx_strand_id                A 
_struct_ref_seq.seq_align_beg                 1 
_struct_ref_seq.pdbx_seq_align_beg_ins_code   ? 
_struct_ref_seq.seq_align_end                 184 
_struct_ref_seq.pdbx_seq_align_end_ins_code   ? 
_struct_ref_seq.pdbx_db_accession             Q6FF54 
_struct_ref_seq.db_align_beg                  1 
_struct_ref_seq.pdbx_db_align_beg_ins_code    ? 
_struct_ref_seq.db_align_end                  184 
_struct_ref_seq.pdbx_db_align_end_ins_code    ? 
_struct_ref_seq.pdbx_auth_seq_align_beg       1 
_struct_ref_seq.pdbx_auth_seq_align_end       184 
# 
loop_
_struct_ref_seq_dif.align_id 
_struct_ref_seq_dif.pdbx_pdb_id_code 
_struct_ref_seq_dif.mon_id 
_struct_ref_seq_dif.pdbx_pdb_strand_id 
_struct_ref_seq_dif.seq_num 
_struct_ref_seq_dif.pdbx_pdb_ins_code 
_struct_ref_seq_dif.pdbx_seq_db_name 
_struct_ref_seq_dif.pdbx_seq_db_accession_code 
_struct_ref_seq_dif.db_mon_id 
_struct_ref_seq_dif.pdbx_seq_db_seq_num 
_struct_ref_seq_dif.details 
_struct_ref_seq_dif.pdbx_auth_seq_num 
_struct_ref_seq_dif.pdbx_ordinal 
1 2EW0 MSE A 17  ? UNP Q6FF54 MET 17  'modified residue' 17  1  
1 2EW0 GLU A 34  ? UNP Q6FF54 ASP 34  'see remark 999'   34  2  
1 2EW0 ILE A 40  ? UNP Q6FF54 LEU 40  'see remark 999'   40  3  
1 2EW0 ALA A 46  ? UNP Q6FF54 SER 46  'see remark 999'   46  4  
1 2EW0 ILE A 50  ? UNP Q6FF54 VAL 50  'see remark 999'   50  5  
1 2EW0 LYS A 51  ? UNP Q6FF54 ARG 51  'see remark 999'   51  6  
1 2EW0 ASP A 60  ? UNP Q6FF54 GLU 60  'see remark 999'   60  7  
1 2EW0 ASN A 63  ? UNP Q6FF54 HIS 63  'see remark 999'   63  8  
1 2EW0 ASN A 65  ? UNP Q6FF54 GLN 65  'see remark 999'   65  9  
1 2EW0 THR A 89  ? UNP Q6FF54 VAL 89  'see remark 999'   89  10 
1 2EW0 VAL A 100 ? UNP Q6FF54 LEU 100 'see remark 999'   100 11 
1 2EW0 GLY A 131 ? UNP Q6FF54 THR 131 'see remark 999'   131 12 
1 2EW0 ASP A 137 ? UNP Q6FF54 GLY 137 'see remark 999'   137 13 
1 2EW0 ALA A 140 ? UNP Q6FF54 SER 140 'see remark 999'   140 14 
1 2EW0 MSE A 151 ? UNP Q6FF54 MET 151 'modified residue' 151 15 
1 2EW0 ASP A 161 ? UNP Q6FF54 GLU 161 'see remark 999'   161 16 
1 2EW0 ILE A 170 ? UNP Q6FF54 LEU 170 'see remark 999'   170 17 
1 2EW0 THR A 175 ? UNP Q6FF54 ILE 175 'see remark 999'   175 18 
1 2EW0 ALA A 178 ? UNP Q6FF54 SER 178 'see remark 999'   178 19 
1 2EW0 LEU A 185 ? UNP Q6FF54 ?   ?   'cloning artifact' 185 20 
1 2EW0 GLU A 186 ? UNP Q6FF54 ?   ?   'cloning artifact' 186 21 
1 2EW0 HIS A 187 ? UNP Q6FF54 ?   ?   'expression tag'   187 22 
1 2EW0 HIS A 188 ? UNP Q6FF54 ?   ?   'expression tag'   188 23 
1 2EW0 HIS A 189 ? UNP Q6FF54 ?   ?   'expression tag'   189 24 
1 2EW0 HIS A 190 ? UNP Q6FF54 ?   ?   'expression tag'   190 25 
1 2EW0 HIS A 191 ? UNP Q6FF54 ?   ?   'expression tag'   191 26 
1 2EW0 HIS A 192 ? UNP Q6FF54 ?   ?   'expression tag'   192 27 
# 
_pdbx_struct_assembly.id                   1 
_pdbx_struct_assembly.details              author_defined_assembly 
_pdbx_struct_assembly.method_details       ? 
_pdbx_struct_assembly.oligomeric_details   monomeric 
_pdbx_struct_assembly.oligomeric_count     1 
# 
_pdbx_struct_assembly_gen.assembly_id       1 
_pdbx_struct_assembly_gen.oper_expression   1 
_pdbx_struct_assembly_gen.asym_id_list      A,B,C,D 
# 
_pdbx_struct_oper_list.id                   1 
_pdbx_struct_oper_list.type                 'identity operation' 
_pdbx_struct_oper_list.name                 1_555 
_pdbx_struct_oper_list.symmetry_operation   x,y,z 
_pdbx_struct_oper_list.matrix[1][1]         1.0000000000 
_pdbx_struct_oper_list.matrix[1][2]         0.0000000000 
_pdbx_struct_oper_list.matrix[1][3]         0.0000000000 
_pdbx_struct_oper_list.vector[1]            0.0000000000 
_pdbx_struct_oper_list.matrix[2][1]         0.0000000000 
_pdbx_struct_oper_list.matrix[2][2]         1.0000000000 
_pdbx_struct_oper_list.matrix[2][3]         0.0000000000 
_pdbx_struct_oper_list.vector[2]            0.0000000000 
_pdbx_struct_oper_list.matrix[3][1]         0.0000000000 
_pdbx_struct_oper_list.matrix[3][2]         0.0000000000 
_pdbx_struct_oper_list.matrix[3][3]         1.0000000000 
_pdbx_struct_oper_list.vector[3]            0.0000000000 
# 
_struct_biol.id   1 
# 
loop_
_struct_conf.conf_type_id 
_struct_conf.id 
_struct_conf.pdbx_PDB_helix_id 
_struct_conf.beg_label_comp_id 
_struct_conf.beg_label_asym_id 
_struct_conf.beg_label_seq_id 
_struct_conf.pdbx_beg_PDB_ins_code 
_struct_conf.end_label_comp_id 
_struct_conf.end_label_asym_id 
_struct_conf.end_label_seq_id 
_struct_conf.pdbx_end_PDB_ins_code 
_struct_conf.beg_auth_comp_id 
_struct_conf.beg_auth_asym_id 
_struct_conf.beg_auth_seq_id 
_struct_conf.end_auth_comp_id 
_struct_conf.end_auth_asym_id 
_struct_conf.end_auth_seq_id 
_struct_conf.pdbx_PDB_helix_class 
_struct_conf.details 
_struct_conf.pdbx_PDB_helix_length 
HELX_P HELX_P1 1 ILE A 50  ? LEU A 57  ? ILE A 50  LEU A 57  1 ? 8  
HELX_P HELX_P2 2 LYS A 106 ? HIS A 114 ? LYS A 106 HIS A 114 1 ? 9  
HELX_P HELX_P3 3 ASN A 133 ? ARG A 141 ? ASN A 133 ARG A 141 1 ? 9  
HELX_P HELX_P4 4 ASP A 150 ? PHE A 155 ? ASP A 150 PHE A 155 1 ? 6  
HELX_P HELX_P5 5 PRO A 158 ? ASP A 160 ? PRO A 158 ASP A 160 5 ? 3  
HELX_P HELX_P6 6 ASP A 161 ? ILE A 170 ? ASP A 161 ILE A 170 1 ? 10 
HELX_P HELX_P7 7 GLY A 171 ? ASP A 173 ? GLY A 171 ASP A 173 5 ? 3  
# 
_struct_conf_type.id          HELX_P 
_struct_conf_type.criteria    ? 
_struct_conf_type.reference   ? 
# 
loop_
_struct_conn.id 
_struct_conn.conn_type_id 
_struct_conn.pdbx_leaving_atom_flag 
_struct_conn.pdbx_PDB_id 
_struct_conn.ptnr1_label_asym_id 
_struct_conn.ptnr1_label_comp_id 
_struct_conn.ptnr1_label_seq_id 
_struct_conn.ptnr1_label_atom_id 
_struct_conn.pdbx_ptnr1_label_alt_id 
_struct_conn.pdbx_ptnr1_PDB_ins_code 
_struct_conn.pdbx_ptnr1_standard_comp_id 
_struct_conn.ptnr1_symmetry 
_struct_conn.ptnr2_label_asym_id 
_struct_conn.ptnr2_label_comp_id 
_struct_conn.ptnr2_label_seq_id 
_struct_conn.ptnr2_label_atom_id 
_struct_conn.pdbx_ptnr2_label_alt_id 
_struct_conn.pdbx_ptnr2_PDB_ins_code 
_struct_conn.ptnr1_auth_asym_id 
_struct_conn.ptnr1_auth_comp_id 
_struct_conn.ptnr1_auth_seq_id 
_struct_conn.ptnr2_auth_asym_id 
_struct_conn.ptnr2_auth_comp_id 
_struct_conn.ptnr2_auth_seq_id 
_struct_conn.ptnr2_symmetry 
_struct_conn.pdbx_ptnr3_label_atom_id 
_struct_conn.pdbx_ptnr3_label_seq_id 
_struct_conn.pdbx_ptnr3_label_comp_id 
_struct_conn.pdbx_ptnr3_label_asym_id 
_struct_conn.pdbx_ptnr3_label_alt_id 
_struct_conn.pdbx_ptnr3_PDB_ins_code 
_struct_conn.details 
_struct_conn.pdbx_dist_value 
_struct_conn.pdbx_value_order 
_struct_conn.pdbx_role 
covale1 covale both ? A GLU 16  C ? ? ? 1_555 A MSE 17  N ? ? A GLU 16  A MSE 17  1_555 ? ? ? ? ? ? ? 1.332 ? ? 
covale2 covale both ? A MSE 17  C ? ? ? 1_555 A ALA 18  N ? ? A MSE 17  A ALA 18  1_555 ? ? ? ? ? ? ? 1.330 ? ? 
covale3 covale both ? A ASP 150 C ? ? ? 1_555 A MSE 151 N ? ? A ASP 150 A MSE 151 1_555 ? ? ? ? ? ? ? 1.327 ? ? 
covale4 covale both ? A MSE 151 C ? ? ? 1_555 A ASP 152 N ? ? A MSE 151 A ASP 152 1_555 ? ? ? ? ? ? ? 1.327 ? ? 
# 
_struct_conn_type.id          covale 
_struct_conn_type.criteria    ? 
_struct_conn_type.reference   ? 
# 
loop_
_pdbx_modification_feature.ordinal 
_pdbx_modification_feature.label_comp_id 
_pdbx_modification_feature.label_asym_id 
_pdbx_modification_feature.label_seq_id 
_pdbx_modification_feature.label_alt_id 
_pdbx_modification_feature.modified_residue_label_comp_id 
_pdbx_modification_feature.modified_residue_label_asym_id 
_pdbx_modification_feature.modified_residue_label_seq_id 
_pdbx_modification_feature.modified_residue_label_alt_id 
_pdbx_modification_feature.auth_comp_id 
_pdbx_modification_feature.auth_asym_id 
_pdbx_modification_feature.auth_seq_id 
_pdbx_modification_feature.PDB_ins_code 
_pdbx_modification_feature.symmetry 
_pdbx_modification_feature.modified_residue_auth_comp_id 
_pdbx_modification_feature.modified_residue_auth_asym_id 
_pdbx_modification_feature.modified_residue_auth_seq_id 
_pdbx_modification_feature.modified_residue_PDB_ins_code 
_pdbx_modification_feature.modified_residue_symmetry 
_pdbx_modification_feature.comp_id_linking_atom 
_pdbx_modification_feature.modified_residue_id_linking_atom 
_pdbx_modification_feature.modified_residue_id 
_pdbx_modification_feature.ref_pcm_id 
_pdbx_modification_feature.ref_comp_id 
_pdbx_modification_feature.type 
_pdbx_modification_feature.category 
1 MSE A 17  ? . . . . MSE A 17  ? 1_555 . . . . . . . MET 1 MSE Selenomethionine 'Named protein modification' 
2 MSE A 151 ? . . . . MSE A 151 ? 1_555 . . . . . . . MET 1 MSE Selenomethionine 'Named protein modification' 
# 
loop_
_struct_sheet.id 
_struct_sheet.type 
_struct_sheet.number_strands 
_struct_sheet.details 
A ? 6 ? 
B ? 7 ? 
# 
loop_
_struct_sheet_order.sheet_id 
_struct_sheet_order.range_id_1 
_struct_sheet_order.range_id_2 
_struct_sheet_order.offset 
_struct_sheet_order.sense 
A 1 2 ? anti-parallel 
A 2 3 ? parallel      
A 3 4 ? anti-parallel 
A 4 5 ? anti-parallel 
A 5 6 ? anti-parallel 
B 1 2 ? anti-parallel 
B 2 3 ? parallel      
B 3 4 ? anti-parallel 
B 4 5 ? anti-parallel 
B 5 6 ? anti-parallel 
B 6 7 ? anti-parallel 
# 
loop_
_struct_sheet_range.sheet_id 
_struct_sheet_range.id 
_struct_sheet_range.beg_label_comp_id 
_struct_sheet_range.beg_label_asym_id 
_struct_sheet_range.beg_label_seq_id 
_struct_sheet_range.pdbx_beg_PDB_ins_code 
_struct_sheet_range.end_label_comp_id 
_struct_sheet_range.end_label_asym_id 
_struct_sheet_range.end_label_seq_id 
_struct_sheet_range.pdbx_end_PDB_ins_code 
_struct_sheet_range.beg_auth_comp_id 
_struct_sheet_range.beg_auth_asym_id 
_struct_sheet_range.beg_auth_seq_id 
_struct_sheet_range.end_auth_comp_id 
_struct_sheet_range.end_auth_asym_id 
_struct_sheet_range.end_auth_seq_id 
A 1 PRO A 45  ? GLN A 49  ? PRO A 45  GLN A 49  
A 2 GLU A 68  ? GLN A 71  ? GLU A 68  GLN A 71  
A 3 TYR A 121 ? TRP A 130 ? TYR A 121 TRP A 130 
A 4 LEU A 75  ? THR A 85  ? LEU A 75  THR A 85  
A 5 VAL A 100 ? THR A 103 ? VAL A 100 THR A 103 
A 6 SER A 93  ? GLY A 97  ? SER A 93  GLY A 97  
B 1 PRO A 45  ? GLN A 49  ? PRO A 45  GLN A 49  
B 2 GLU A 68  ? GLN A 71  ? GLU A 68  GLN A 71  
B 3 TYR A 121 ? TRP A 130 ? TYR A 121 TRP A 130 
B 4 GLY A 36  ? ILE A 41  ? GLY A 36  ILE A 41  
B 5 VAL A 26  ? ASP A 33  ? VAL A 26  ASP A 33  
B 6 ARG A 9   ? ILE A 12  ? ARG A 9   ILE A 12  
B 7 LEU A 145 ? ASP A 148 ? LEU A 145 ASP A 148 
# 
loop_
_pdbx_struct_sheet_hbond.sheet_id 
_pdbx_struct_sheet_hbond.range_id_1 
_pdbx_struct_sheet_hbond.range_id_2 
_pdbx_struct_sheet_hbond.range_1_label_atom_id 
_pdbx_struct_sheet_hbond.range_1_label_comp_id 
_pdbx_struct_sheet_hbond.range_1_label_asym_id 
_pdbx_struct_sheet_hbond.range_1_label_seq_id 
_pdbx_struct_sheet_hbond.range_1_PDB_ins_code 
_pdbx_struct_sheet_hbond.range_1_auth_atom_id 
_pdbx_struct_sheet_hbond.range_1_auth_comp_id 
_pdbx_struct_sheet_hbond.range_1_auth_asym_id 
_pdbx_struct_sheet_hbond.range_1_auth_seq_id 
_pdbx_struct_sheet_hbond.range_2_label_atom_id 
_pdbx_struct_sheet_hbond.range_2_label_comp_id 
_pdbx_struct_sheet_hbond.range_2_label_asym_id 
_pdbx_struct_sheet_hbond.range_2_label_seq_id 
_pdbx_struct_sheet_hbond.range_2_PDB_ins_code 
_pdbx_struct_sheet_hbond.range_2_auth_atom_id 
_pdbx_struct_sheet_hbond.range_2_auth_comp_id 
_pdbx_struct_sheet_hbond.range_2_auth_asym_id 
_pdbx_struct_sheet_hbond.range_2_auth_seq_id 
A 1 2 N ALA A 46  ? N ALA A 46  O VAL A 69  ? O VAL A 69  
A 2 3 N LEU A 70  ? N LEU A 70  O ILE A 123 ? O ILE A 123 
A 3 4 O ALA A 124 ? O ALA A 124 N PHE A 81  ? N PHE A 81  
A 4 5 N HIS A 84  ? N HIS A 84  O CYS A 101 ? O CYS A 101 
A 5 6 O VAL A 100 ? O VAL A 100 N GLY A 97  ? N GLY A 97  
B 1 2 N ALA A 46  ? N ALA A 46  O VAL A 69  ? O VAL A 69  
B 2 3 N LEU A 70  ? N LEU A 70  O ILE A 123 ? O ILE A 123 
B 3 4 O TRP A 130 ? O TRP A 130 N ALA A 37  ? N ALA A 37  
B 4 5 O ILE A 40  ? O ILE A 40  N TYR A 28  ? N TYR A 28  
B 5 6 O LEU A 29  ? O LEU A 29  N ARG A 9   ? N ARG A 9   
B 6 7 N CYS A 10  ? N CYS A 10  O CYS A 147 ? O CYS A 147 
# 
loop_
_struct_site.id 
_struct_site.pdbx_evidence_code 
_struct_site.pdbx_auth_asym_id 
_struct_site.pdbx_auth_comp_id 
_struct_site.pdbx_auth_seq_id 
_struct_site.pdbx_auth_ins_code 
_struct_site.pdbx_num_residues 
_struct_site.details 
AC1 Software A SO4 221 ? 7 'BINDING SITE FOR RESIDUE SO4 A 221' 
AC2 Software A SO4 222 ? 9 'BINDING SITE FOR RESIDUE SO4 A 222' 
# 
loop_
_struct_site_gen.id 
_struct_site_gen.site_id 
_struct_site_gen.pdbx_num_res 
_struct_site_gen.label_comp_id 
_struct_site_gen.label_asym_id 
_struct_site_gen.label_seq_id 
_struct_site_gen.pdbx_auth_ins_code 
_struct_site_gen.auth_comp_id 
_struct_site_gen.auth_asym_id 
_struct_site_gen.auth_seq_id 
_struct_site_gen.label_atom_id 
_struct_site_gen.label_alt_id 
_struct_site_gen.symmetry 
_struct_site_gen.details 
1  AC1 7 HIS A 91  ? HIS A 91  . ? 1_555 ? 
2  AC1 7 SER A 105 ? SER A 105 . ? 1_555 ? 
3  AC1 7 LYS A 106 ? LYS A 106 . ? 1_555 ? 
4  AC1 7 ASP A 107 ? ASP A 107 . ? 1_555 ? 
5  AC1 7 ASP A 173 ? ASP A 173 . ? 6_555 ? 
6  AC1 7 HOH D .   ? HOH A 292 . ? 6_555 ? 
7  AC1 7 HOH D .   ? HOH A 339 . ? 1_555 ? 
8  AC2 9 HIS A 67  ? HIS A 67  . ? 1_555 ? 
9  AC2 9 ARG A 120 ? ARG A 120 . ? 1_555 ? 
10 AC2 9 TYR A 121 ? TYR A 121 . ? 1_555 ? 
11 AC2 9 HOH D .   ? HOH A 243 . ? 1_555 ? 
12 AC2 9 HOH D .   ? HOH A 247 . ? 1_555 ? 
13 AC2 9 HOH D .   ? HOH A 257 . ? 1_555 ? 
14 AC2 9 HOH D .   ? HOH A 298 . ? 4_664 ? 
15 AC2 9 HOH D .   ? HOH A 315 . ? 1_555 ? 
16 AC2 9 HOH D .   ? HOH A 319 . ? 1_555 ? 
# 
_pdbx_entry_details.entry_id                   2EW0 
_pdbx_entry_details.compound_details           ? 
_pdbx_entry_details.source_details             ? 
_pdbx_entry_details.nonpolymer_details         ? 
_pdbx_entry_details.sequence_details           ? 
_pdbx_entry_details.has_ligand_of_interest     ? 
_pdbx_entry_details.has_protein_modification   Y 
# 
loop_
_pdbx_validate_torsion.id 
_pdbx_validate_torsion.PDB_model_num 
_pdbx_validate_torsion.auth_comp_id 
_pdbx_validate_torsion.auth_asym_id 
_pdbx_validate_torsion.auth_seq_id 
_pdbx_validate_torsion.PDB_ins_code 
_pdbx_validate_torsion.label_alt_id 
_pdbx_validate_torsion.phi 
_pdbx_validate_torsion.psi 
1 1 ALA A 61  ? ? -157.19 46.85  
2 1 GLU A 98  ? ? -36.82  102.87 
3 1 ASN A 133 ? ? 66.12   -1.59  
# 
_pdbx_SG_project.id                    1 
_pdbx_SG_project.project_name          'PSI, Protein Structure Initiative' 
_pdbx_SG_project.full_name_of_center   'Northeast Structural Genomics Consortium' 
_pdbx_SG_project.initial_of_center     NESG 
# 
loop_
_pdbx_struct_mod_residue.id 
_pdbx_struct_mod_residue.label_asym_id 
_pdbx_struct_mod_residue.label_comp_id 
_pdbx_struct_mod_residue.label_seq_id 
_pdbx_struct_mod_residue.auth_asym_id 
_pdbx_struct_mod_residue.auth_comp_id 
_pdbx_struct_mod_residue.auth_seq_id 
_pdbx_struct_mod_residue.PDB_ins_code 
_pdbx_struct_mod_residue.parent_comp_id 
_pdbx_struct_mod_residue.details 
1 A MSE 17  A MSE 17  ? MET SELENOMETHIONINE 
2 A MSE 151 A MSE 151 ? MET SELENOMETHIONINE 
# 
_pdbx_database_remark.id     999 
_pdbx_database_remark.text   
;sequence 

DNA sequencing of the expression clone for this protein 
indicated 17 amino acid substitutions among the 184 
residues in protein Q6FF54 as inferred from the genome 
sequence of Acinetobacter sp.. The electron density at 
each of these sites was consistent with the sequence of 
the expression plasmid and in most cases clearly 
inconsistent with the reported genome sequence. Authors 
assume that these differences arise from sequence 
variations among Acinetobacter strains but have not 
pursued additional experimental investigations of 
their origin.
;
# 
loop_
_pdbx_unobs_or_zero_occ_residues.id 
_pdbx_unobs_or_zero_occ_residues.PDB_model_num 
_pdbx_unobs_or_zero_occ_residues.polymer_flag 
_pdbx_unobs_or_zero_occ_residues.occupancy_flag 
_pdbx_unobs_or_zero_occ_residues.auth_asym_id 
_pdbx_unobs_or_zero_occ_residues.auth_comp_id 
_pdbx_unobs_or_zero_occ_residues.auth_seq_id 
_pdbx_unobs_or_zero_occ_residues.PDB_ins_code 
_pdbx_unobs_or_zero_occ_residues.label_asym_id 
_pdbx_unobs_or_zero_occ_residues.label_comp_id 
_pdbx_unobs_or_zero_occ_residues.label_seq_id 
1  1 Y 1 A MET 1   ? A MET 1   
2  1 Y 1 A THR 2   ? A THR 2   
3  1 Y 1 A LYS 3   ? A LYS 3   
4  1 Y 1 A GLN 4   ? A GLN 4   
5  1 Y 1 A GLU 180 ? A GLU 180 
6  1 Y 1 A ILE 181 ? A ILE 181 
7  1 Y 1 A GLY 182 ? A GLY 182 
8  1 Y 1 A HIS 183 ? A HIS 183 
9  1 Y 1 A ALA 184 ? A ALA 184 
10 1 Y 1 A LEU 185 ? A LEU 185 
11 1 Y 1 A GLU 186 ? A GLU 186 
12 1 Y 1 A HIS 187 ? A HIS 187 
13 1 Y 1 A HIS 188 ? A HIS 188 
14 1 Y 1 A HIS 189 ? A HIS 189 
15 1 Y 1 A HIS 190 ? A HIS 190 
16 1 Y 1 A HIS 191 ? A HIS 191 
17 1 Y 1 A HIS 192 ? A HIS 192 
# 
loop_
_chem_comp_atom.comp_id 
_chem_comp_atom.atom_id 
_chem_comp_atom.type_symbol 
_chem_comp_atom.pdbx_aromatic_flag 
_chem_comp_atom.pdbx_stereo_config 
_chem_comp_atom.pdbx_ordinal 
ALA N    N  N N 1   
ALA CA   C  N S 2   
ALA C    C  N N 3   
ALA O    O  N N 4   
ALA CB   C  N N 5   
ALA OXT  O  N N 6   
ALA H    H  N N 7   
ALA H2   H  N N 8   
ALA HA   H  N N 9   
ALA HB1  H  N N 10  
ALA HB2  H  N N 11  
ALA HB3  H  N N 12  
ALA HXT  H  N N 13  
ARG N    N  N N 14  
ARG CA   C  N S 15  
ARG C    C  N N 16  
ARG O    O  N N 17  
ARG CB   C  N N 18  
ARG CG   C  N N 19  
ARG CD   C  N N 20  
ARG NE   N  N N 21  
ARG CZ   C  N N 22  
ARG NH1  N  N N 23  
ARG NH2  N  N N 24  
ARG OXT  O  N N 25  
ARG H    H  N N 26  
ARG H2   H  N N 27  
ARG HA   H  N N 28  
ARG HB2  H  N N 29  
ARG HB3  H  N N 30  
ARG HG2  H  N N 31  
ARG HG3  H  N N 32  
ARG HD2  H  N N 33  
ARG HD3  H  N N 34  
ARG HE   H  N N 35  
ARG HH11 H  N N 36  
ARG HH12 H  N N 37  
ARG HH21 H  N N 38  
ARG HH22 H  N N 39  
ARG HXT  H  N N 40  
ASN N    N  N N 41  
ASN CA   C  N S 42  
ASN C    C  N N 43  
ASN O    O  N N 44  
ASN CB   C  N N 45  
ASN CG   C  N N 46  
ASN OD1  O  N N 47  
ASN ND2  N  N N 48  
ASN OXT  O  N N 49  
ASN H    H  N N 50  
ASN H2   H  N N 51  
ASN HA   H  N N 52  
ASN HB2  H  N N 53  
ASN HB3  H  N N 54  
ASN HD21 H  N N 55  
ASN HD22 H  N N 56  
ASN HXT  H  N N 57  
ASP N    N  N N 58  
ASP CA   C  N S 59  
ASP C    C  N N 60  
ASP O    O  N N 61  
ASP CB   C  N N 62  
ASP CG   C  N N 63  
ASP OD1  O  N N 64  
ASP OD2  O  N N 65  
ASP OXT  O  N N 66  
ASP H    H  N N 67  
ASP H2   H  N N 68  
ASP HA   H  N N 69  
ASP HB2  H  N N 70  
ASP HB3  H  N N 71  
ASP HD2  H  N N 72  
ASP HXT  H  N N 73  
CYS N    N  N N 74  
CYS CA   C  N R 75  
CYS C    C  N N 76  
CYS O    O  N N 77  
CYS CB   C  N N 78  
CYS SG   S  N N 79  
CYS OXT  O  N N 80  
CYS H    H  N N 81  
CYS H2   H  N N 82  
CYS HA   H  N N 83  
CYS HB2  H  N N 84  
CYS HB3  H  N N 85  
CYS HG   H  N N 86  
CYS HXT  H  N N 87  
GLN N    N  N N 88  
GLN CA   C  N S 89  
GLN C    C  N N 90  
GLN O    O  N N 91  
GLN CB   C  N N 92  
GLN CG   C  N N 93  
GLN CD   C  N N 94  
GLN OE1  O  N N 95  
GLN NE2  N  N N 96  
GLN OXT  O  N N 97  
GLN H    H  N N 98  
GLN H2   H  N N 99  
GLN HA   H  N N 100 
GLN HB2  H  N N 101 
GLN HB3  H  N N 102 
GLN HG2  H  N N 103 
GLN HG3  H  N N 104 
GLN HE21 H  N N 105 
GLN HE22 H  N N 106 
GLN HXT  H  N N 107 
GLU N    N  N N 108 
GLU CA   C  N S 109 
GLU C    C  N N 110 
GLU O    O  N N 111 
GLU CB   C  N N 112 
GLU CG   C  N N 113 
GLU CD   C  N N 114 
GLU OE1  O  N N 115 
GLU OE2  O  N N 116 
GLU OXT  O  N N 117 
GLU H    H  N N 118 
GLU H2   H  N N 119 
GLU HA   H  N N 120 
GLU HB2  H  N N 121 
GLU HB3  H  N N 122 
GLU HG2  H  N N 123 
GLU HG3  H  N N 124 
GLU HE2  H  N N 125 
GLU HXT  H  N N 126 
GLY N    N  N N 127 
GLY CA   C  N N 128 
GLY C    C  N N 129 
GLY O    O  N N 130 
GLY OXT  O  N N 131 
GLY H    H  N N 132 
GLY H2   H  N N 133 
GLY HA2  H  N N 134 
GLY HA3  H  N N 135 
GLY HXT  H  N N 136 
HIS N    N  N N 137 
HIS CA   C  N S 138 
HIS C    C  N N 139 
HIS O    O  N N 140 
HIS CB   C  N N 141 
HIS CG   C  Y N 142 
HIS ND1  N  Y N 143 
HIS CD2  C  Y N 144 
HIS CE1  C  Y N 145 
HIS NE2  N  Y N 146 
HIS OXT  O  N N 147 
HIS H    H  N N 148 
HIS H2   H  N N 149 
HIS HA   H  N N 150 
HIS HB2  H  N N 151 
HIS HB3  H  N N 152 
HIS HD1  H  N N 153 
HIS HD2  H  N N 154 
HIS HE1  H  N N 155 
HIS HE2  H  N N 156 
HIS HXT  H  N N 157 
HOH O    O  N N 158 
HOH H1   H  N N 159 
HOH H2   H  N N 160 
ILE N    N  N N 161 
ILE CA   C  N S 162 
ILE C    C  N N 163 
ILE O    O  N N 164 
ILE CB   C  N S 165 
ILE CG1  C  N N 166 
ILE CG2  C  N N 167 
ILE CD1  C  N N 168 
ILE OXT  O  N N 169 
ILE H    H  N N 170 
ILE H2   H  N N 171 
ILE HA   H  N N 172 
ILE HB   H  N N 173 
ILE HG12 H  N N 174 
ILE HG13 H  N N 175 
ILE HG21 H  N N 176 
ILE HG22 H  N N 177 
ILE HG23 H  N N 178 
ILE HD11 H  N N 179 
ILE HD12 H  N N 180 
ILE HD13 H  N N 181 
ILE HXT  H  N N 182 
LEU N    N  N N 183 
LEU CA   C  N S 184 
LEU C    C  N N 185 
LEU O    O  N N 186 
LEU CB   C  N N 187 
LEU CG   C  N N 188 
LEU CD1  C  N N 189 
LEU CD2  C  N N 190 
LEU OXT  O  N N 191 
LEU H    H  N N 192 
LEU H2   H  N N 193 
LEU HA   H  N N 194 
LEU HB2  H  N N 195 
LEU HB3  H  N N 196 
LEU HG   H  N N 197 
LEU HD11 H  N N 198 
LEU HD12 H  N N 199 
LEU HD13 H  N N 200 
LEU HD21 H  N N 201 
LEU HD22 H  N N 202 
LEU HD23 H  N N 203 
LEU HXT  H  N N 204 
LYS N    N  N N 205 
LYS CA   C  N S 206 
LYS C    C  N N 207 
LYS O    O  N N 208 
LYS CB   C  N N 209 
LYS CG   C  N N 210 
LYS CD   C  N N 211 
LYS CE   C  N N 212 
LYS NZ   N  N N 213 
LYS OXT  O  N N 214 
LYS H    H  N N 215 
LYS H2   H  N N 216 
LYS HA   H  N N 217 
LYS HB2  H  N N 218 
LYS HB3  H  N N 219 
LYS HG2  H  N N 220 
LYS HG3  H  N N 221 
LYS HD2  H  N N 222 
LYS HD3  H  N N 223 
LYS HE2  H  N N 224 
LYS HE3  H  N N 225 
LYS HZ1  H  N N 226 
LYS HZ2  H  N N 227 
LYS HZ3  H  N N 228 
LYS HXT  H  N N 229 
MET N    N  N N 230 
MET CA   C  N S 231 
MET C    C  N N 232 
MET O    O  N N 233 
MET CB   C  N N 234 
MET CG   C  N N 235 
MET SD   S  N N 236 
MET CE   C  N N 237 
MET OXT  O  N N 238 
MET H    H  N N 239 
MET H2   H  N N 240 
MET HA   H  N N 241 
MET HB2  H  N N 242 
MET HB3  H  N N 243 
MET HG2  H  N N 244 
MET HG3  H  N N 245 
MET HE1  H  N N 246 
MET HE2  H  N N 247 
MET HE3  H  N N 248 
MET HXT  H  N N 249 
MSE N    N  N N 250 
MSE CA   C  N S 251 
MSE C    C  N N 252 
MSE O    O  N N 253 
MSE OXT  O  N N 254 
MSE CB   C  N N 255 
MSE CG   C  N N 256 
MSE SE   SE N N 257 
MSE CE   C  N N 258 
MSE H    H  N N 259 
MSE H2   H  N N 260 
MSE HA   H  N N 261 
MSE HXT  H  N N 262 
MSE HB2  H  N N 263 
MSE HB3  H  N N 264 
MSE HG2  H  N N 265 
MSE HG3  H  N N 266 
MSE HE1  H  N N 267 
MSE HE2  H  N N 268 
MSE HE3  H  N N 269 
PHE N    N  N N 270 
PHE CA   C  N S 271 
PHE C    C  N N 272 
PHE O    O  N N 273 
PHE CB   C  N N 274 
PHE CG   C  Y N 275 
PHE CD1  C  Y N 276 
PHE CD2  C  Y N 277 
PHE CE1  C  Y N 278 
PHE CE2  C  Y N 279 
PHE CZ   C  Y N 280 
PHE OXT  O  N N 281 
PHE H    H  N N 282 
PHE H2   H  N N 283 
PHE HA   H  N N 284 
PHE HB2  H  N N 285 
PHE HB3  H  N N 286 
PHE HD1  H  N N 287 
PHE HD2  H  N N 288 
PHE HE1  H  N N 289 
PHE HE2  H  N N 290 
PHE HZ   H  N N 291 
PHE HXT  H  N N 292 
PRO N    N  N N 293 
PRO CA   C  N S 294 
PRO C    C  N N 295 
PRO O    O  N N 296 
PRO CB   C  N N 297 
PRO CG   C  N N 298 
PRO CD   C  N N 299 
PRO OXT  O  N N 300 
PRO H    H  N N 301 
PRO HA   H  N N 302 
PRO HB2  H  N N 303 
PRO HB3  H  N N 304 
PRO HG2  H  N N 305 
PRO HG3  H  N N 306 
PRO HD2  H  N N 307 
PRO HD3  H  N N 308 
PRO HXT  H  N N 309 
SER N    N  N N 310 
SER CA   C  N S 311 
SER C    C  N N 312 
SER O    O  N N 313 
SER CB   C  N N 314 
SER OG   O  N N 315 
SER OXT  O  N N 316 
SER H    H  N N 317 
SER H2   H  N N 318 
SER HA   H  N N 319 
SER HB2  H  N N 320 
SER HB3  H  N N 321 
SER HG   H  N N 322 
SER HXT  H  N N 323 
SO4 S    S  N N 324 
SO4 O1   O  N N 325 
SO4 O2   O  N N 326 
SO4 O3   O  N N 327 
SO4 O4   O  N N 328 
THR N    N  N N 329 
THR CA   C  N S 330 
THR C    C  N N 331 
THR O    O  N N 332 
THR CB   C  N R 333 
THR OG1  O  N N 334 
THR CG2  C  N N 335 
THR OXT  O  N N 336 
THR H    H  N N 337 
THR H2   H  N N 338 
THR HA   H  N N 339 
THR HB   H  N N 340 
THR HG1  H  N N 341 
THR HG21 H  N N 342 
THR HG22 H  N N 343 
THR HG23 H  N N 344 
THR HXT  H  N N 345 
TRP N    N  N N 346 
TRP CA   C  N S 347 
TRP C    C  N N 348 
TRP O    O  N N 349 
TRP CB   C  N N 350 
TRP CG   C  Y N 351 
TRP CD1  C  Y N 352 
TRP CD2  C  Y N 353 
TRP NE1  N  Y N 354 
TRP CE2  C  Y N 355 
TRP CE3  C  Y N 356 
TRP CZ2  C  Y N 357 
TRP CZ3  C  Y N 358 
TRP CH2  C  Y N 359 
TRP OXT  O  N N 360 
TRP H    H  N N 361 
TRP H2   H  N N 362 
TRP HA   H  N N 363 
TRP HB2  H  N N 364 
TRP HB3  H  N N 365 
TRP HD1  H  N N 366 
TRP HE1  H  N N 367 
TRP HE3  H  N N 368 
TRP HZ2  H  N N 369 
TRP HZ3  H  N N 370 
TRP HH2  H  N N 371 
TRP HXT  H  N N 372 
TYR N    N  N N 373 
TYR CA   C  N S 374 
TYR C    C  N N 375 
TYR O    O  N N 376 
TYR CB   C  N N 377 
TYR CG   C  Y N 378 
TYR CD1  C  Y N 379 
TYR CD2  C  Y N 380 
TYR CE1  C  Y N 381 
TYR CE2  C  Y N 382 
TYR CZ   C  Y N 383 
TYR OH   O  N N 384 
TYR OXT  O  N N 385 
TYR H    H  N N 386 
TYR H2   H  N N 387 
TYR HA   H  N N 388 
TYR HB2  H  N N 389 
TYR HB3  H  N N 390 
TYR HD1  H  N N 391 
TYR HD2  H  N N 392 
TYR HE1  H  N N 393 
TYR HE2  H  N N 394 
TYR HH   H  N N 395 
TYR HXT  H  N N 396 
VAL N    N  N N 397 
VAL CA   C  N S 398 
VAL C    C  N N 399 
VAL O    O  N N 400 
VAL CB   C  N N 401 
VAL CG1  C  N N 402 
VAL CG2  C  N N 403 
VAL OXT  O  N N 404 
VAL H    H  N N 405 
VAL H2   H  N N 406 
VAL HA   H  N N 407 
VAL HB   H  N N 408 
VAL HG11 H  N N 409 
VAL HG12 H  N N 410 
VAL HG13 H  N N 411 
VAL HG21 H  N N 412 
VAL HG22 H  N N 413 
VAL HG23 H  N N 414 
VAL HXT  H  N N 415 
# 
loop_
_chem_comp_bond.comp_id 
_chem_comp_bond.atom_id_1 
_chem_comp_bond.atom_id_2 
_chem_comp_bond.value_order 
_chem_comp_bond.pdbx_aromatic_flag 
_chem_comp_bond.pdbx_stereo_config 
_chem_comp_bond.pdbx_ordinal 
ALA N   CA   sing N N 1   
ALA N   H    sing N N 2   
ALA N   H2   sing N N 3   
ALA CA  C    sing N N 4   
ALA CA  CB   sing N N 5   
ALA CA  HA   sing N N 6   
ALA C   O    doub N N 7   
ALA C   OXT  sing N N 8   
ALA CB  HB1  sing N N 9   
ALA CB  HB2  sing N N 10  
ALA CB  HB3  sing N N 11  
ALA OXT HXT  sing N N 12  
ARG N   CA   sing N N 13  
ARG N   H    sing N N 14  
ARG N   H2   sing N N 15  
ARG CA  C    sing N N 16  
ARG CA  CB   sing N N 17  
ARG CA  HA   sing N N 18  
ARG C   O    doub N N 19  
ARG C   OXT  sing N N 20  
ARG CB  CG   sing N N 21  
ARG CB  HB2  sing N N 22  
ARG CB  HB3  sing N N 23  
ARG CG  CD   sing N N 24  
ARG CG  HG2  sing N N 25  
ARG CG  HG3  sing N N 26  
ARG CD  NE   sing N N 27  
ARG CD  HD2  sing N N 28  
ARG CD  HD3  sing N N 29  
ARG NE  CZ   sing N N 30  
ARG NE  HE   sing N N 31  
ARG CZ  NH1  sing N N 32  
ARG CZ  NH2  doub N N 33  
ARG NH1 HH11 sing N N 34  
ARG NH1 HH12 sing N N 35  
ARG NH2 HH21 sing N N 36  
ARG NH2 HH22 sing N N 37  
ARG OXT HXT  sing N N 38  
ASN N   CA   sing N N 39  
ASN N   H    sing N N 40  
ASN N   H2   sing N N 41  
ASN CA  C    sing N N 42  
ASN CA  CB   sing N N 43  
ASN CA  HA   sing N N 44  
ASN C   O    doub N N 45  
ASN C   OXT  sing N N 46  
ASN CB  CG   sing N N 47  
ASN CB  HB2  sing N N 48  
ASN CB  HB3  sing N N 49  
ASN CG  OD1  doub N N 50  
ASN CG  ND2  sing N N 51  
ASN ND2 HD21 sing N N 52  
ASN ND2 HD22 sing N N 53  
ASN OXT HXT  sing N N 54  
ASP N   CA   sing N N 55  
ASP N   H    sing N N 56  
ASP N   H2   sing N N 57  
ASP CA  C    sing N N 58  
ASP CA  CB   sing N N 59  
ASP CA  HA   sing N N 60  
ASP C   O    doub N N 61  
ASP C   OXT  sing N N 62  
ASP CB  CG   sing N N 63  
ASP CB  HB2  sing N N 64  
ASP CB  HB3  sing N N 65  
ASP CG  OD1  doub N N 66  
ASP CG  OD2  sing N N 67  
ASP OD2 HD2  sing N N 68  
ASP OXT HXT  sing N N 69  
CYS N   CA   sing N N 70  
CYS N   H    sing N N 71  
CYS N   H2   sing N N 72  
CYS CA  C    sing N N 73  
CYS CA  CB   sing N N 74  
CYS CA  HA   sing N N 75  
CYS C   O    doub N N 76  
CYS C   OXT  sing N N 77  
CYS CB  SG   sing N N 78  
CYS CB  HB2  sing N N 79  
CYS CB  HB3  sing N N 80  
CYS SG  HG   sing N N 81  
CYS OXT HXT  sing N N 82  
GLN N   CA   sing N N 83  
GLN N   H    sing N N 84  
GLN N   H2   sing N N 85  
GLN CA  C    sing N N 86  
GLN CA  CB   sing N N 87  
GLN CA  HA   sing N N 88  
GLN C   O    doub N N 89  
GLN C   OXT  sing N N 90  
GLN CB  CG   sing N N 91  
GLN CB  HB2  sing N N 92  
GLN CB  HB3  sing N N 93  
GLN CG  CD   sing N N 94  
GLN CG  HG2  sing N N 95  
GLN CG  HG3  sing N N 96  
GLN CD  OE1  doub N N 97  
GLN CD  NE2  sing N N 98  
GLN NE2 HE21 sing N N 99  
GLN NE2 HE22 sing N N 100 
GLN OXT HXT  sing N N 101 
GLU N   CA   sing N N 102 
GLU N   H    sing N N 103 
GLU N   H2   sing N N 104 
GLU CA  C    sing N N 105 
GLU CA  CB   sing N N 106 
GLU CA  HA   sing N N 107 
GLU C   O    doub N N 108 
GLU C   OXT  sing N N 109 
GLU CB  CG   sing N N 110 
GLU CB  HB2  sing N N 111 
GLU CB  HB3  sing N N 112 
GLU CG  CD   sing N N 113 
GLU CG  HG2  sing N N 114 
GLU CG  HG3  sing N N 115 
GLU CD  OE1  doub N N 116 
GLU CD  OE2  sing N N 117 
GLU OE2 HE2  sing N N 118 
GLU OXT HXT  sing N N 119 
GLY N   CA   sing N N 120 
GLY N   H    sing N N 121 
GLY N   H2   sing N N 122 
GLY CA  C    sing N N 123 
GLY CA  HA2  sing N N 124 
GLY CA  HA3  sing N N 125 
GLY C   O    doub N N 126 
GLY C   OXT  sing N N 127 
GLY OXT HXT  sing N N 128 
HIS N   CA   sing N N 129 
HIS N   H    sing N N 130 
HIS N   H2   sing N N 131 
HIS CA  C    sing N N 132 
HIS CA  CB   sing N N 133 
HIS CA  HA   sing N N 134 
HIS C   O    doub N N 135 
HIS C   OXT  sing N N 136 
HIS CB  CG   sing N N 137 
HIS CB  HB2  sing N N 138 
HIS CB  HB3  sing N N 139 
HIS CG  ND1  sing Y N 140 
HIS CG  CD2  doub Y N 141 
HIS ND1 CE1  doub Y N 142 
HIS ND1 HD1  sing N N 143 
HIS CD2 NE2  sing Y N 144 
HIS CD2 HD2  sing N N 145 
HIS CE1 NE2  sing Y N 146 
HIS CE1 HE1  sing N N 147 
HIS NE2 HE2  sing N N 148 
HIS OXT HXT  sing N N 149 
HOH O   H1   sing N N 150 
HOH O   H2   sing N N 151 
ILE N   CA   sing N N 152 
ILE N   H    sing N N 153 
ILE N   H2   sing N N 154 
ILE CA  C    sing N N 155 
ILE CA  CB   sing N N 156 
ILE CA  HA   sing N N 157 
ILE C   O    doub N N 158 
ILE C   OXT  sing N N 159 
ILE CB  CG1  sing N N 160 
ILE CB  CG2  sing N N 161 
ILE CB  HB   sing N N 162 
ILE CG1 CD1  sing N N 163 
ILE CG1 HG12 sing N N 164 
ILE CG1 HG13 sing N N 165 
ILE CG2 HG21 sing N N 166 
ILE CG2 HG22 sing N N 167 
ILE CG2 HG23 sing N N 168 
ILE CD1 HD11 sing N N 169 
ILE CD1 HD12 sing N N 170 
ILE CD1 HD13 sing N N 171 
ILE OXT HXT  sing N N 172 
LEU N   CA   sing N N 173 
LEU N   H    sing N N 174 
LEU N   H2   sing N N 175 
LEU CA  C    sing N N 176 
LEU CA  CB   sing N N 177 
LEU CA  HA   sing N N 178 
LEU C   O    doub N N 179 
LEU C   OXT  sing N N 180 
LEU CB  CG   sing N N 181 
LEU CB  HB2  sing N N 182 
LEU CB  HB3  sing N N 183 
LEU CG  CD1  sing N N 184 
LEU CG  CD2  sing N N 185 
LEU CG  HG   sing N N 186 
LEU CD1 HD11 sing N N 187 
LEU CD1 HD12 sing N N 188 
LEU CD1 HD13 sing N N 189 
LEU CD2 HD21 sing N N 190 
LEU CD2 HD22 sing N N 191 
LEU CD2 HD23 sing N N 192 
LEU OXT HXT  sing N N 193 
LYS N   CA   sing N N 194 
LYS N   H    sing N N 195 
LYS N   H2   sing N N 196 
LYS CA  C    sing N N 197 
LYS CA  CB   sing N N 198 
LYS CA  HA   sing N N 199 
LYS C   O    doub N N 200 
LYS C   OXT  sing N N 201 
LYS CB  CG   sing N N 202 
LYS CB  HB2  sing N N 203 
LYS CB  HB3  sing N N 204 
LYS CG  CD   sing N N 205 
LYS CG  HG2  sing N N 206 
LYS CG  HG3  sing N N 207 
LYS CD  CE   sing N N 208 
LYS CD  HD2  sing N N 209 
LYS CD  HD3  sing N N 210 
LYS CE  NZ   sing N N 211 
LYS CE  HE2  sing N N 212 
LYS CE  HE3  sing N N 213 
LYS NZ  HZ1  sing N N 214 
LYS NZ  HZ2  sing N N 215 
LYS NZ  HZ3  sing N N 216 
LYS OXT HXT  sing N N 217 
MET N   CA   sing N N 218 
MET N   H    sing N N 219 
MET N   H2   sing N N 220 
MET CA  C    sing N N 221 
MET CA  CB   sing N N 222 
MET CA  HA   sing N N 223 
MET C   O    doub N N 224 
MET C   OXT  sing N N 225 
MET CB  CG   sing N N 226 
MET CB  HB2  sing N N 227 
MET CB  HB3  sing N N 228 
MET CG  SD   sing N N 229 
MET CG  HG2  sing N N 230 
MET CG  HG3  sing N N 231 
MET SD  CE   sing N N 232 
MET CE  HE1  sing N N 233 
MET CE  HE2  sing N N 234 
MET CE  HE3  sing N N 235 
MET OXT HXT  sing N N 236 
MSE N   CA   sing N N 237 
MSE N   H    sing N N 238 
MSE N   H2   sing N N 239 
MSE CA  C    sing N N 240 
MSE CA  CB   sing N N 241 
MSE CA  HA   sing N N 242 
MSE C   O    doub N N 243 
MSE C   OXT  sing N N 244 
MSE OXT HXT  sing N N 245 
MSE CB  CG   sing N N 246 
MSE CB  HB2  sing N N 247 
MSE CB  HB3  sing N N 248 
MSE CG  SE   sing N N 249 
MSE CG  HG2  sing N N 250 
MSE CG  HG3  sing N N 251 
MSE SE  CE   sing N N 252 
MSE CE  HE1  sing N N 253 
MSE CE  HE2  sing N N 254 
MSE CE  HE3  sing N N 255 
PHE N   CA   sing N N 256 
PHE N   H    sing N N 257 
PHE N   H2   sing N N 258 
PHE CA  C    sing N N 259 
PHE CA  CB   sing N N 260 
PHE CA  HA   sing N N 261 
PHE C   O    doub N N 262 
PHE C   OXT  sing N N 263 
PHE CB  CG   sing N N 264 
PHE CB  HB2  sing N N 265 
PHE CB  HB3  sing N N 266 
PHE CG  CD1  doub Y N 267 
PHE CG  CD2  sing Y N 268 
PHE CD1 CE1  sing Y N 269 
PHE CD1 HD1  sing N N 270 
PHE CD2 CE2  doub Y N 271 
PHE CD2 HD2  sing N N 272 
PHE CE1 CZ   doub Y N 273 
PHE CE1 HE1  sing N N 274 
PHE CE2 CZ   sing Y N 275 
PHE CE2 HE2  sing N N 276 
PHE CZ  HZ   sing N N 277 
PHE OXT HXT  sing N N 278 
PRO N   CA   sing N N 279 
PRO N   CD   sing N N 280 
PRO N   H    sing N N 281 
PRO CA  C    sing N N 282 
PRO CA  CB   sing N N 283 
PRO CA  HA   sing N N 284 
PRO C   O    doub N N 285 
PRO C   OXT  sing N N 286 
PRO CB  CG   sing N N 287 
PRO CB  HB2  sing N N 288 
PRO CB  HB3  sing N N 289 
PRO CG  CD   sing N N 290 
PRO CG  HG2  sing N N 291 
PRO CG  HG3  sing N N 292 
PRO CD  HD2  sing N N 293 
PRO CD  HD3  sing N N 294 
PRO OXT HXT  sing N N 295 
SER N   CA   sing N N 296 
SER N   H    sing N N 297 
SER N   H2   sing N N 298 
SER CA  C    sing N N 299 
SER CA  CB   sing N N 300 
SER CA  HA   sing N N 301 
SER C   O    doub N N 302 
SER C   OXT  sing N N 303 
SER CB  OG   sing N N 304 
SER CB  HB2  sing N N 305 
SER CB  HB3  sing N N 306 
SER OG  HG   sing N N 307 
SER OXT HXT  sing N N 308 
SO4 S   O1   doub N N 309 
SO4 S   O2   doub N N 310 
SO4 S   O3   sing N N 311 
SO4 S   O4   sing N N 312 
THR N   CA   sing N N 313 
THR N   H    sing N N 314 
THR N   H2   sing N N 315 
THR CA  C    sing N N 316 
THR CA  CB   sing N N 317 
THR CA  HA   sing N N 318 
THR C   O    doub N N 319 
THR C   OXT  sing N N 320 
THR CB  OG1  sing N N 321 
THR CB  CG2  sing N N 322 
THR CB  HB   sing N N 323 
THR OG1 HG1  sing N N 324 
THR CG2 HG21 sing N N 325 
THR CG2 HG22 sing N N 326 
THR CG2 HG23 sing N N 327 
THR OXT HXT  sing N N 328 
TRP N   CA   sing N N 329 
TRP N   H    sing N N 330 
TRP N   H2   sing N N 331 
TRP CA  C    sing N N 332 
TRP CA  CB   sing N N 333 
TRP CA  HA   sing N N 334 
TRP C   O    doub N N 335 
TRP C   OXT  sing N N 336 
TRP CB  CG   sing N N 337 
TRP CB  HB2  sing N N 338 
TRP CB  HB3  sing N N 339 
TRP CG  CD1  doub Y N 340 
TRP CG  CD2  sing Y N 341 
TRP CD1 NE1  sing Y N 342 
TRP CD1 HD1  sing N N 343 
TRP CD2 CE2  doub Y N 344 
TRP CD2 CE3  sing Y N 345 
TRP NE1 CE2  sing Y N 346 
TRP NE1 HE1  sing N N 347 
TRP CE2 CZ2  sing Y N 348 
TRP CE3 CZ3  doub Y N 349 
TRP CE3 HE3  sing N N 350 
TRP CZ2 CH2  doub Y N 351 
TRP CZ2 HZ2  sing N N 352 
TRP CZ3 CH2  sing Y N 353 
TRP CZ3 HZ3  sing N N 354 
TRP CH2 HH2  sing N N 355 
TRP OXT HXT  sing N N 356 
TYR N   CA   sing N N 357 
TYR N   H    sing N N 358 
TYR N   H2   sing N N 359 
TYR CA  C    sing N N 360 
TYR CA  CB   sing N N 361 
TYR CA  HA   sing N N 362 
TYR C   O    doub N N 363 
TYR C   OXT  sing N N 364 
TYR CB  CG   sing N N 365 
TYR CB  HB2  sing N N 366 
TYR CB  HB3  sing N N 367 
TYR CG  CD1  doub Y N 368 
TYR CG  CD2  sing Y N 369 
TYR CD1 CE1  sing Y N 370 
TYR CD1 HD1  sing N N 371 
TYR CD2 CE2  doub Y N 372 
TYR CD2 HD2  sing N N 373 
TYR CE1 CZ   doub Y N 374 
TYR CE1 HE1  sing N N 375 
TYR CE2 CZ   sing Y N 376 
TYR CE2 HE2  sing N N 377 
TYR CZ  OH   sing N N 378 
TYR OH  HH   sing N N 379 
TYR OXT HXT  sing N N 380 
VAL N   CA   sing N N 381 
VAL N   H    sing N N 382 
VAL N   H2   sing N N 383 
VAL CA  C    sing N N 384 
VAL CA  CB   sing N N 385 
VAL CA  HA   sing N N 386 
VAL C   O    doub N N 387 
VAL C   OXT  sing N N 388 
VAL CB  CG1  sing N N 389 
VAL CB  CG2  sing N N 390 
VAL CB  HB   sing N N 391 
VAL CG1 HG11 sing N N 392 
VAL CG1 HG12 sing N N 393 
VAL CG1 HG13 sing N N 394 
VAL CG2 HG21 sing N N 395 
VAL CG2 HG22 sing N N 396 
VAL CG2 HG23 sing N N 397 
VAL OXT HXT  sing N N 398 
# 
_atom_sites.entry_id                    2EW0 
_atom_sites.fract_transf_matrix[1][1]   -0.01067307 
_atom_sites.fract_transf_matrix[1][2]   0.00087679 
_atom_sites.fract_transf_matrix[1][3]   -0.00208293 
_atom_sites.fract_transf_matrix[2][1]   -0.00345128 
_atom_sites.fract_transf_matrix[2][2]   0.00623199 
_atom_sites.fract_transf_matrix[2][3]   -0.00826180 
_atom_sites.fract_transf_matrix[3][1]   0.00158860 
_atom_sites.fract_transf_matrix[3][2]   -0.02242644 
_atom_sites.fract_transf_matrix[3][3]   -0.01758019 
_atom_sites.fract_transf_vector[1]      0.370025 
_atom_sites.fract_transf_vector[2]      0.334502 
_atom_sites.fract_transf_vector[3]      0.628522 
# 
loop_
_atom_type.symbol 
C  
N  
O  
S  
SE 
# 
loop_
_atom_site.group_PDB 
_atom_site.id 
_atom_site.type_symbol 
_atom_site.label_atom_id 
_atom_site.label_alt_id 
_atom_site.label_comp_id 
_atom_site.label_asym_id 
_atom_site.label_entity_id 
_atom_site.label_seq_id 
_atom_site.pdbx_PDB_ins_code 
_atom_site.Cartn_x 
_atom_site.Cartn_y 
_atom_site.Cartn_z 
_atom_site.occupancy 
_atom_site.B_iso_or_equiv 
_atom_site.pdbx_formal_charge 
_atom_site.auth_seq_id 
_atom_site.auth_comp_id 
_atom_site.auth_asym_id 
_atom_site.auth_atom_id 
_atom_site.pdbx_PDB_model_num 
ATOM   1    N  N   . TYR A 1 5   ? 5.329   -17.262 3.700   1.00 35.12 ? 5   TYR A N   1 
ATOM   2    C  CA  . TYR A 1 5   ? 5.678   -15.934 4.278   1.00 33.64 ? 5   TYR A CA  1 
ATOM   3    C  C   . TYR A 1 5   ? 4.445   -15.042 4.428   1.00 31.30 ? 5   TYR A C   1 
ATOM   4    O  O   . TYR A 1 5   ? 3.318   -15.524 4.327   1.00 31.89 ? 5   TYR A O   1 
ATOM   5    C  CB  . TYR A 1 5   ? 6.741   -15.254 3.412   1.00 35.85 ? 5   TYR A CB  1 
ATOM   6    C  CG  . TYR A 1 5   ? 8.114   -15.885 3.539   1.00 37.35 ? 5   TYR A CG  1 
ATOM   7    C  CD1 . TYR A 1 5   ? 8.374   -17.159 3.031   1.00 38.81 ? 5   TYR A CD1 1 
ATOM   8    C  CD2 . TYR A 1 5   ? 9.148   -15.218 4.191   1.00 37.97 ? 5   TYR A CD2 1 
ATOM   9    C  CE1 . TYR A 1 5   ? 9.634   -17.751 3.172   1.00 38.94 ? 5   TYR A CE1 1 
ATOM   10   C  CE2 . TYR A 1 5   ? 10.409  -15.800 4.338   1.00 39.00 ? 5   TYR A CE2 1 
ATOM   11   C  CZ  . TYR A 1 5   ? 10.645  -17.065 3.827   1.00 39.00 ? 5   TYR A CZ  1 
ATOM   12   O  OH  . TYR A 1 5   ? 11.890  -17.638 3.974   1.00 39.76 ? 5   TYR A OH  1 
ATOM   13   N  N   . LEU A 1 6   ? 4.651   -13.748 4.668   1.00 23.70 ? 6   LEU A N   1 
ATOM   14   C  CA  . LEU A 1 6   ? 3.532   -12.825 4.866   1.00 21.12 ? 6   LEU A CA  1 
ATOM   15   C  C   . LEU A 1 6   ? 3.142   -11.961 3.669   1.00 20.03 ? 6   LEU A C   1 
ATOM   16   O  O   . LEU A 1 6   ? 2.517   -10.911 3.835   1.00 18.03 ? 6   LEU A O   1 
ATOM   17   C  CB  . LEU A 1 6   ? 3.814   -11.919 6.066   1.00 21.99 ? 6   LEU A CB  1 
ATOM   18   C  CG  . LEU A 1 6   ? 3.974   -12.622 7.418   1.00 22.44 ? 6   LEU A CG  1 
ATOM   19   C  CD1 . LEU A 1 6   ? 4.349   -11.601 8.474   1.00 23.54 ? 6   LEU A CD1 1 
ATOM   20   C  CD2 . LEU A 1 6   ? 2.681   -13.330 7.797   1.00 22.97 ? 6   LEU A CD2 1 
ATOM   21   N  N   . THR A 1 7   ? 3.497   -12.398 2.469   1.00 20.69 ? 7   THR A N   1 
ATOM   22   C  CA  . THR A 1 7   ? 3.157   -11.649 1.268   1.00 20.84 ? 7   THR A CA  1 
ATOM   23   C  C   . THR A 1 7   ? 1.634   -11.547 1.139   1.00 20.97 ? 7   THR A C   1 
ATOM   24   O  O   . THR A 1 7   ? 0.913   -12.492 1.457   1.00 20.51 ? 7   THR A O   1 
ATOM   25   C  CB  . THR A 1 7   ? 3.737   -12.335 0.016   1.00 23.87 ? 7   THR A CB  1 
ATOM   26   O  OG1 . THR A 1 7   ? 5.146   -12.527 0.194   1.00 26.53 ? 7   THR A OG1 1 
ATOM   27   C  CG2 . THR A 1 7   ? 3.506   -11.482 -1.219  1.00 25.42 ? 7   THR A CG2 1 
ATOM   28   N  N   . HIS A 1 8   ? 1.160   -10.389 0.686   1.00 21.23 ? 8   HIS A N   1 
ATOM   29   C  CA  . HIS A 1 8   ? -0.266  -10.111 0.498   1.00 20.58 ? 8   HIS A CA  1 
ATOM   30   C  C   . HIS A 1 8   ? -1.023  -9.846  1.801   1.00 19.46 ? 8   HIS A C   1 
ATOM   31   O  O   . HIS A 1 8   ? -2.237  -9.644  1.788   1.00 20.81 ? 8   HIS A O   1 
ATOM   32   C  CB  . HIS A 1 8   ? -0.959  -11.252 -0.258  1.00 20.11 ? 8   HIS A CB  1 
ATOM   33   C  CG  . HIS A 1 8   ? -2.306  -10.881 -0.800  1.00 21.26 ? 8   HIS A CG  1 
ATOM   34   N  ND1 . HIS A 1 8   ? -3.398  -11.719 -0.732  1.00 22.07 ? 8   HIS A ND1 1 
ATOM   35   C  CD2 . HIS A 1 8   ? -2.735  -9.757  -1.424  1.00 18.47 ? 8   HIS A CD2 1 
ATOM   36   C  CE1 . HIS A 1 8   ? -4.442  -11.128 -1.286  1.00 19.50 ? 8   HIS A CE1 1 
ATOM   37   N  NE2 . HIS A 1 8   ? -4.067  -9.935  -1.714  1.00 22.71 ? 8   HIS A NE2 1 
ATOM   38   N  N   . ARG A 1 9   ? -0.308  -9.849  2.921   1.00 16.55 ? 9   ARG A N   1 
ATOM   39   C  CA  . ARG A 1 9   ? -0.920  -9.588  4.221   1.00 15.98 ? 9   ARG A CA  1 
ATOM   40   C  C   . ARG A 1 9   ? -0.729  -8.111  4.556   1.00 13.36 ? 9   ARG A C   1 
ATOM   41   O  O   . ARG A 1 9   ? 0.054   -7.418  3.906   1.00 12.54 ? 9   ARG A O   1 
ATOM   42   C  CB  . ARG A 1 9   ? -0.254  -10.438 5.309   1.00 23.63 ? 9   ARG A CB  1 
ATOM   43   C  CG  . ARG A 1 9   ? -0.302  -11.939 5.065   1.00 29.23 ? 9   ARG A CG  1 
ATOM   44   C  CD  . ARG A 1 9   ? -1.722  -12.469 5.126   1.00 32.67 ? 9   ARG A CD  1 
ATOM   45   N  NE  . ARG A 1 9   ? -2.324  -12.297 6.447   1.00 36.86 ? 9   ARG A NE  1 
ATOM   46   C  CZ  . ARG A 1 9   ? -1.947  -12.955 7.540   1.00 37.73 ? 9   ARG A CZ  1 
ATOM   47   N  NH1 . ARG A 1 9   ? -0.961  -13.841 7.486   1.00 39.48 ? 9   ARG A NH1 1 
ATOM   48   N  NH2 . ARG A 1 9   ? -2.565  -12.728 8.692   1.00 38.32 ? 9   ARG A NH2 1 
ATOM   49   N  N   . CYS A 1 10  ? -1.442  -7.637  5.573   1.00 13.55 ? 10  CYS A N   1 
ATOM   50   C  CA  . CYS A 1 10  ? -1.341  -6.248  6.008   1.00 13.39 ? 10  CYS A CA  1 
ATOM   51   C  C   . CYS A 1 10  ? -0.832  -6.125  7.435   1.00 12.94 ? 10  CYS A C   1 
ATOM   52   O  O   . CYS A 1 10  ? -1.380  -6.742  8.350   1.00 14.55 ? 10  CYS A O   1 
ATOM   53   C  CB  . CYS A 1 10  ? -2.704  -5.554  5.950   1.00 12.20 ? 10  CYS A CB  1 
ATOM   54   S  SG  . CYS A 1 10  ? -3.330  -5.152  4.314   1.00 15.15 ? 10  CYS A SG  1 
ATOM   55   N  N   . LEU A 1 11  ? 0.220   -5.339  7.623   1.00 11.79 ? 11  LEU A N   1 
ATOM   56   C  CA  . LEU A 1 11  ? 0.741   -5.086  8.957   1.00 10.89 ? 11  LEU A CA  1 
ATOM   57   C  C   . LEU A 1 11  ? -0.093  -3.922  9.475   1.00 10.44 ? 11  LEU A C   1 
ATOM   58   O  O   . LEU A 1 11  ? -0.474  -3.031  8.711   1.00 10.57 ? 11  LEU A O   1 
ATOM   59   C  CB  . LEU A 1 11  ? 2.213   -4.667  8.914   1.00 12.75 ? 11  LEU A CB  1 
ATOM   60   C  CG  . LEU A 1 11  ? 3.254   -5.684  8.447   1.00 14.79 ? 11  LEU A CG  1 
ATOM   61   C  CD1 . LEU A 1 11  ? 4.625   -5.032  8.451   1.00 15.53 ? 11  LEU A CD1 1 
ATOM   62   C  CD2 . LEU A 1 11  ? 3.240   -6.900  9.363   1.00 16.10 ? 11  LEU A CD2 1 
ATOM   63   N  N   . ILE A 1 12  ? -0.385  -3.932  10.768  1.00 10.40 ? 12  ILE A N   1 
ATOM   64   C  CA  . ILE A 1 12  ? -1.173  -2.873  11.379  1.00 10.14 ? 12  ILE A CA  1 
ATOM   65   C  C   . ILE A 1 12  ? -0.413  -2.350  12.589  1.00 11.58 ? 12  ILE A C   1 
ATOM   66   O  O   . ILE A 1 12  ? -0.037  -3.127  13.467  1.00 11.57 ? 12  ILE A O   1 
ATOM   67   C  CB  . ILE A 1 12  ? -2.542  -3.401  11.875  1.00 10.34 ? 12  ILE A CB  1 
ATOM   68   C  CG1 . ILE A 1 12  ? -3.310  -4.073  10.734  1.00 11.17 ? 12  ILE A CG1 1 
ATOM   69   C  CG2 . ILE A 1 12  ? -3.353  -2.260  12.460  1.00 12.27 ? 12  ILE A CG2 1 
ATOM   70   C  CD1 . ILE A 1 12  ? -4.477  -4.923  11.223  1.00 11.39 ? 12  ILE A CD1 1 
ATOM   71   N  N   . ALA A 1 13  ? -0.177  -1.044  12.641  1.00 10.97 ? 13  ALA A N   1 
ATOM   72   C  CA  . ALA A 1 13  ? 0.524   -0.477  13.785  1.00 11.31 ? 13  ALA A CA  1 
ATOM   73   C  C   . ALA A 1 13  ? -0.383  -0.593  15.011  1.00 11.39 ? 13  ALA A C   1 
ATOM   74   O  O   . ALA A 1 13  ? -1.521  -0.120  14.995  1.00 11.94 ? 13  ALA A O   1 
ATOM   75   C  CB  . ALA A 1 13  ? 0.864   0.987   13.526  1.00 13.27 ? 13  ALA A CB  1 
ATOM   76   N  N   . PRO A 1 14  ? 0.098   -1.249  16.081  1.00 11.91 ? 14  PRO A N   1 
ATOM   77   C  CA  . PRO A 1 14  ? -0.721  -1.390  17.290  1.00 12.58 ? 14  PRO A CA  1 
ATOM   78   C  C   . PRO A 1 14  ? -1.044  0.000   17.822  1.00 12.79 ? 14  PRO A C   1 
ATOM   79   O  O   . PRO A 1 14  ? -0.280  0.939   17.617  1.00 13.61 ? 14  PRO A O   1 
ATOM   80   C  CB  . PRO A 1 14  ? 0.192   -2.163  18.241  1.00 15.55 ? 14  PRO A CB  1 
ATOM   81   C  CG  . PRO A 1 14  ? 1.078   -2.943  17.322  1.00 17.13 ? 14  PRO A CG  1 
ATOM   82   C  CD  . PRO A 1 14  ? 1.385   -1.947  16.230  1.00 15.13 ? 14  PRO A CD  1 
ATOM   83   N  N   . PRO A 1 15  ? -2.173  0.154   18.523  1.00 14.14 ? 15  PRO A N   1 
ATOM   84   C  CA  . PRO A 1 15  ? -2.510  1.481   19.043  1.00 15.44 ? 15  PRO A CA  1 
ATOM   85   C  C   . PRO A 1 15  ? -1.459  2.087   19.973  1.00 16.73 ? 15  PRO A C   1 
ATOM   86   O  O   . PRO A 1 15  ? -1.361  3.309   20.088  1.00 17.94 ? 15  PRO A O   1 
ATOM   87   C  CB  . PRO A 1 15  ? -3.850  1.248   19.737  1.00 16.44 ? 15  PRO A CB  1 
ATOM   88   C  CG  . PRO A 1 15  ? -3.765  -0.184  20.171  1.00 15.18 ? 15  PRO A CG  1 
ATOM   89   C  CD  . PRO A 1 15  ? -3.157  -0.851  18.963  1.00 13.18 ? 15  PRO A CD  1 
ATOM   90   N  N   . GLU A 1 16  ? -0.666  1.240   20.621  1.00 17.12 ? 16  GLU A N   1 
ATOM   91   C  CA  . GLU A 1 16  ? 0.352   1.731   21.541  1.00 18.85 ? 16  GLU A CA  1 
ATOM   92   C  C   . GLU A 1 16  ? 1.706   2.035   20.901  1.00 20.54 ? 16  GLU A C   1 
ATOM   93   O  O   . GLU A 1 16  ? 2.619   2.496   21.587  1.00 21.09 ? 16  GLU A O   1 
ATOM   94   C  CB  . GLU A 1 16  ? 0.558   0.738   22.696  1.00 19.40 ? 16  GLU A CB  1 
ATOM   95   C  CG  . GLU A 1 16  ? 1.351   -0.515  22.343  1.00 19.21 ? 16  GLU A CG  1 
ATOM   96   C  CD  . GLU A 1 16  ? 0.519   -1.588  21.663  1.00 16.46 ? 16  GLU A CD  1 
ATOM   97   O  OE1 . GLU A 1 16  ? -0.687  -1.359  21.431  1.00 17.21 ? 16  GLU A OE1 1 
ATOM   98   O  OE2 . GLU A 1 16  ? 1.079   -2.665  21.365  1.00 18.22 ? 16  GLU A OE2 1 
HETATM 99   N  N   . MSE A 1 17  ? 1.849   1.788   19.600  1.00 17.94 ? 17  MSE A N   1 
HETATM 100  C  CA  . MSE A 1 17  ? 3.123   2.054   18.928  1.00 20.56 ? 17  MSE A CA  1 
HETATM 101  C  C   . MSE A 1 17  ? 3.547   3.514   19.088  1.00 21.73 ? 17  MSE A C   1 
HETATM 102  O  O   . MSE A 1 17  ? 2.782   4.430   18.787  1.00 21.96 ? 17  MSE A O   1 
HETATM 103  C  CB  . MSE A 1 17  ? 3.038   1.709   17.435  1.00 22.86 ? 17  MSE A CB  1 
HETATM 104  C  CG  . MSE A 1 17  ? 4.352   1.951   16.687  1.00 23.37 ? 17  MSE A CG  1 
HETATM 105  SE SE  . MSE A 1 17  ? 4.325   1.466   14.811  1.00 27.69 ? 17  MSE A SE  1 
HETATM 106  C  CE  . MSE A 1 17  ? 4.992   -0.338  14.956  1.00 26.75 ? 17  MSE A CE  1 
ATOM   107  N  N   . ALA A 1 18  ? 4.775   3.717   19.556  1.00 31.33 ? 18  ALA A N   1 
ATOM   108  C  CA  . ALA A 1 18  ? 5.304   5.061   19.776  1.00 33.77 ? 18  ALA A CA  1 
ATOM   109  C  C   . ALA A 1 18  ? 6.042   5.625   18.565  1.00 35.38 ? 18  ALA A C   1 
ATOM   110  O  O   . ALA A 1 18  ? 6.347   6.817   18.519  1.00 36.42 ? 18  ALA A O   1 
ATOM   111  C  CB  . ALA A 1 18  ? 6.228   5.059   20.991  1.00 30.76 ? 18  ALA A CB  1 
ATOM   112  N  N   . ASP A 1 19  ? 6.328   4.769   17.589  1.00 30.32 ? 19  ASP A N   1 
ATOM   113  C  CA  . ASP A 1 19  ? 7.034   5.187   16.382  1.00 30.92 ? 19  ASP A CA  1 
ATOM   114  C  C   . ASP A 1 19  ? 6.338   6.378   15.727  1.00 30.60 ? 19  ASP A C   1 
ATOM   115  O  O   . ASP A 1 19  ? 5.196   6.278   15.279  1.00 30.15 ? 19  ASP A O   1 
ATOM   116  C  CB  . ASP A 1 19  ? 7.121   4.017   15.399  1.00 44.55 ? 19  ASP A CB  1 
ATOM   117  C  CG  . ASP A 1 19  ? 8.012   4.318   14.209  1.00 46.10 ? 19  ASP A CG  1 
ATOM   118  O  OD1 . ASP A 1 19  ? 8.411   5.487   14.037  1.00 47.99 ? 19  ASP A OD1 1 
ATOM   119  O  OD2 . ASP A 1 19  ? 8.309   3.380   13.441  1.00 48.42 ? 19  ASP A OD2 1 
ATOM   120  N  N   . ASP A 1 20  ? 7.042   7.504   15.670  1.00 35.30 ? 20  ASP A N   1 
ATOM   121  C  CA  . ASP A 1 20  ? 6.505   8.731   15.092  1.00 34.88 ? 20  ASP A CA  1 
ATOM   122  C  C   . ASP A 1 20  ? 6.094   8.607   13.628  1.00 33.12 ? 20  ASP A C   1 
ATOM   123  O  O   . ASP A 1 20  ? 5.140   9.254   13.193  1.00 33.91 ? 20  ASP A O   1 
ATOM   124  C  CB  . ASP A 1 20  ? 7.524   9.865   15.238  1.00 45.86 ? 20  ASP A CB  1 
ATOM   125  C  CG  . ASP A 1 20  ? 8.831   9.567   14.534  1.00 48.21 ? 20  ASP A CG  1 
ATOM   126  O  OD1 . ASP A 1 20  ? 9.495   8.575   14.903  1.00 49.88 ? 20  ASP A OD1 1 
ATOM   127  O  OD2 . ASP A 1 20  ? 9.196   10.323  13.610  1.00 50.02 ? 20  ASP A OD2 1 
ATOM   128  N  N   . PHE A 1 21  ? 6.806   7.783   12.865  1.00 25.10 ? 21  PHE A N   1 
ATOM   129  C  CA  . PHE A 1 21  ? 6.479   7.631   11.453  1.00 21.21 ? 21  PHE A CA  1 
ATOM   130  C  C   . PHE A 1 21  ? 5.458   6.542   11.153  1.00 19.07 ? 21  PHE A C   1 
ATOM   131  O  O   . PHE A 1 21  ? 4.521   6.760   10.385  1.00 18.41 ? 21  PHE A O   1 
ATOM   132  C  CB  . PHE A 1 21  ? 7.733   7.346   10.625  1.00 20.59 ? 21  PHE A CB  1 
ATOM   133  C  CG  . PHE A 1 21  ? 7.498   7.428   9.141   1.00 19.51 ? 21  PHE A CG  1 
ATOM   134  C  CD1 . PHE A 1 21  ? 7.556   8.653   8.486   1.00 19.95 ? 21  PHE A CD1 1 
ATOM   135  C  CD2 . PHE A 1 21  ? 7.159   6.292   8.409   1.00 18.92 ? 21  PHE A CD2 1 
ATOM   136  C  CE1 . PHE A 1 21  ? 7.277   8.752   7.122   1.00 20.05 ? 21  PHE A CE1 1 
ATOM   137  C  CE2 . PHE A 1 21  ? 6.875   6.379   7.045   1.00 18.50 ? 21  PHE A CE2 1 
ATOM   138  C  CZ  . PHE A 1 21  ? 6.935   7.611   6.401   1.00 19.37 ? 21  PHE A CZ  1 
ATOM   139  N  N   . PHE A 1 22  ? 5.637   5.367   11.746  1.00 16.76 ? 22  PHE A N   1 
ATOM   140  C  CA  . PHE A 1 22  ? 4.728   4.263   11.475  1.00 15.62 ? 22  PHE A CA  1 
ATOM   141  C  C   . PHE A 1 22  ? 3.466   4.162   12.321  1.00 14.50 ? 22  PHE A C   1 
ATOM   142  O  O   . PHE A 1 22  ? 2.641   3.279   12.092  1.00 13.76 ? 22  PHE A O   1 
ATOM   143  C  CB  . PHE A 1 22  ? 5.490   2.938   11.519  1.00 17.78 ? 22  PHE A CB  1 
ATOM   144  C  CG  . PHE A 1 22  ? 6.435   2.753   10.363  1.00 17.44 ? 22  PHE A CG  1 
ATOM   145  C  CD1 . PHE A 1 22  ? 5.964   2.289   9.137   1.00 17.73 ? 22  PHE A CD1 1 
ATOM   146  C  CD2 . PHE A 1 22  ? 7.786   3.064   10.485  1.00 18.07 ? 22  PHE A CD2 1 
ATOM   147  C  CE1 . PHE A 1 22  ? 6.825   2.136   8.047   1.00 17.56 ? 22  PHE A CE1 1 
ATOM   148  C  CE2 . PHE A 1 22  ? 8.658   2.913   9.402   1.00 19.37 ? 22  PHE A CE2 1 
ATOM   149  C  CZ  . PHE A 1 22  ? 8.176   2.448   8.181   1.00 17.64 ? 22  PHE A CZ  1 
ATOM   150  N  N   . ALA A 1 23  ? 3.297   5.056   13.288  1.00 15.88 ? 23  ALA A N   1 
ATOM   151  C  CA  . ALA A 1 23  ? 2.098   5.016   14.112  1.00 15.20 ? 23  ALA A CA  1 
ATOM   152  C  C   . ALA A 1 23  ? 0.865   5.207   13.229  1.00 15.11 ? 23  ALA A C   1 
ATOM   153  O  O   . ALA A 1 23  ? 0.889   5.983   12.270  1.00 15.08 ? 23  ALA A O   1 
ATOM   154  C  CB  . ALA A 1 23  ? 2.151   6.108   15.177  1.00 18.11 ? 23  ALA A CB  1 
ATOM   155  N  N   . ASN A 1 24  ? -0.195  4.472   13.550  1.00 15.06 ? 24  ASN A N   1 
ATOM   156  C  CA  . ASN A 1 24  ? -1.469  4.544   12.838  1.00 14.40 ? 24  ASN A CA  1 
ATOM   157  C  C   . ASN A 1 24  ? -1.433  4.115   11.374  1.00 13.43 ? 24  ASN A C   1 
ATOM   158  O  O   . ASN A 1 24  ? -2.305  4.501   10.595  1.00 14.13 ? 24  ASN A O   1 
ATOM   159  C  CB  . ASN A 1 24  ? -2.044  5.963   12.938  1.00 16.45 ? 24  ASN A CB  1 
ATOM   160  C  CG  . ASN A 1 24  ? -3.516  6.025   12.571  1.00 18.70 ? 24  ASN A CG  1 
ATOM   161  O  OD1 . ASN A 1 24  ? -4.345  5.324   13.154  1.00 21.48 ? 24  ASN A OD1 1 
ATOM   162  N  ND2 . ASN A 1 24  ? -3.849  6.873   11.605  1.00 20.72 ? 24  ASN A ND2 1 
ATOM   163  N  N   . THR A 1 25  ? -0.448  3.309   10.996  1.00 11.50 ? 25  THR A N   1 
ATOM   164  C  CA  . THR A 1 25  ? -0.360  2.859   9.610   1.00 10.85 ? 25  THR A CA  1 
ATOM   165  C  C   . THR A 1 25  ? -0.871  1.442   9.371   1.00 9.76  ? 25  THR A C   1 
ATOM   166  O  O   . THR A 1 25  ? -0.948  0.615   10.288  1.00 10.58 ? 25  THR A O   1 
ATOM   167  C  CB  . THR A 1 25  ? 1.097   2.902   9.076   1.00 12.43 ? 25  THR A CB  1 
ATOM   168  O  OG1 . THR A 1 25  ? 1.926   2.023   9.849   1.00 13.63 ? 25  THR A OG1 1 
ATOM   169  C  CG2 . THR A 1 25  ? 1.647   4.317   9.138   1.00 13.96 ? 25  THR A CG2 1 
ATOM   170  N  N   . VAL A 1 26  ? -1.258  1.197   8.126   1.00 9.77  ? 26  VAL A N   1 
ATOM   171  C  CA  . VAL A 1 26  ? -1.678  -0.118  7.663   1.00 8.73  ? 26  VAL A CA  1 
ATOM   172  C  C   . VAL A 1 26  ? -0.735  -0.300  6.477   1.00 8.96  ? 26  VAL A C   1 
ATOM   173  O  O   . VAL A 1 26  ? -0.692  0.535   5.564   1.00 8.64  ? 26  VAL A O   1 
ATOM   174  C  CB  . VAL A 1 26  ? -3.139  -0.151  7.193   1.00 9.73  ? 26  VAL A CB  1 
ATOM   175  C  CG1 . VAL A 1 26  ? -3.467  -1.546  6.665   1.00 11.89 ? 26  VAL A CG1 1 
ATOM   176  C  CG2 . VAL A 1 26  ? -4.068  0.188   8.352   1.00 10.63 ? 26  VAL A CG2 1 
ATOM   177  N  N   . ILE A 1 27  ? 0.042   -1.375  6.504   1.00 9.09  ? 27  ILE A N   1 
ATOM   178  C  CA  . ILE A 1 27  ? 1.028   -1.617  5.461   1.00 9.64  ? 27  ILE A CA  1 
ATOM   179  C  C   . ILE A 1 27  ? 0.784   -2.893  4.673   1.00 10.25 ? 27  ILE A C   1 
ATOM   180  O  O   . ILE A 1 27  ? 0.753   -3.986  5.236   1.00 11.93 ? 27  ILE A O   1 
ATOM   181  C  CB  . ILE A 1 27  ? 2.451   -1.693  6.067   1.00 11.09 ? 27  ILE A CB  1 
ATOM   182  C  CG1 . ILE A 1 27  ? 2.694   -0.491  6.983   1.00 11.87 ? 27  ILE A CG1 1 
ATOM   183  C  CG2 . ILE A 1 27  ? 3.491   -1.744  4.952   1.00 11.28 ? 27  ILE A CG2 1 
ATOM   184  C  CD1 . ILE A 1 27  ? 4.024   -0.526  7.714   1.00 14.17 ? 27  ILE A CD1 1 
ATOM   185  N  N   . TYR A 1 28  ? 0.617   -2.747  3.364   1.00 10.62 ? 28  TYR A N   1 
ATOM   186  C  CA  . TYR A 1 28  ? 0.406   -3.894  2.495   1.00 10.25 ? 28  TYR A CA  1 
ATOM   187  C  C   . TYR A 1 28  ? 1.775   -4.484  2.170   1.00 11.66 ? 28  TYR A C   1 
ATOM   188  O  O   . TYR A 1 28  ? 2.644   -3.791  1.637   1.00 10.76 ? 28  TYR A O   1 
ATOM   189  C  CB  . TYR A 1 28  ? -0.296  -3.444  1.211   1.00 11.30 ? 28  TYR A CB  1 
ATOM   190  C  CG  . TYR A 1 28  ? -0.549  -4.552  0.217   1.00 11.45 ? 28  TYR A CG  1 
ATOM   191  C  CD1 . TYR A 1 28  ? -1.327  -5.656  0.553   1.00 11.57 ? 28  TYR A CD1 1 
ATOM   192  C  CD2 . TYR A 1 28  ? -0.025  -4.486  -1.072  1.00 13.33 ? 28  TYR A CD2 1 
ATOM   193  C  CE1 . TYR A 1 28  ? -1.580  -6.668  -0.371  1.00 13.61 ? 28  TYR A CE1 1 
ATOM   194  C  CE2 . TYR A 1 28  ? -0.275  -5.493  -2.006  1.00 16.02 ? 28  TYR A CE2 1 
ATOM   195  C  CZ  . TYR A 1 28  ? -1.053  -6.580  -1.649  1.00 15.60 ? 28  TYR A CZ  1 
ATOM   196  O  OH  . TYR A 1 28  ? -1.313  -7.572  -2.570  1.00 18.18 ? 28  TYR A OH  1 
ATOM   197  N  N   . LEU A 1 29  ? 1.979   -5.755  2.503   1.00 11.60 ? 29  LEU A N   1 
ATOM   198  C  CA  . LEU A 1 29  ? 3.263   -6.393  2.233   1.00 12.77 ? 29  LEU A CA  1 
ATOM   199  C  C   . LEU A 1 29  ? 3.335   -6.918  0.806   1.00 13.72 ? 29  LEU A C   1 
ATOM   200  O  O   . LEU A 1 29  ? 2.683   -7.900  0.453   1.00 15.39 ? 29  LEU A O   1 
ATOM   201  C  CB  . LEU A 1 29  ? 3.518   -7.522  3.235   1.00 16.22 ? 29  LEU A CB  1 
ATOM   202  C  CG  . LEU A 1 29  ? 3.693   -7.048  4.681   1.00 16.33 ? 29  LEU A CG  1 
ATOM   203  C  CD1 . LEU A 1 29  ? 3.855   -8.254  5.592   1.00 16.91 ? 29  LEU A CD1 1 
ATOM   204  C  CD2 . LEU A 1 29  ? 4.905   -6.133  4.789   1.00 18.14 ? 29  LEU A CD2 1 
ATOM   205  N  N   . ALA A 1 30  ? 4.141   -6.247  -0.008  1.00 14.71 ? 30  ALA A N   1 
ATOM   206  C  CA  . ALA A 1 30  ? 4.306   -6.600  -1.410  1.00 16.18 ? 30  ALA A CA  1 
ATOM   207  C  C   . ALA A 1 30  ? 5.249   -7.776  -1.609  1.00 17.62 ? 30  ALA A C   1 
ATOM   208  O  O   . ALA A 1 30  ? 5.082   -8.567  -2.538  1.00 18.98 ? 30  ALA A O   1 
ATOM   209  C  CB  . ALA A 1 30  ? 4.822   -5.395  -2.180  1.00 18.12 ? 30  ALA A CB  1 
ATOM   210  N  N   . ARG A 1 31  ? 6.242   -7.885  -0.736  1.00 17.06 ? 31  ARG A N   1 
ATOM   211  C  CA  . ARG A 1 31  ? 7.217   -8.958  -0.840  1.00 19.06 ? 31  ARG A CA  1 
ATOM   212  C  C   . ARG A 1 31  ? 7.799   -9.319  0.520   1.00 18.82 ? 31  ARG A C   1 
ATOM   213  O  O   . ARG A 1 31  ? 8.051   -8.449  1.352   1.00 18.06 ? 31  ARG A O   1 
ATOM   214  C  CB  . ARG A 1 31  ? 8.337   -8.532  -1.792  1.00 32.03 ? 31  ARG A CB  1 
ATOM   215  C  CG  . ARG A 1 31  ? 9.396   -9.588  -2.062  1.00 36.52 ? 31  ARG A CG  1 
ATOM   216  C  CD  . ARG A 1 31  ? 10.413  -9.073  -3.073  1.00 39.67 ? 31  ARG A CD  1 
ATOM   217  N  NE  . ARG A 1 31  ? 11.457  -10.051 -3.369  1.00 43.58 ? 31  ARG A NE  1 
ATOM   218  C  CZ  . ARG A 1 31  ? 12.426  -9.859  -4.259  1.00 44.61 ? 31  ARG A CZ  1 
ATOM   219  N  NH1 . ARG A 1 31  ? 12.484  -8.726  -4.946  1.00 45.41 ? 31  ARG A NH1 1 
ATOM   220  N  NH2 . ARG A 1 31  ? 13.335  -10.802 -4.467  1.00 46.13 ? 31  ARG A NH2 1 
ATOM   221  N  N   . HIS A 1 32  ? 8.001   -10.612 0.737   1.00 19.96 ? 32  HIS A N   1 
ATOM   222  C  CA  . HIS A 1 32  ? 8.568   -11.105 1.983   1.00 21.26 ? 32  HIS A CA  1 
ATOM   223  C  C   . HIS A 1 32  ? 9.199   -12.462 1.722   1.00 22.76 ? 32  HIS A C   1 
ATOM   224  O  O   . HIS A 1 32  ? 8.503   -13.443 1.458   1.00 22.81 ? 32  HIS A O   1 
ATOM   225  C  CB  . HIS A 1 32  ? 7.485   -11.221 3.062   1.00 22.00 ? 32  HIS A CB  1 
ATOM   226  C  CG  . HIS A 1 32  ? 7.986   -11.763 4.366   1.00 21.42 ? 32  HIS A CG  1 
ATOM   227  N  ND1 . HIS A 1 32  ? 9.263   -11.531 4.828   1.00 23.03 ? 32  HIS A ND1 1 
ATOM   228  C  CD2 . HIS A 1 32  ? 7.370   -12.500 5.320   1.00 22.47 ? 32  HIS A CD2 1 
ATOM   229  C  CE1 . HIS A 1 32  ? 9.414   -12.102 6.010   1.00 22.52 ? 32  HIS A CE1 1 
ATOM   230  N  NE2 . HIS A 1 32  ? 8.280   -12.697 6.332   1.00 23.78 ? 32  HIS A NE2 1 
ATOM   231  N  N   . ASP A 1 33  ? 10.527  -12.500 1.778   1.00 21.93 ? 33  ASP A N   1 
ATOM   232  C  CA  . ASP A 1 33  ? 11.275  -13.729 1.552   1.00 24.30 ? 33  ASP A CA  1 
ATOM   233  C  C   . ASP A 1 33  ? 12.432  -13.844 2.537   1.00 24.89 ? 33  ASP A C   1 
ATOM   234  O  O   . ASP A 1 33  ? 12.460  -13.158 3.558   1.00 24.09 ? 33  ASP A O   1 
ATOM   235  C  CB  . ASP A 1 33  ? 11.802  -13.772 0.114   1.00 32.97 ? 33  ASP A CB  1 
ATOM   236  C  CG  . ASP A 1 33  ? 12.528  -12.501 -0.280  1.00 33.93 ? 33  ASP A CG  1 
ATOM   237  O  OD1 . ASP A 1 33  ? 13.412  -12.057 0.480   1.00 34.30 ? 33  ASP A OD1 1 
ATOM   238  O  OD2 . ASP A 1 33  ? 12.217  -11.951 -1.358  1.00 36.57 ? 33  ASP A OD2 1 
ATOM   239  N  N   . GLU A 1 34  ? 13.389  -14.711 2.221   1.00 32.09 ? 34  GLU A N   1 
ATOM   240  C  CA  . GLU A 1 34  ? 14.540  -14.930 3.087   1.00 33.16 ? 34  GLU A CA  1 
ATOM   241  C  C   . GLU A 1 34  ? 15.505  -13.748 3.169   1.00 33.67 ? 34  GLU A C   1 
ATOM   242  O  O   . GLU A 1 34  ? 16.342  -13.693 4.070   1.00 35.31 ? 34  GLU A O   1 
ATOM   243  C  CB  . GLU A 1 34  ? 15.291  -16.190 2.639   1.00 45.90 ? 34  GLU A CB  1 
ATOM   244  C  CG  . GLU A 1 34  ? 15.638  -16.222 1.159   1.00 47.77 ? 34  GLU A CG  1 
ATOM   245  C  CD  . GLU A 1 34  ? 16.218  -17.557 0.726   1.00 48.42 ? 34  GLU A CD  1 
ATOM   246  O  OE1 . GLU A 1 34  ? 15.542  -18.591 0.912   1.00 49.49 ? 34  GLU A OE1 1 
ATOM   247  O  OE2 . GLU A 1 34  ? 17.349  -17.572 0.197   1.00 49.28 ? 34  GLU A OE2 1 
ATOM   248  N  N   . GLU A 1 35  ? 15.393  -12.804 2.239   1.00 30.91 ? 35  GLU A N   1 
ATOM   249  C  CA  . GLU A 1 35  ? 16.272  -11.637 2.241   1.00 30.48 ? 35  GLU A CA  1 
ATOM   250  C  C   . GLU A 1 35  ? 15.654  -10.432 2.943   1.00 28.45 ? 35  GLU A C   1 
ATOM   251  O  O   . GLU A 1 35  ? 16.344  -9.452  3.232   1.00 28.75 ? 35  GLU A O   1 
ATOM   252  C  CB  . GLU A 1 35  ? 16.655  -11.245 0.811   1.00 46.31 ? 35  GLU A CB  1 
ATOM   253  C  CG  . GLU A 1 35  ? 17.641  -12.188 0.143   1.00 50.03 ? 35  GLU A CG  1 
ATOM   254  C  CD  . GLU A 1 35  ? 18.149  -11.654 -1.183  1.00 51.89 ? 35  GLU A CD  1 
ATOM   255  O  OE1 . GLU A 1 35  ? 18.759  -10.562 -1.193  1.00 53.81 ? 35  GLU A OE1 1 
ATOM   256  O  OE2 . GLU A 1 35  ? 17.941  -12.326 -2.215  1.00 53.50 ? 35  GLU A OE2 1 
ATOM   257  N  N   . GLY A 1 36  ? 14.355  -10.504 3.216   1.00 23.39 ? 36  GLY A N   1 
ATOM   258  C  CA  . GLY A 1 36  ? 13.690  -9.401  3.884   1.00 20.14 ? 36  GLY A CA  1 
ATOM   259  C  C   . GLY A 1 36  ? 12.257  -9.217  3.431   1.00 18.07 ? 36  GLY A C   1 
ATOM   260  O  O   . GLY A 1 36  ? 11.634  -10.142 2.916   1.00 18.01 ? 36  GLY A O   1 
ATOM   261  N  N   . ALA A 1 37  ? 11.732  -8.011  3.623   1.00 15.75 ? 37  ALA A N   1 
ATOM   262  C  CA  . ALA A 1 37  ? 10.361  -7.707  3.238   1.00 15.13 ? 37  ALA A CA  1 
ATOM   263  C  C   . ALA A 1 37  ? 10.226  -6.253  2.809   1.00 14.48 ? 37  ALA A C   1 
ATOM   264  O  O   . ALA A 1 37  ? 10.981  -5.390  3.253   1.00 15.58 ? 37  ALA A O   1 
ATOM   265  C  CB  . ALA A 1 37  ? 9.418   -7.998  4.403   1.00 17.60 ? 37  ALA A CB  1 
ATOM   266  N  N   . GLN A 1 38  ? 9.261   -5.993  1.934   1.00 14.66 ? 38  GLN A N   1 
ATOM   267  C  CA  . GLN A 1 38  ? 9.004   -4.644  1.451   1.00 14.99 ? 38  GLN A CA  1 
ATOM   268  C  C   . GLN A 1 38  ? 7.501   -4.423  1.460   1.00 13.72 ? 38  GLN A C   1 
ATOM   269  O  O   . GLN A 1 38  ? 6.732   -5.302  1.067   1.00 14.36 ? 38  GLN A O   1 
ATOM   270  C  CB  . GLN A 1 38  ? 9.550   -4.451  0.032   1.00 24.98 ? 38  GLN A CB  1 
ATOM   271  C  CG  . GLN A 1 38  ? 11.069  -4.552  -0.071  1.00 29.92 ? 38  GLN A CG  1 
ATOM   272  C  CD  . GLN A 1 38  ? 11.567  -5.985  -0.059  1.00 32.26 ? 38  GLN A CD  1 
ATOM   273  O  OE1 . GLN A 1 38  ? 12.748  -6.240  0.178   1.00 37.00 ? 38  GLN A OE1 1 
ATOM   274  N  NE2 . GLN A 1 38  ? 10.672  -6.928  -0.329  1.00 36.20 ? 38  GLN A NE2 1 
ATOM   275  N  N   . GLY A 1 39  ? 7.085   -3.249  1.919   1.00 13.28 ? 39  GLY A N   1 
ATOM   276  C  CA  . GLY A 1 39  ? 5.668   -2.956  1.978   1.00 13.28 ? 39  GLY A CA  1 
ATOM   277  C  C   . GLY A 1 39  ? 5.330   -1.536  1.578   1.00 10.86 ? 39  GLY A C   1 
ATOM   278  O  O   . GLY A 1 39  ? 6.209   -0.682  1.447   1.00 11.68 ? 39  GLY A O   1 
ATOM   279  N  N   . ILE A 1 40  ? 4.037   -1.295  1.386   1.00 9.61  ? 40  ILE A N   1 
ATOM   280  C  CA  . ILE A 1 40  ? 3.527   0.011   1.002   1.00 10.25 ? 40  ILE A CA  1 
ATOM   281  C  C   . ILE A 1 40  ? 2.429   0.419   1.980   1.00 8.87  ? 40  ILE A C   1 
ATOM   282  O  O   . ILE A 1 40  ? 1.444   -0.304  2.145   1.00 8.92  ? 40  ILE A O   1 
ATOM   283  C  CB  . ILE A 1 40  ? 2.909   -0.033  -0.417  1.00 11.62 ? 40  ILE A CB  1 
ATOM   284  C  CG1 . ILE A 1 40  ? 3.970   -0.437  -1.442  1.00 14.93 ? 40  ILE A CG1 1 
ATOM   285  C  CG2 . ILE A 1 40  ? 2.291   1.315   -0.760  1.00 12.50 ? 40  ILE A CG2 1 
ATOM   286  C  CD1 . ILE A 1 40  ? 5.098   0.556   -1.592  1.00 17.24 ? 40  ILE A CD1 1 
ATOM   287  N  N   . ILE A 1 41  ? 2.602   1.559   2.644   1.00 8.54  ? 41  ILE A N   1 
ATOM   288  C  CA  . ILE A 1 41  ? 1.579   2.054   3.559   1.00 7.99  ? 41  ILE A CA  1 
ATOM   289  C  C   . ILE A 1 41  ? 0.382   2.381   2.666   1.00 8.65  ? 41  ILE A C   1 
ATOM   290  O  O   . ILE A 1 41  ? 0.536   3.039   1.631   1.00 8.79  ? 41  ILE A O   1 
ATOM   291  C  CB  . ILE A 1 41  ? 2.050   3.332   4.282   1.00 8.09  ? 41  ILE A CB  1 
ATOM   292  C  CG1 . ILE A 1 41  ? 3.244   3.014   5.190   1.00 9.55  ? 41  ILE A CG1 1 
ATOM   293  C  CG2 . ILE A 1 41  ? 0.909   3.923   5.091   1.00 9.33  ? 41  ILE A CG2 1 
ATOM   294  C  CD1 . ILE A 1 41  ? 3.931   4.237   5.770   1.00 10.37 ? 41  ILE A CD1 1 
ATOM   295  N  N   . ILE A 1 42  ? -0.810  1.942   3.055   1.00 8.21  ? 42  ILE A N   1 
ATOM   296  C  CA  . ILE A 1 42  ? -1.985  2.184   2.222   1.00 9.04  ? 42  ILE A CA  1 
ATOM   297  C  C   . ILE A 1 42  ? -3.053  3.095   2.812   1.00 7.62  ? 42  ILE A C   1 
ATOM   298  O  O   . ILE A 1 42  ? -4.164  3.172   2.283   1.00 9.05  ? 42  ILE A O   1 
ATOM   299  C  CB  . ILE A 1 42  ? -2.654  0.848   1.808   1.00 9.20  ? 42  ILE A CB  1 
ATOM   300  C  CG1 . ILE A 1 42  ? -2.976  0.005   3.047   1.00 11.55 ? 42  ILE A CG1 1 
ATOM   301  C  CG2 . ILE A 1 42  ? -1.740  0.096   0.843   1.00 11.41 ? 42  ILE A CG2 1 
ATOM   302  C  CD1 . ILE A 1 42  ? -3.788  -1.242  2.749   1.00 12.60 ? 42  ILE A CD1 1 
ATOM   303  N  N   . ASN A 1 43  ? -2.725  3.808   3.886   1.00 7.87  ? 43  ASN A N   1 
ATOM   304  C  CA  . ASN A 1 43  ? -3.716  4.690   4.494   1.00 8.28  ? 43  ASN A CA  1 
ATOM   305  C  C   . ASN A 1 43  ? -3.199  6.088   4.800   1.00 9.66  ? 43  ASN A C   1 
ATOM   306  O  O   . ASN A 1 43  ? -3.757  6.782   5.645   1.00 11.53 ? 43  ASN A O   1 
ATOM   307  C  CB  . ASN A 1 43  ? -4.270  4.055   5.779   1.00 9.67  ? 43  ASN A CB  1 
ATOM   308  C  CG  . ASN A 1 43  ? -3.261  4.039   6.911   1.00 9.96  ? 43  ASN A CG  1 
ATOM   309  O  OD1 . ASN A 1 43  ? -2.069  3.826   6.697   1.00 10.20 ? 43  ASN A OD1 1 
ATOM   310  N  ND2 . ASN A 1 43  ? -3.744  4.254   8.134   1.00 10.09 ? 43  ASN A ND2 1 
ATOM   311  N  N   . ARG A 1 44  ? -2.146  6.516   4.107   1.00 10.17 ? 44  ARG A N   1 
ATOM   312  C  CA  . ARG A 1 44  ? -1.596  7.842   4.361   1.00 11.04 ? 44  ARG A CA  1 
ATOM   313  C  C   . ARG A 1 44  ? -1.394  8.701   3.117   1.00 11.09 ? 44  ARG A C   1 
ATOM   314  O  O   . ARG A 1 44  ? -0.322  8.689   2.516   1.00 10.12 ? 44  ARG A O   1 
ATOM   315  C  CB  . ARG A 1 44  ? -0.266  7.726   5.110   1.00 13.29 ? 44  ARG A CB  1 
ATOM   316  C  CG  . ARG A 1 44  ? 0.350   9.069   5.468   1.00 15.89 ? 44  ARG A CG  1 
ATOM   317  C  CD  . ARG A 1 44  ? 1.635   8.891   6.252   1.00 19.06 ? 44  ARG A CD  1 
ATOM   318  N  NE  . ARG A 1 44  ? 1.387   8.287   7.556   1.00 21.16 ? 44  ARG A NE  1 
ATOM   319  C  CZ  . ARG A 1 44  ? 2.343   7.907   8.396   1.00 20.90 ? 44  ARG A CZ  1 
ATOM   320  N  NH1 . ARG A 1 44  ? 3.617   8.053   8.063   1.00 22.72 ? 44  ARG A NH1 1 
ATOM   321  N  NH2 . ARG A 1 44  ? 2.023   7.371   9.564   1.00 22.00 ? 44  ARG A NH2 1 
ATOM   322  N  N   . PRO A 1 45  ? -2.428  9.449   2.710   1.00 11.33 ? 45  PRO A N   1 
ATOM   323  C  CA  . PRO A 1 45  ? -2.302  10.309  1.528   1.00 12.83 ? 45  PRO A CA  1 
ATOM   324  C  C   . PRO A 1 45  ? -1.168  11.318  1.740   1.00 14.69 ? 45  PRO A C   1 
ATOM   325  O  O   . PRO A 1 45  ? -0.932  11.780  2.858   1.00 17.40 ? 45  PRO A O   1 
ATOM   326  C  CB  . PRO A 1 45  ? -3.666  10.983  1.448   1.00 20.10 ? 45  PRO A CB  1 
ATOM   327  C  CG  . PRO A 1 45  ? -4.584  9.932   1.974   1.00 19.19 ? 45  PRO A CG  1 
ATOM   328  C  CD  . PRO A 1 45  ? -3.828  9.380   3.163   1.00 18.74 ? 45  PRO A CD  1 
ATOM   329  N  N   . ALA A 1 46  ? -0.472  11.658  0.662   1.00 14.12 ? 46  ALA A N   1 
ATOM   330  C  CA  . ALA A 1 46  ? 0.644   12.596  0.726   1.00 16.97 ? 46  ALA A CA  1 
ATOM   331  C  C   . ALA A 1 46  ? 0.225   14.054  0.546   1.00 18.41 ? 46  ALA A C   1 
ATOM   332  O  O   . ALA A 1 46  ? 1.048   14.960  0.695   1.00 21.38 ? 46  ALA A O   1 
ATOM   333  C  CB  . ALA A 1 46  ? 1.683   12.223  -0.324  1.00 17.52 ? 46  ALA A CB  1 
ATOM   334  N  N   . GLY A 1 47  ? -1.046  14.285  0.230   1.00 20.60 ? 47  GLY A N   1 
ATOM   335  C  CA  . GLY A 1 47  ? -1.511  15.644  0.026   1.00 21.43 ? 47  GLY A CA  1 
ATOM   336  C  C   . GLY A 1 47  ? -1.112  16.135  -1.352  1.00 22.43 ? 47  GLY A C   1 
ATOM   337  O  O   . GLY A 1 47  ? -0.805  17.310  -1.550  1.00 23.41 ? 47  GLY A O   1 
ATOM   338  N  N   . ILE A 1 48  ? -1.110  15.213  -2.306  1.00 19.73 ? 48  ILE A N   1 
ATOM   339  C  CA  . ILE A 1 48  ? -0.754  15.509  -3.687  1.00 18.18 ? 48  ILE A CA  1 
ATOM   340  C  C   . ILE A 1 48  ? -1.811  14.888  -4.595  1.00 16.04 ? 48  ILE A C   1 
ATOM   341  O  O   . ILE A 1 48  ? -2.198  13.736  -4.400  1.00 16.65 ? 48  ILE A O   1 
ATOM   342  C  CB  . ILE A 1 48  ? 0.617   14.894  -4.049  1.00 21.70 ? 48  ILE A CB  1 
ATOM   343  C  CG1 . ILE A 1 48  ? 1.697   15.443  -3.116  1.00 23.68 ? 48  ILE A CG1 1 
ATOM   344  C  CG2 . ILE A 1 48  ? 0.952   15.185  -5.504  1.00 23.77 ? 48  ILE A CG2 1 
ATOM   345  C  CD1 . ILE A 1 48  ? 3.048   14.783  -3.289  1.00 24.80 ? 48  ILE A CD1 1 
ATOM   346  N  N   . GLN A 1 49  ? -2.285  15.654  -5.572  1.00 15.08 ? 49  GLN A N   1 
ATOM   347  C  CA  . GLN A 1 49  ? -3.281  15.145  -6.513  1.00 13.58 ? 49  GLN A CA  1 
ATOM   348  C  C   . GLN A 1 49  ? -2.559  14.417  -7.643  1.00 12.22 ? 49  GLN A C   1 
ATOM   349  O  O   . GLN A 1 49  ? -1.424  14.749  -7.983  1.00 12.81 ? 49  GLN A O   1 
ATOM   350  C  CB  . GLN A 1 49  ? -4.117  16.287  -7.097  1.00 14.64 ? 49  GLN A CB  1 
ATOM   351  C  CG  . GLN A 1 49  ? -5.402  16.589  -6.336  1.00 15.54 ? 49  GLN A CG  1 
ATOM   352  C  CD  . GLN A 1 49  ? -6.373  15.425  -6.355  1.00 15.34 ? 49  GLN A CD  1 
ATOM   353  O  OE1 . GLN A 1 49  ? -6.692  14.884  -7.415  1.00 14.39 ? 49  GLN A OE1 1 
ATOM   354  N  NE2 . GLN A 1 49  ? -6.853  15.037  -5.184  1.00 15.68 ? 49  GLN A NE2 1 
ATOM   355  N  N   . ILE A 1 50  ? -3.226  13.431  -8.228  1.00 11.23 ? 50  ILE A N   1 
ATOM   356  C  CA  . ILE A 1 50  ? -2.636  12.663  -9.312  1.00 10.68 ? 50  ILE A CA  1 
ATOM   357  C  C   . ILE A 1 50  ? -2.199  13.543  -10.489 1.00 10.50 ? 50  ILE A C   1 
ATOM   358  O  O   . ILE A 1 50  ? -1.161  13.288  -11.095 1.00 9.34  ? 50  ILE A O   1 
ATOM   359  C  CB  . ILE A 1 50  ? -3.616  11.556  -9.796  1.00 10.24 ? 50  ILE A CB  1 
ATOM   360  C  CG1 . ILE A 1 50  ? -2.982  10.735  -10.921 1.00 10.75 ? 50  ILE A CG1 1 
ATOM   361  C  CG2 . ILE A 1 50  ? -4.920  12.174  -10.257 1.00 11.83 ? 50  ILE A CG2 1 
ATOM   362  C  CD1 . ILE A 1 50  ? -1.733  9.985   -10.518 1.00 11.27 ? 50  ILE A CD1 1 
ATOM   363  N  N   . LYS A 1 51  ? -2.964  14.588  -10.802 1.00 10.42 ? 51  LYS A N   1 
ATOM   364  C  CA  . LYS A 1 51  ? -2.593  15.451  -11.918 1.00 11.64 ? 51  LYS A CA  1 
ATOM   365  C  C   . LYS A 1 51  ? -1.248  16.119  -11.666 1.00 12.12 ? 51  LYS A C   1 
ATOM   366  O  O   . LYS A 1 51  ? -0.426  16.230  -12.574 1.00 12.05 ? 51  LYS A O   1 
ATOM   367  C  CB  . LYS A 1 51  ? -3.660  16.521  -12.171 1.00 14.11 ? 51  LYS A CB  1 
ATOM   368  C  CG  . LYS A 1 51  ? -3.435  17.290  -13.476 1.00 17.67 ? 51  LYS A CG  1 
ATOM   369  C  CD  . LYS A 1 51  ? -4.566  18.260  -13.787 1.00 18.65 ? 51  LYS A CD  1 
ATOM   370  C  CE  . LYS A 1 51  ? -4.362  18.932  -15.141 1.00 23.09 ? 51  LYS A CE  1 
ATOM   371  N  NZ  . LYS A 1 51  ? -3.113  19.743  -15.195 1.00 23.61 ? 51  LYS A NZ  1 
ATOM   372  N  N   . GLU A 1 52  ? -1.020  16.564  -10.434 1.00 12.86 ? 52  GLU A N   1 
ATOM   373  C  CA  . GLU A 1 52  ? 0.241   17.214  -10.090 1.00 14.26 ? 52  GLU A CA  1 
ATOM   374  C  C   . GLU A 1 52  ? 1.401   16.245  -10.290 1.00 13.48 ? 52  GLU A C   1 
ATOM   375  O  O   . GLU A 1 52  ? 2.427   16.594  -10.878 1.00 13.80 ? 52  GLU A O   1 
ATOM   376  C  CB  . GLU A 1 52  ? 0.238   17.672  -8.631  1.00 20.02 ? 52  GLU A CB  1 
ATOM   377  C  CG  . GLU A 1 52  ? -0.917  18.556  -8.228  1.00 26.06 ? 52  GLU A CG  1 
ATOM   378  C  CD  . GLU A 1 52  ? -0.840  18.943  -6.764  1.00 27.45 ? 52  GLU A CD  1 
ATOM   379  O  OE1 . GLU A 1 52  ? 0.074   19.715  -6.403  1.00 31.56 ? 52  GLU A OE1 1 
ATOM   380  O  OE2 . GLU A 1 52  ? -1.681  18.465  -5.974  1.00 26.33 ? 52  GLU A OE2 1 
ATOM   381  N  N   . LEU A 1 53  ? 1.242   15.025  -9.786  1.00 12.39 ? 53  LEU A N   1 
ATOM   382  C  CA  . LEU A 1 53  ? 2.287   14.021  -9.914  1.00 11.12 ? 53  LEU A CA  1 
ATOM   383  C  C   . LEU A 1 53  ? 2.571   13.692  -11.375 1.00 11.03 ? 53  LEU A C   1 
ATOM   384  O  O   . LEU A 1 53  ? 3.725   13.671  -11.796 1.00 12.46 ? 53  LEU A O   1 
ATOM   385  C  CB  . LEU A 1 53  ? 1.896   12.746  -9.159  1.00 11.88 ? 53  LEU A CB  1 
ATOM   386  C  CG  . LEU A 1 53  ? 2.889   11.584  -9.259  1.00 12.10 ? 53  LEU A CG  1 
ATOM   387  C  CD1 . LEU A 1 53  ? 4.271   12.024  -8.799  1.00 15.55 ? 53  LEU A CD1 1 
ATOM   388  C  CD2 . LEU A 1 53  ? 2.396   10.427  -8.407  1.00 13.57 ? 53  LEU A CD2 1 
ATOM   389  N  N   . LEU A 1 54  ? 1.522   13.430  -12.151 1.00 11.33 ? 54  LEU A N   1 
ATOM   390  C  CA  . LEU A 1 54  ? 1.708   13.107  -13.563 1.00 11.62 ? 54  LEU A CA  1 
ATOM   391  C  C   . LEU A 1 54  ? 2.410   14.242  -14.300 1.00 13.29 ? 54  LEU A C   1 
ATOM   392  O  O   . LEU A 1 54  ? 3.351   14.008  -15.054 1.00 13.98 ? 54  LEU A O   1 
ATOM   393  C  CB  . LEU A 1 54  ? 0.361   12.789  -14.223 1.00 11.98 ? 54  LEU A CB  1 
ATOM   394  C  CG  . LEU A 1 54  ? -0.292  11.493  -13.730 1.00 12.22 ? 54  LEU A CG  1 
ATOM   395  C  CD1 . LEU A 1 54  ? -1.668  11.340  -14.357 1.00 13.68 ? 54  LEU A CD1 1 
ATOM   396  C  CD2 . LEU A 1 54  ? 0.599   10.302  -14.082 1.00 14.14 ? 54  LEU A CD2 1 
ATOM   397  N  N   . ASN A 1 55  ? 1.962   15.472  -14.068 1.00 12.46 ? 55  ASN A N   1 
ATOM   398  C  CA  . ASN A 1 55  ? 2.571   16.627  -14.718 1.00 14.45 ? 55  ASN A CA  1 
ATOM   399  C  C   . ASN A 1 55  ? 4.041   16.757  -14.331 1.00 14.69 ? 55  ASN A C   1 
ATOM   400  O  O   . ASN A 1 55  ? 4.876   17.124  -15.159 1.00 16.42 ? 55  ASN A O   1 
ATOM   401  C  CB  . ASN A 1 55  ? 1.824   17.911  -14.341 1.00 14.90 ? 55  ASN A CB  1 
ATOM   402  C  CG  . ASN A 1 55  ? 0.466   18.024  -15.016 1.00 16.29 ? 55  ASN A CG  1 
ATOM   403  O  OD1 . ASN A 1 55  ? -0.320  18.915  -14.696 1.00 17.72 ? 55  ASN A OD1 1 
ATOM   404  N  ND2 . ASN A 1 55  ? 0.185   17.126  -15.956 1.00 18.04 ? 55  ASN A ND2 1 
ATOM   405  N  N   . ASP A 1 56  ? 4.365   16.459  -13.075 1.00 14.96 ? 56  ASP A N   1 
ATOM   406  C  CA  . ASP A 1 56  ? 5.750   16.553  -12.624 1.00 17.18 ? 56  ASP A CA  1 
ATOM   407  C  C   . ASP A 1 56  ? 6.606   15.478  -13.279 1.00 18.78 ? 56  ASP A C   1 
ATOM   408  O  O   . ASP A 1 56  ? 7.822   15.629  -13.404 1.00 19.84 ? 56  ASP A O   1 
ATOM   409  C  CB  . ASP A 1 56  ? 5.841   16.434  -11.099 1.00 27.13 ? 56  ASP A CB  1 
ATOM   410  C  CG  . ASP A 1 56  ? 5.225   17.621  -10.383 1.00 30.46 ? 56  ASP A CG  1 
ATOM   411  O  OD1 . ASP A 1 56  ? 5.343   18.754  -10.895 1.00 32.35 ? 56  ASP A OD1 1 
ATOM   412  O  OD2 . ASP A 1 56  ? 4.633   17.426  -9.301  1.00 34.72 ? 56  ASP A OD2 1 
ATOM   413  N  N   . LEU A 1 57  ? 5.965   14.392  -13.701 1.00 18.69 ? 57  LEU A N   1 
ATOM   414  C  CA  . LEU A 1 57  ? 6.664   13.294  -14.359 1.00 20.28 ? 57  LEU A CA  1 
ATOM   415  C  C   . LEU A 1 57  ? 6.645   13.488  -15.873 1.00 20.96 ? 57  LEU A C   1 
ATOM   416  O  O   . LEU A 1 57  ? 6.937   12.564  -16.634 1.00 22.69 ? 57  LEU A O   1 
ATOM   417  C  CB  . LEU A 1 57  ? 6.015   11.957  -13.991 1.00 20.58 ? 57  LEU A CB  1 
ATOM   418  C  CG  . LEU A 1 57  ? 6.132   11.524  -12.525 1.00 20.31 ? 57  LEU A CG  1 
ATOM   419  C  CD1 . LEU A 1 57  ? 5.241   10.316  -12.270 1.00 19.83 ? 57  LEU A CD1 1 
ATOM   420  C  CD2 . LEU A 1 57  ? 7.586   11.200  -12.199 1.00 19.79 ? 57  LEU A CD2 1 
ATOM   421  N  N   . ASP A 1 58  ? 6.295   14.698  -16.297 1.00 24.47 ? 58  ASP A N   1 
ATOM   422  C  CA  . ASP A 1 58  ? 6.236   15.053  -17.711 1.00 26.93 ? 58  ASP A CA  1 
ATOM   423  C  C   . ASP A 1 58  ? 5.194   14.258  -18.490 1.00 26.66 ? 58  ASP A C   1 
ATOM   424  O  O   . ASP A 1 58  ? 5.448   13.804  -19.606 1.00 28.31 ? 58  ASP A O   1 
ATOM   425  C  CB  . ASP A 1 58  ? 7.614   14.873  -18.358 1.00 43.01 ? 58  ASP A CB  1 
ATOM   426  C  CG  . ASP A 1 58  ? 8.672   15.760  -17.729 1.00 46.52 ? 58  ASP A CG  1 
ATOM   427  O  OD1 . ASP A 1 58  ? 8.987   15.560  -16.537 1.00 49.20 ? 58  ASP A OD1 1 
ATOM   428  O  OD2 . ASP A 1 58  ? 9.186   16.658  -18.426 1.00 49.22 ? 58  ASP A OD2 1 
ATOM   429  N  N   . ILE A 1 59  ? 4.017   14.101  -17.895 1.00 21.68 ? 59  ILE A N   1 
ATOM   430  C  CA  . ILE A 1 59  ? 2.924   13.379  -18.531 1.00 20.51 ? 59  ILE A CA  1 
ATOM   431  C  C   . ILE A 1 59  ? 1.690   14.268  -18.537 1.00 20.06 ? 59  ILE A C   1 
ATOM   432  O  O   . ILE A 1 59  ? 1.222   14.691  -17.482 1.00 19.83 ? 59  ILE A O   1 
ATOM   433  C  CB  . ILE A 1 59  ? 2.595   12.078  -17.767 1.00 19.98 ? 59  ILE A CB  1 
ATOM   434  C  CG1 . ILE A 1 59  ? 3.826   11.171  -17.740 1.00 21.59 ? 59  ILE A CG1 1 
ATOM   435  C  CG2 . ILE A 1 59  ? 1.414   11.367  -18.421 1.00 21.62 ? 59  ILE A CG2 1 
ATOM   436  C  CD1 . ILE A 1 59  ? 3.678   9.957   -16.846 1.00 19.27 ? 59  ILE A CD1 1 
ATOM   437  N  N   . ASP A 1 60  ? 1.175   14.566  -19.727 1.00 21.38 ? 60  ASP A N   1 
ATOM   438  C  CA  . ASP A 1 60  ? -0.013  15.400  -19.837 1.00 22.14 ? 60  ASP A CA  1 
ATOM   439  C  C   . ASP A 1 60  ? -1.191  14.624  -19.267 1.00 21.04 ? 60  ASP A C   1 
ATOM   440  O  O   . ASP A 1 60  ? -1.325  13.423  -19.500 1.00 21.31 ? 60  ASP A O   1 
ATOM   441  C  CB  . ASP A 1 60  ? -0.290  15.762  -21.300 1.00 34.35 ? 60  ASP A CB  1 
ATOM   442  C  CG  . ASP A 1 60  ? 0.835   16.564  -21.926 1.00 36.91 ? 60  ASP A CG  1 
ATOM   443  O  OD1 . ASP A 1 60  ? 1.250   17.579  -21.327 1.00 35.78 ? 60  ASP A OD1 1 
ATOM   444  O  OD2 . ASP A 1 60  ? 1.297   16.183  -23.022 1.00 37.92 ? 60  ASP A OD2 1 
ATOM   445  N  N   . ALA A 1 61  ? -2.036  15.315  -18.514 1.00 20.82 ? 61  ALA A N   1 
ATOM   446  C  CA  . ALA A 1 61  ? -3.199  14.686  -17.904 1.00 20.36 ? 61  ALA A CA  1 
ATOM   447  C  C   . ALA A 1 61  ? -4.260  15.730  -17.593 1.00 21.80 ? 61  ALA A C   1 
ATOM   448  O  O   . ALA A 1 61  ? -4.821  15.751  -16.500 1.00 20.41 ? 61  ALA A O   1 
ATOM   449  C  CB  . ALA A 1 61  ? -2.787  13.959  -16.628 1.00 19.47 ? 61  ALA A CB  1 
ATOM   450  N  N   . ASP A 1 62  ? -4.535  16.596  -18.563 1.00 26.98 ? 62  ASP A N   1 
ATOM   451  C  CA  . ASP A 1 62  ? -5.529  17.647  -18.387 1.00 28.01 ? 62  ASP A CA  1 
ATOM   452  C  C   . ASP A 1 62  ? -6.909  17.124  -18.009 1.00 26.42 ? 62  ASP A C   1 
ATOM   453  O  O   . ASP A 1 62  ? -7.691  17.836  -17.382 1.00 27.98 ? 62  ASP A O   1 
ATOM   454  C  CB  . ASP A 1 62  ? -5.648  18.484  -19.666 1.00 36.00 ? 62  ASP A CB  1 
ATOM   455  C  CG  . ASP A 1 62  ? -4.553  19.524  -19.789 1.00 38.45 ? 62  ASP A CG  1 
ATOM   456  O  OD1 . ASP A 1 62  ? -3.775  19.694  -18.827 1.00 39.64 ? 62  ASP A OD1 1 
ATOM   457  O  OD2 . ASP A 1 62  ? -4.476  20.180  -20.850 1.00 40.39 ? 62  ASP A OD2 1 
ATOM   458  N  N   . ASN A 1 63  ? -7.210  15.882  -18.374 1.00 20.77 ? 63  ASN A N   1 
ATOM   459  C  CA  . ASN A 1 63  ? -8.523  15.326  -18.075 1.00 18.79 ? 63  ASN A CA  1 
ATOM   460  C  C   . ASN A 1 63  ? -8.547  14.195  -17.050 1.00 15.59 ? 63  ASN A C   1 
ATOM   461  O  O   . ASN A 1 63  ? -9.584  13.566  -16.847 1.00 14.99 ? 63  ASN A O   1 
ATOM   462  C  CB  . ASN A 1 63  ? -9.178  14.852  -19.373 1.00 40.44 ? 63  ASN A CB  1 
ATOM   463  C  CG  . ASN A 1 63  ? -9.202  15.932  -20.438 1.00 41.52 ? 63  ASN A CG  1 
ATOM   464  O  OD1 . ASN A 1 63  ? -9.747  17.017  -20.229 1.00 43.30 ? 63  ASN A OD1 1 
ATOM   465  N  ND2 . ASN A 1 63  ? -8.606  15.640  -21.588 1.00 43.38 ? 63  ASN A ND2 1 
ATOM   466  N  N   . VAL A 1 64  ? -7.420  13.951  -16.390 1.00 13.79 ? 64  VAL A N   1 
ATOM   467  C  CA  . VAL A 1 64  ? -7.361  12.874  -15.408 1.00 12.09 ? 64  VAL A CA  1 
ATOM   468  C  C   . VAL A 1 64  ? -8.329  13.104  -14.251 1.00 11.69 ? 64  VAL A C   1 
ATOM   469  O  O   . VAL A 1 64  ? -8.499  14.232  -13.777 1.00 13.47 ? 64  VAL A O   1 
ATOM   470  C  CB  . VAL A 1 64  ? -5.924  12.694  -14.856 1.00 11.04 ? 64  VAL A CB  1 
ATOM   471  C  CG1 . VAL A 1 64  ? -5.512  13.909  -14.041 1.00 11.74 ? 64  VAL A CG1 1 
ATOM   472  C  CG2 . VAL A 1 64  ? -5.841  11.421  -14.021 1.00 9.54  ? 64  VAL A CG2 1 
ATOM   473  N  N   . ASN A 1 65  ? -8.982  12.036  -13.809 1.00 9.25  ? 65  ASN A N   1 
ATOM   474  C  CA  . ASN A 1 65  ? -9.921  12.139  -12.699 1.00 10.19 ? 65  ASN A CA  1 
ATOM   475  C  C   . ASN A 1 65  ? -9.174  12.333  -11.386 1.00 10.27 ? 65  ASN A C   1 
ATOM   476  O  O   . ASN A 1 65  ? -8.115  11.738  -11.163 1.00 9.31  ? 65  ASN A O   1 
ATOM   477  C  CB  . ASN A 1 65  ? -10.799 10.890  -12.616 1.00 10.62 ? 65  ASN A CB  1 
ATOM   478  C  CG  . ASN A 1 65  ? -11.740 10.771  -13.791 1.00 12.12 ? 65  ASN A CG  1 
ATOM   479  O  OD1 . ASN A 1 65  ? -12.142 11.780  -14.375 1.00 14.83 ? 65  ASN A OD1 1 
ATOM   480  N  ND2 . ASN A 1 65  ? -12.114 9.545   -14.134 1.00 13.81 ? 65  ASN A ND2 1 
ATOM   481  N  N   . PRO A 1 66  ? -9.710  13.185  -10.498 1.00 10.02 ? 66  PRO A N   1 
ATOM   482  C  CA  . PRO A 1 66  ? -9.044  13.421  -9.214  1.00 9.98  ? 66  PRO A CA  1 
ATOM   483  C  C   . PRO A 1 66  ? -8.803  12.131  -8.434  1.00 9.33  ? 66  PRO A C   1 
ATOM   484  O  O   . PRO A 1 66  ? -9.634  11.225  -8.434  1.00 10.39 ? 66  PRO A O   1 
ATOM   485  C  CB  . PRO A 1 66  ? -9.993  14.385  -8.501  1.00 11.59 ? 66  PRO A CB  1 
ATOM   486  C  CG  . PRO A 1 66  ? -11.336 14.107  -9.140  1.00 15.25 ? 66  PRO A CG  1 
ATOM   487  C  CD  . PRO A 1 66  ? -10.967 13.945  -10.593 1.00 12.67 ? 66  PRO A CD  1 
ATOM   488  N  N   . HIS A 1 67  ? -7.655  12.065  -7.767  1.00 8.41  ? 67  HIS A N   1 
ATOM   489  C  CA  . HIS A 1 67  ? -7.277  10.884  -7.000  1.00 7.99  ? 67  HIS A CA  1 
ATOM   490  C  C   . HIS A 1 67  ? -6.111  11.276  -6.099  1.00 7.72  ? 67  HIS A C   1 
ATOM   491  O  O   . HIS A 1 67  ? -5.252  12.060  -6.490  1.00 8.26  ? 67  HIS A O   1 
ATOM   492  C  CB  . HIS A 1 67  ? -6.837  9.782   -7.969  1.00 8.88  ? 67  HIS A CB  1 
ATOM   493  C  CG  . HIS A 1 67  ? -6.860  8.400   -7.389  1.00 7.21  ? 67  HIS A CG  1 
ATOM   494  N  ND1 . HIS A 1 67  ? -5.931  7.952   -6.473  1.00 7.40  ? 67  HIS A ND1 1 
ATOM   495  C  CD2 . HIS A 1 67  ? -7.678  7.350   -7.641  1.00 8.23  ? 67  HIS A CD2 1 
ATOM   496  C  CE1 . HIS A 1 67  ? -6.176  6.683   -6.189  1.00 8.41  ? 67  HIS A CE1 1 
ATOM   497  N  NE2 . HIS A 1 67  ? -7.229  6.295   -6.886  1.00 8.98  ? 67  HIS A NE2 1 
ATOM   498  N  N   . GLU A 1 68  ? -6.081  10.731  -4.891  1.00 7.59  ? 68  GLU A N   1 
ATOM   499  C  CA  . GLU A 1 68  ? -4.994  11.045  -3.979  1.00 8.03  ? 68  GLU A CA  1 
ATOM   500  C  C   . GLU A 1 68  ? -3.757  10.232  -4.314  1.00 9.02  ? 68  GLU A C   1 
ATOM   501  O  O   . GLU A 1 68  ? -3.848  9.164   -4.915  1.00 8.47  ? 68  GLU A O   1 
ATOM   502  C  CB  . GLU A 1 68  ? -5.388  10.730  -2.532  1.00 10.06 ? 68  GLU A CB  1 
ATOM   503  C  CG  . GLU A 1 68  ? -6.672  11.385  -2.057  1.00 11.59 ? 68  GLU A CG  1 
ATOM   504  C  CD  . GLU A 1 68  ? -6.722  12.862  -2.371  1.00 11.66 ? 68  GLU A CD  1 
ATOM   505  O  OE1 . GLU A 1 68  ? -5.761  13.573  -2.017  1.00 14.10 ? 68  GLU A OE1 1 
ATOM   506  O  OE2 . GLU A 1 68  ? -7.724  13.308  -2.969  1.00 12.68 ? 68  GLU A OE2 1 
ATOM   507  N  N   . VAL A 1 69  ? -2.602  10.764  -3.938  1.00 9.62  ? 69  VAL A N   1 
ATOM   508  C  CA  . VAL A 1 69  ? -1.328  10.080  -4.108  1.00 9.23  ? 69  VAL A CA  1 
ATOM   509  C  C   . VAL A 1 69  ? -0.931  9.752   -2.672  1.00 9.13  ? 69  VAL A C   1 
ATOM   510  O  O   . VAL A 1 69  ? -1.072  10.591  -1.780  1.00 9.60  ? 69  VAL A O   1 
ATOM   511  C  CB  . VAL A 1 69  ? -0.265  10.995  -4.750  1.00 8.70  ? 69  VAL A CB  1 
ATOM   512  C  CG1 . VAL A 1 69  ? 1.087   10.306  -4.744  1.00 9.74  ? 69  VAL A CG1 1 
ATOM   513  C  CG2 . VAL A 1 69  ? -0.674  11.338  -6.173  1.00 9.56  ? 69  VAL A CG2 1 
ATOM   514  N  N   . LEU A 1 70  ? -0.448  8.535   -2.445  1.00 7.89  ? 70  LEU A N   1 
ATOM   515  C  CA  . LEU A 1 70  ? -0.073  8.105   -1.102  1.00 8.80  ? 70  LEU A CA  1 
ATOM   516  C  C   . LEU A 1 70  ? 1.404   8.180   -0.774  1.00 8.42  ? 70  LEU A C   1 
ATOM   517  O  O   . LEU A 1 70  ? 2.260   8.172   -1.658  1.00 8.58  ? 70  LEU A O   1 
ATOM   518  C  CB  . LEU A 1 70  ? -0.516  6.658   -0.876  1.00 10.00 ? 70  LEU A CB  1 
ATOM   519  C  CG  . LEU A 1 70  ? -1.968  6.289   -1.176  1.00 9.71  ? 70  LEU A CG  1 
ATOM   520  C  CD1 . LEU A 1 70  ? -2.177  4.816   -0.851  1.00 10.77 ? 70  LEU A CD1 1 
ATOM   521  C  CD2 . LEU A 1 70  ? -2.911  7.159   -0.362  1.00 11.19 ? 70  LEU A CD2 1 
ATOM   522  N  N   . GLN A 1 71  ? 1.686   8.269   0.521   1.00 9.34  ? 71  GLN A N   1 
ATOM   523  C  CA  . GLN A 1 71  ? 3.051   8.242   1.014   1.00 9.36  ? 71  GLN A CA  1 
ATOM   524  C  C   . GLN A 1 71  ? 3.185   6.761   1.380   1.00 9.37  ? 71  GLN A C   1 
ATOM   525  O  O   . GLN A 1 71  ? 2.575   6.287   2.347   1.00 9.75  ? 71  GLN A O   1 
ATOM   526  C  CB  . GLN A 1 71  ? 3.195   9.127   2.253   1.00 10.21 ? 71  GLN A CB  1 
ATOM   527  C  CG  . GLN A 1 71  ? 4.565   9.060   2.913   1.00 14.99 ? 71  GLN A CG  1 
ATOM   528  C  CD  . GLN A 1 71  ? 4.660   9.996   4.099   1.00 17.12 ? 71  GLN A CD  1 
ATOM   529  O  OE1 . GLN A 1 71  ? 4.729   11.214  3.936   1.00 25.55 ? 71  GLN A OE1 1 
ATOM   530  N  NE2 . GLN A 1 71  ? 4.641   9.435   5.298   1.00 20.61 ? 71  GLN A NE2 1 
ATOM   531  N  N   . GLY A 1 72  ? 3.957   6.026   0.590   1.00 8.59  ? 72  GLY A N   1 
ATOM   532  C  CA  . GLY A 1 72  ? 4.101   4.598   0.819   1.00 9.01  ? 72  GLY A CA  1 
ATOM   533  C  C   . GLY A 1 72  ? 5.084   4.129   1.869   1.00 8.98  ? 72  GLY A C   1 
ATOM   534  O  O   . GLY A 1 72  ? 5.034   2.978   2.301   1.00 10.09 ? 72  GLY A O   1 
ATOM   535  N  N   . GLY A 1 73  ? 5.982   5.011   2.281   1.00 9.43  ? 73  GLY A N   1 
ATOM   536  C  CA  . GLY A 1 73  ? 6.969   4.633   3.272   1.00 10.33 ? 73  GLY A CA  1 
ATOM   537  C  C   . GLY A 1 73  ? 8.000   5.732   3.383   1.00 11.11 ? 73  GLY A C   1 
ATOM   538  O  O   . GLY A 1 73  ? 7.933   6.720   2.654   1.00 12.17 ? 73  GLY A O   1 
ATOM   539  N  N   . PRO A 1 74  ? 8.982   5.582   4.281   1.00 12.33 ? 74  PRO A N   1 
ATOM   540  C  CA  . PRO A 1 74  ? 10.031  6.582   4.480   1.00 14.35 ? 74  PRO A CA  1 
ATOM   541  C  C   . PRO A 1 74  ? 11.227  6.453   3.541   1.00 14.33 ? 74  PRO A C   1 
ATOM   542  O  O   . PRO A 1 74  ? 12.055  7.359   3.463   1.00 17.10 ? 74  PRO A O   1 
ATOM   543  C  CB  . PRO A 1 74  ? 10.424  6.358   5.933   1.00 14.28 ? 74  PRO A CB  1 
ATOM   544  C  CG  . PRO A 1 74  ? 10.361  4.861   6.038   1.00 13.87 ? 74  PRO A CG  1 
ATOM   545  C  CD  . PRO A 1 74  ? 9.067   4.518   5.301   1.00 12.78 ? 74  PRO A CD  1 
ATOM   546  N  N   . LEU A 1 75  ? 11.313  5.336   2.825   1.00 12.38 ? 75  LEU A N   1 
ATOM   547  C  CA  . LEU A 1 75  ? 12.438  5.102   1.928   1.00 13.94 ? 75  LEU A CA  1 
ATOM   548  C  C   . LEU A 1 75  ? 12.143  5.435   0.473   1.00 13.47 ? 75  LEU A C   1 
ATOM   549  O  O   . LEU A 1 75  ? 11.049  5.180   -0.021  1.00 13.37 ? 75  LEU A O   1 
ATOM   550  C  CB  . LEU A 1 75  ? 12.874  3.639   2.014   1.00 14.45 ? 75  LEU A CB  1 
ATOM   551  C  CG  . LEU A 1 75  ? 13.167  3.085   3.409   1.00 15.11 ? 75  LEU A CG  1 
ATOM   552  C  CD1 . LEU A 1 75  ? 13.471  1.602   3.305   1.00 18.13 ? 75  LEU A CD1 1 
ATOM   553  C  CD2 . LEU A 1 75  ? 14.333  3.840   4.035   1.00 18.03 ? 75  LEU A CD2 1 
ATOM   554  N  N   . ARG A 1 76  ? 13.138  6.005   -0.202  1.00 12.86 ? 76  ARG A N   1 
ATOM   555  C  CA  . ARG A 1 76  ? 13.035  6.352   -1.615  1.00 12.22 ? 76  ARG A CA  1 
ATOM   556  C  C   . ARG A 1 76  ? 11.726  7.047   -1.995  1.00 11.34 ? 76  ARG A C   1 
ATOM   557  O  O   . ARG A 1 76  ? 10.908  6.502   -2.750  1.00 11.45 ? 76  ARG A O   1 
ATOM   558  C  CB  . ARG A 1 76  ? 13.224  5.086   -2.458  1.00 12.26 ? 76  ARG A CB  1 
ATOM   559  C  CG  . ARG A 1 76  ? 14.634  4.491   -2.378  1.00 12.30 ? 76  ARG A CG  1 
ATOM   560  C  CD  . ARG A 1 76  ? 15.578  5.127   -3.410  1.00 12.71 ? 76  ARG A CD  1 
ATOM   561  N  NE  . ARG A 1 76  ? 15.782  6.559   -3.194  1.00 12.88 ? 76  ARG A NE  1 
ATOM   562  C  CZ  . ARG A 1 76  ? 16.642  7.071   -2.319  1.00 11.48 ? 76  ARG A CZ  1 
ATOM   563  N  NH1 . ARG A 1 76  ? 17.393  6.272   -1.571  1.00 12.85 ? 76  ARG A NH1 1 
ATOM   564  N  NH2 . ARG A 1 76  ? 16.744  8.385   -2.183  1.00 12.39 ? 76  ARG A NH2 1 
ATOM   565  N  N   . PRO A 1 77  ? 11.515  8.271   -1.490  1.00 11.81 ? 77  PRO A N   1 
ATOM   566  C  CA  . PRO A 1 77  ? 10.297  9.027   -1.793  1.00 11.80 ? 77  PRO A CA  1 
ATOM   567  C  C   . PRO A 1 77  ? 10.123  9.324   -3.282  1.00 11.96 ? 77  PRO A C   1 
ATOM   568  O  O   . PRO A 1 77  ? 9.058   9.767   -3.710  1.00 11.78 ? 77  PRO A O   1 
ATOM   569  C  CB  . PRO A 1 77  ? 10.457  10.295  -0.953  1.00 15.26 ? 77  PRO A CB  1 
ATOM   570  C  CG  . PRO A 1 77  ? 11.948  10.460  -0.865  1.00 16.25 ? 77  PRO A CG  1 
ATOM   571  C  CD  . PRO A 1 77  ? 12.411  9.048   -0.613  1.00 15.31 ? 77  PRO A CD  1 
ATOM   572  N  N   . GLU A 1 78  ? 11.164  9.080   -4.072  1.00 10.69 ? 78  GLU A N   1 
ATOM   573  C  CA  . GLU A 1 78  ? 11.086  9.323   -5.511  1.00 11.16 ? 78  GLU A CA  1 
ATOM   574  C  C   . GLU A 1 78  ? 10.383  8.180   -6.230  1.00 10.92 ? 78  GLU A C   1 
ATOM   575  O  O   . GLU A 1 78  ? 9.775   8.382   -7.281  1.00 11.28 ? 78  GLU A O   1 
ATOM   576  C  CB  . GLU A 1 78  ? 12.486  9.463   -6.128  1.00 11.36 ? 78  GLU A CB  1 
ATOM   577  C  CG  . GLU A 1 78  ? 13.427  10.401  -5.393  1.00 11.67 ? 78  GLU A CG  1 
ATOM   578  C  CD  . GLU A 1 78  ? 14.326  9.668   -4.413  1.00 12.88 ? 78  GLU A CD  1 
ATOM   579  O  OE1 . GLU A 1 78  ? 13.912  8.616   -3.884  1.00 12.54 ? 78  GLU A OE1 1 
ATOM   580  O  OE2 . GLU A 1 78  ? 15.448  10.159  -4.160  1.00 13.54 ? 78  GLU A OE2 1 
ATOM   581  N  N   . ALA A 1 79  ? 10.475  6.984   -5.658  1.00 11.06 ? 79  ALA A N   1 
ATOM   582  C  CA  . ALA A 1 79  ? 9.907   5.792   -6.277  1.00 11.01 ? 79  ALA A CA  1 
ATOM   583  C  C   . ALA A 1 79  ? 8.399   5.663   -6.189  1.00 10.59 ? 79  ALA A C   1 
ATOM   584  O  O   . ALA A 1 79  ? 7.821   5.701   -5.101  1.00 10.39 ? 79  ALA A O   1 
ATOM   585  C  CB  . ALA A 1 79  ? 10.563  4.548   -5.696  1.00 11.83 ? 79  ALA A CB  1 
ATOM   586  N  N   . GLY A 1 80  ? 7.770   5.495   -7.347  1.00 10.35 ? 80  GLY A N   1 
ATOM   587  C  CA  . GLY A 1 80  ? 6.329   5.348   -7.399  1.00 9.65  ? 80  GLY A CA  1 
ATOM   588  C  C   . GLY A 1 80  ? 5.913   3.908   -7.626  1.00 9.79  ? 80  GLY A C   1 
ATOM   589  O  O   . GLY A 1 80  ? 6.563   3.163   -8.362  1.00 10.36 ? 80  GLY A O   1 
ATOM   590  N  N   . PHE A 1 81  ? 4.809   3.525   -6.993  1.00 8.56  ? 81  PHE A N   1 
ATOM   591  C  CA  . PHE A 1 81  ? 4.270   2.173   -7.084  1.00 9.18  ? 81  PHE A CA  1 
ATOM   592  C  C   . PHE A 1 81  ? 2.768   2.246   -7.278  1.00 9.24  ? 81  PHE A C   1 
ATOM   593  O  O   . PHE A 1 81  ? 2.077   2.925   -6.520  1.00 10.20 ? 81  PHE A O   1 
ATOM   594  C  CB  . PHE A 1 81  ? 4.557   1.415   -5.787  1.00 9.29  ? 81  PHE A CB  1 
ATOM   595  C  CG  . PHE A 1 81  ? 6.008   1.369   -5.430  1.00 10.07 ? 81  PHE A CG  1 
ATOM   596  C  CD1 . PHE A 1 81  ? 6.836   0.389   -5.962  1.00 11.19 ? 81  PHE A CD1 1 
ATOM   597  C  CD2 . PHE A 1 81  ? 6.563   2.339   -4.600  1.00 10.47 ? 81  PHE A CD2 1 
ATOM   598  C  CE1 . PHE A 1 81  ? 8.203   0.374   -5.678  1.00 11.27 ? 81  PHE A CE1 1 
ATOM   599  C  CE2 . PHE A 1 81  ? 7.927   2.336   -4.309  1.00 11.01 ? 81  PHE A CE2 1 
ATOM   600  C  CZ  . PHE A 1 81  ? 8.746   1.351   -4.851  1.00 12.00 ? 81  PHE A CZ  1 
ATOM   601  N  N   . VAL A 1 82  ? 2.258   1.547   -8.283  1.00 8.33  ? 82  VAL A N   1 
ATOM   602  C  CA  . VAL A 1 82  ? 0.824   1.544   -8.510  1.00 8.26  ? 82  VAL A CA  1 
ATOM   603  C  C   . VAL A 1 82  ? 0.237   0.184   -8.161  1.00 8.09  ? 82  VAL A C   1 
ATOM   604  O  O   . VAL A 1 82  ? 0.632   -0.846  -8.722  1.00 8.99  ? 82  VAL A O   1 
ATOM   605  C  CB  . VAL A 1 82  ? 0.465   1.880   -9.974  1.00 6.87  ? 82  VAL A CB  1 
ATOM   606  C  CG1 . VAL A 1 82  ? -1.054  1.828   -10.168 1.00 7.37  ? 82  VAL A CG1 1 
ATOM   607  C  CG2 . VAL A 1 82  ? 0.992   3.259   -10.332 1.00 8.79  ? 82  VAL A CG2 1 
ATOM   608  N  N   . LEU A 1 83  ? -0.691  0.197   -7.209  1.00 8.34  ? 83  LEU A N   1 
ATOM   609  C  CA  . LEU A 1 83  ? -1.404  -1.002  -6.780  1.00 8.74  ? 83  LEU A CA  1 
ATOM   610  C  C   . LEU A 1 83  ? -2.699  -1.022  -7.583  1.00 8.51  ? 83  LEU A C   1 
ATOM   611  O  O   . LEU A 1 83  ? -3.401  -0.008  -7.674  1.00 9.04  ? 83  LEU A O   1 
ATOM   612  C  CB  . LEU A 1 83  ? -1.741  -0.921  -5.292  1.00 9.24  ? 83  LEU A CB  1 
ATOM   613  C  CG  . LEU A 1 83  ? -0.594  -1.151  -4.311  1.00 9.87  ? 83  LEU A CG  1 
ATOM   614  C  CD1 . LEU A 1 83  ? -1.001  -0.692  -2.924  1.00 12.95 ? 83  LEU A CD1 1 
ATOM   615  C  CD2 . LEU A 1 83  ? -0.231  -2.622  -4.287  1.00 15.82 ? 83  LEU A CD2 1 
ATOM   616  N  N   . HIS A 1 84  ? -3.023  -2.170  -8.163  1.00 8.26  ? 84  HIS A N   1 
ATOM   617  C  CA  . HIS A 1 84  ? -4.235  -2.287  -8.964  1.00 8.27  ? 84  HIS A CA  1 
ATOM   618  C  C   . HIS A 1 84  ? -4.665  -3.742  -9.046  1.00 8.30  ? 84  HIS A C   1 
ATOM   619  O  O   . HIS A 1 84  ? -4.000  -4.626  -8.501  1.00 8.45  ? 84  HIS A O   1 
ATOM   620  C  CB  . HIS A 1 84  ? -3.986  -1.721  -10.363 1.00 9.26  ? 84  HIS A CB  1 
ATOM   621  C  CG  . HIS A 1 84  ? -2.891  -2.419  -11.100 1.00 8.80  ? 84  HIS A CG  1 
ATOM   622  N  ND1 . HIS A 1 84  ? -3.111  -3.537  -11.875 1.00 9.76  ? 84  HIS A ND1 1 
ATOM   623  C  CD2 . HIS A 1 84  ? -1.556  -2.192  -11.139 1.00 10.18 ? 84  HIS A CD2 1 
ATOM   624  C  CE1 . HIS A 1 84  ? -1.960  -3.968  -12.360 1.00 9.46  ? 84  HIS A CE1 1 
ATOM   625  N  NE2 . HIS A 1 84  ? -1.001  -3.169  -11.928 1.00 10.46 ? 84  HIS A NE2 1 
ATOM   626  N  N   . THR A 1 85  ? -5.780  -3.985  -9.725  1.00 7.93  ? 85  THR A N   1 
ATOM   627  C  CA  . THR A 1 85  ? -6.315  -5.333  -9.854  1.00 8.56  ? 85  THR A CA  1 
ATOM   628  C  C   . THR A 1 85  ? -6.024  -5.961  -11.210 1.00 8.64  ? 85  THR A C   1 
ATOM   629  O  O   . THR A 1 85  ? -5.487  -5.317  -12.110 1.00 9.47  ? 85  THR A O   1 
ATOM   630  C  CB  . THR A 1 85  ? -7.842  -5.339  -9.620  1.00 10.33 ? 85  THR A CB  1 
ATOM   631  O  OG1 . THR A 1 85  ? -8.483  -4.564  -10.639 1.00 11.50 ? 85  THR A OG1 1 
ATOM   632  C  CG2 . THR A 1 85  ? -8.180  -4.741  -8.255  1.00 11.69 ? 85  THR A CG2 1 
ATOM   633  N  N   . GLY A 1 86  ? -6.383  -7.232  -11.339 1.00 10.10 ? 86  GLY A N   1 
ATOM   634  C  CA  . GLY A 1 86  ? -6.159  -7.943  -12.583 1.00 10.46 ? 86  GLY A CA  1 
ATOM   635  C  C   . GLY A 1 86  ? -4.801  -8.616  -12.644 1.00 10.20 ? 86  GLY A C   1 
ATOM   636  O  O   . GLY A 1 86  ? -4.161  -8.858  -11.615 1.00 13.11 ? 86  GLY A O   1 
ATOM   637  N  N   . GLN A 1 87  ? -4.365  -8.918  -13.860 1.00 11.39 ? 87  GLN A N   1 
ATOM   638  C  CA  . GLN A 1 87  ? -3.085  -9.575  -14.093 1.00 11.52 ? 87  GLN A CA  1 
ATOM   639  C  C   . GLN A 1 87  ? -1.978  -8.546  -14.270 1.00 11.32 ? 87  GLN A C   1 
ATOM   640  O  O   . GLN A 1 87  ? -2.243  -7.390  -14.583 1.00 12.22 ? 87  GLN A O   1 
ATOM   641  C  CB  . GLN A 1 87  ? -3.152  -10.422 -15.364 1.00 13.51 ? 87  GLN A CB  1 
ATOM   642  C  CG  . GLN A 1 87  ? -4.235  -11.480 -15.383 1.00 14.22 ? 87  GLN A CG  1 
ATOM   643  C  CD  . GLN A 1 87  ? -4.297  -12.177 -16.727 1.00 14.02 ? 87  GLN A CD  1 
ATOM   644  O  OE1 . GLN A 1 87  ? -4.346  -11.527 -17.770 1.00 14.47 ? 87  GLN A OE1 1 
ATOM   645  N  NE2 . GLN A 1 87  ? -4.296  -13.504 -16.710 1.00 16.37 ? 87  GLN A NE2 1 
ATOM   646  N  N   . PRO A 1 88  ? -0.717  -8.960  -14.076 1.00 10.56 ? 88  PRO A N   1 
ATOM   647  C  CA  . PRO A 1 88  ? 0.428   -8.056  -14.228 1.00 11.34 ? 88  PRO A CA  1 
ATOM   648  C  C   . PRO A 1 88  ? 0.763   -7.901  -15.713 1.00 12.47 ? 88  PRO A C   1 
ATOM   649  O  O   . PRO A 1 88  ? 1.816   -8.337  -16.178 1.00 14.31 ? 88  PRO A O   1 
ATOM   650  C  CB  . PRO A 1 88  ? 1.527   -8.766  -13.447 1.00 13.07 ? 88  PRO A CB  1 
ATOM   651  C  CG  . PRO A 1 88  ? 1.211   -10.213 -13.684 1.00 13.46 ? 88  PRO A CG  1 
ATOM   652  C  CD  . PRO A 1 88  ? -0.295  -10.261 -13.522 1.00 12.73 ? 88  PRO A CD  1 
ATOM   653  N  N   . THR A 1 89  ? -0.144  -7.255  -16.439 1.00 12.39 ? 89  THR A N   1 
ATOM   654  C  CA  . THR A 1 89  ? -0.021  -7.062  -17.883 1.00 13.70 ? 89  THR A CA  1 
ATOM   655  C  C   . THR A 1 89  ? 0.901   -5.943  -18.344 1.00 13.94 ? 89  THR A C   1 
ATOM   656  O  O   . THR A 1 89  ? 1.277   -5.892  -19.514 1.00 16.67 ? 89  THR A O   1 
ATOM   657  C  CB  . THR A 1 89  ? -1.398  -6.790  -18.509 1.00 13.61 ? 89  THR A CB  1 
ATOM   658  O  OG1 . THR A 1 89  ? -1.928  -5.573  -17.971 1.00 14.12 ? 89  THR A OG1 1 
ATOM   659  C  CG2 . THR A 1 89  ? -2.362  -7.930  -18.206 1.00 15.51 ? 89  THR A CG2 1 
ATOM   660  N  N   . TRP A 1 90  ? 1.262   -5.048  -17.435 1.00 11.83 ? 90  TRP A N   1 
ATOM   661  C  CA  . TRP A 1 90  ? 2.112   -3.920  -17.783 1.00 11.76 ? 90  TRP A CA  1 
ATOM   662  C  C   . TRP A 1 90  ? 3.584   -4.305  -17.936 1.00 12.44 ? 90  TRP A C   1 
ATOM   663  O  O   . TRP A 1 90  ? 3.973   -5.423  -17.611 1.00 14.13 ? 90  TRP A O   1 
ATOM   664  C  CB  . TRP A 1 90  ? 1.916   -2.815  -16.740 1.00 12.45 ? 90  TRP A CB  1 
ATOM   665  C  CG  . TRP A 1 90  ? 0.454   -2.555  -16.480 1.00 13.20 ? 90  TRP A CG  1 
ATOM   666  C  CD1 . TRP A 1 90  ? -0.324  -3.131  -15.518 1.00 14.95 ? 90  TRP A CD1 1 
ATOM   667  C  CD2 . TRP A 1 90  ? -0.416  -1.708  -17.245 1.00 14.30 ? 90  TRP A CD2 1 
ATOM   668  N  NE1 . TRP A 1 90  ? -1.626  -2.697  -15.636 1.00 15.69 ? 90  TRP A NE1 1 
ATOM   669  C  CE2 . TRP A 1 90  ? -1.709  -1.823  -16.686 1.00 14.74 ? 90  TRP A CE2 1 
ATOM   670  C  CE3 . TRP A 1 90  ? -0.229  -0.864  -18.349 1.00 15.05 ? 90  TRP A CE3 1 
ATOM   671  C  CZ2 . TRP A 1 90  ? -2.814  -1.124  -17.194 1.00 16.25 ? 90  TRP A CZ2 1 
ATOM   672  C  CZ3 . TRP A 1 90  ? -1.332  -0.166  -18.855 1.00 15.87 ? 90  TRP A CZ3 1 
ATOM   673  C  CH2 . TRP A 1 90  ? -2.604  -0.304  -18.273 1.00 15.91 ? 90  TRP A CH2 1 
ATOM   674  N  N   . HIS A 1 91  ? 4.396   -3.377  -18.436 1.00 13.16 ? 91  HIS A N   1 
ATOM   675  C  CA  . HIS A 1 91  ? 5.818   -3.634  -18.670 1.00 14.32 ? 91  HIS A CA  1 
ATOM   676  C  C   . HIS A 1 91  ? 6.609   -4.136  -17.467 1.00 14.06 ? 91  HIS A C   1 
ATOM   677  O  O   . HIS A 1 91  ? 7.388   -5.086  -17.580 1.00 15.47 ? 91  HIS A O   1 
ATOM   678  C  CB  . HIS A 1 91  ? 6.475   -2.377  -19.240 1.00 17.99 ? 91  HIS A CB  1 
ATOM   679  C  CG  . HIS A 1 91  ? 6.007   -2.029  -20.619 1.00 22.40 ? 91  HIS A CG  1 
ATOM   680  N  ND1 . HIS A 1 91  ? 6.231   -0.797  -21.193 1.00 23.98 ? 91  HIS A ND1 1 
ATOM   681  C  CD2 . HIS A 1 91  ? 5.342   -2.761  -21.544 1.00 24.04 ? 91  HIS A CD2 1 
ATOM   682  C  CE1 . HIS A 1 91  ? 5.723   -0.783  -22.414 1.00 25.20 ? 91  HIS A CE1 1 
ATOM   683  N  NE2 . HIS A 1 91  ? 5.179   -1.962  -22.651 1.00 25.24 ? 91  HIS A NE2 1 
ATOM   684  N  N   . SER A 1 92  ? 6.426   -3.491  -16.322 1.00 11.66 ? 92  SER A N   1 
ATOM   685  C  CA  . SER A 1 92  ? 7.111   -3.889  -15.099 1.00 12.64 ? 92  SER A CA  1 
ATOM   686  C  C   . SER A 1 92  ? 6.018   -4.038  -14.055 1.00 12.27 ? 92  SER A C   1 
ATOM   687  O  O   . SER A 1 92  ? 5.655   -3.079  -13.372 1.00 12.29 ? 92  SER A O   1 
ATOM   688  C  CB  . SER A 1 92  ? 8.118   -2.822  -14.677 1.00 16.15 ? 92  SER A CB  1 
ATOM   689  O  OG  . SER A 1 92  ? 9.112   -2.652  -15.673 1.00 22.75 ? 92  SER A OG  1 
ATOM   690  N  N   . SER A 1 93  ? 5.495   -5.252  -13.948 1.00 12.87 ? 93  SER A N   1 
ATOM   691  C  CA  . SER A 1 93  ? 4.403   -5.532  -13.030 1.00 12.96 ? 93  SER A CA  1 
ATOM   692  C  C   . SER A 1 93  ? 4.564   -6.900  -12.385 1.00 13.59 ? 93  SER A C   1 
ATOM   693  O  O   . SER A 1 93  ? 5.065   -7.840  -13.009 1.00 14.28 ? 93  SER A O   1 
ATOM   694  C  CB  . SER A 1 93  ? 3.078   -5.471  -13.796 1.00 17.73 ? 93  SER A CB  1 
ATOM   695  O  OG  . SER A 1 93  ? 1.971   -5.624  -12.931 1.00 19.51 ? 93  SER A OG  1 
ATOM   696  N  N   . ILE A 1 94  ? 4.129   -7.007  -11.136 1.00 12.83 ? 94  ILE A N   1 
ATOM   697  C  CA  . ILE A 1 94  ? 4.215   -8.256  -10.395 1.00 15.14 ? 94  ILE A CA  1 
ATOM   698  C  C   . ILE A 1 94  ? 2.905   -8.530  -9.669  1.00 13.51 ? 94  ILE A C   1 
ATOM   699  O  O   . ILE A 1 94  ? 2.301   -7.622  -9.103  1.00 11.97 ? 94  ILE A O   1 
ATOM   700  C  CB  . ILE A 1 94  ? 5.341   -8.204  -9.335  1.00 23.82 ? 94  ILE A CB  1 
ATOM   701  C  CG1 . ILE A 1 94  ? 6.679   -7.862  -9.997  1.00 26.29 ? 94  ILE A CG1 1 
ATOM   702  C  CG2 . ILE A 1 94  ? 5.427   -9.533  -8.603  1.00 26.55 ? 94  ILE A CG2 1 
ATOM   703  C  CD1 . ILE A 1 94  ? 7.154   -8.880  -11.009 1.00 30.54 ? 94  ILE A CD1 1 
ATOM   704  N  N   . ALA A 1 95  ? 2.461   -9.780  -9.697  1.00 13.11 ? 95  ALA A N   1 
ATOM   705  C  CA  . ALA A 1 95  ? 1.245   -10.165 -8.997  1.00 14.17 ? 95  ALA A CA  1 
ATOM   706  C  C   . ALA A 1 95  ? 1.667   -10.426 -7.554  1.00 14.79 ? 95  ALA A C   1 
ATOM   707  O  O   . ALA A 1 95  ? 2.557   -11.239 -7.301  1.00 17.53 ? 95  ALA A O   1 
ATOM   708  C  CB  . ALA A 1 95  ? 0.661   -11.427 -9.614  1.00 14.15 ? 95  ALA A CB  1 
ATOM   709  N  N   . VAL A 1 96  ? 1.054   -9.722  -6.610  1.00 13.44 ? 96  VAL A N   1 
ATOM   710  C  CA  . VAL A 1 96  ? 1.397   -9.897  -5.201  1.00 14.66 ? 96  VAL A CA  1 
ATOM   711  C  C   . VAL A 1 96  ? 0.521   -10.960 -4.556  1.00 17.28 ? 96  VAL A C   1 
ATOM   712  O  O   . VAL A 1 96  ? 1.019   -11.886 -3.908  1.00 19.27 ? 96  VAL A O   1 
ATOM   713  C  CB  . VAL A 1 96  ? 1.229   -8.579  -4.418  1.00 16.52 ? 96  VAL A CB  1 
ATOM   714  C  CG1 . VAL A 1 96  ? 1.584   -8.796  -2.952  1.00 18.36 ? 96  VAL A CG1 1 
ATOM   715  C  CG2 . VAL A 1 96  ? 2.112   -7.505  -5.021  1.00 18.41 ? 96  VAL A CG2 1 
ATOM   716  N  N   . GLY A 1 97  ? -0.786  -10.820 -4.734  1.00 14.84 ? 97  GLY A N   1 
ATOM   717  C  CA  . GLY A 1 97  ? -1.717  -11.774 -4.165  1.00 18.95 ? 97  GLY A CA  1 
ATOM   718  C  C   . GLY A 1 97  ? -3.022  -11.771 -4.929  1.00 21.09 ? 97  GLY A C   1 
ATOM   719  O  O   . GLY A 1 97  ? -3.087  -11.262 -6.046  1.00 23.23 ? 97  GLY A O   1 
ATOM   720  N  N   . GLU A 1 98  ? -4.058  -12.340 -4.320  1.00 29.24 ? 98  GLU A N   1 
ATOM   721  C  CA  . GLU A 1 98  ? -5.386  -12.424 -4.922  1.00 31.09 ? 98  GLU A CA  1 
ATOM   722  C  C   . GLU A 1 98  ? -5.762  -11.189 -5.741  1.00 30.10 ? 98  GLU A C   1 
ATOM   723  O  O   . GLU A 1 98  ? -6.122  -10.150 -5.190  1.00 31.94 ? 98  GLU A O   1 
ATOM   724  C  CB  . GLU A 1 98  ? -6.433  -12.644 -3.831  1.00 41.48 ? 98  GLU A CB  1 
ATOM   725  C  CG  . GLU A 1 98  ? -6.136  -13.827 -2.924  1.00 45.00 ? 98  GLU A CG  1 
ATOM   726  C  CD  . GLU A 1 98  ? -7.133  -13.951 -1.790  1.00 47.61 ? 98  GLU A CD  1 
ATOM   727  O  OE1 . GLU A 1 98  ? -7.292  -12.972 -1.032  1.00 49.46 ? 98  GLU A OE1 1 
ATOM   728  O  OE2 . GLU A 1 98  ? -7.751  -15.027 -1.654  1.00 49.43 ? 98  GLU A OE2 1 
ATOM   729  N  N   . ASN A 1 99  ? -5.675  -11.332 -7.062  1.00 26.60 ? 99  ASN A N   1 
ATOM   730  C  CA  . ASN A 1 99  ? -5.992  -10.281 -8.028  1.00 24.26 ? 99  ASN A CA  1 
ATOM   731  C  C   . ASN A 1 99  ? -5.464  -8.877  -7.739  1.00 21.76 ? 99  ASN A C   1 
ATOM   732  O  O   . ASN A 1 99  ? -6.092  -7.887  -8.113  1.00 23.08 ? 99  ASN A O   1 
ATOM   733  C  CB  . ASN A 1 99  ? -7.508  -10.224 -8.275  1.00 33.73 ? 99  ASN A CB  1 
ATOM   734  C  CG  . ASN A 1 99  ? -8.303  -9.969  -7.012  1.00 38.00 ? 99  ASN A CG  1 
ATOM   735  O  OD1 . ASN A 1 99  ? -8.153  -8.932  -6.366  1.00 40.44 ? 99  ASN A OD1 1 
ATOM   736  N  ND2 . ASN A 1 99  ? -9.163  -10.918 -6.654  1.00 39.53 ? 99  ASN A ND2 1 
ATOM   737  N  N   . VAL A 1 100 ? -4.306  -8.794  -7.088  1.00 14.96 ? 100 VAL A N   1 
ATOM   738  C  CA  . VAL A 1 100 ? -3.680  -7.508  -6.788  1.00 13.65 ? 100 VAL A CA  1 
ATOM   739  C  C   . VAL A 1 100 ? -2.252  -7.504  -7.322  1.00 11.79 ? 100 VAL A C   1 
ATOM   740  O  O   . VAL A 1 100 ? -1.486  -8.446  -7.094  1.00 12.00 ? 100 VAL A O   1 
ATOM   741  C  CB  . VAL A 1 100 ? -3.629  -7.222  -5.273  1.00 13.23 ? 100 VAL A CB  1 
ATOM   742  C  CG1 . VAL A 1 100 ? -2.930  -5.890  -5.019  1.00 13.90 ? 100 VAL A CG1 1 
ATOM   743  C  CG2 . VAL A 1 100 ? -5.036  -7.201  -4.702  1.00 15.12 ? 100 VAL A CG2 1 
ATOM   744  N  N   . CYS A 1 101 ? -1.901  -6.438  -8.034  1.00 10.49 ? 101 CYS A N   1 
ATOM   745  C  CA  . CYS A 1 101 ? -0.570  -6.287  -8.611  1.00 10.11 ? 101 CYS A CA  1 
ATOM   746  C  C   . CYS A 1 101 ? 0.052   -4.958  -8.234  1.00 10.15 ? 101 CYS A C   1 
ATOM   747  O  O   . CYS A 1 101 ? -0.636  -4.035  -7.805  1.00 10.18 ? 101 CYS A O   1 
ATOM   748  C  CB  . CYS A 1 101 ? -0.627  -6.320  -10.137 1.00 10.79 ? 101 CYS A CB  1 
ATOM   749  S  SG  . CYS A 1 101 ? -1.265  -7.824  -10.877 1.00 13.39 ? 101 CYS A SG  1 
ATOM   750  N  N   . ILE A 1 102 ? 1.368   -4.881  -8.401  1.00 10.58 ? 102 ILE A N   1 
ATOM   751  C  CA  . ILE A 1 102 ? 2.104   -3.647  -8.170  1.00 10.87 ? 102 ILE A CA  1 
ATOM   752  C  C   . ILE A 1 102 ? 2.880   -3.426  -9.453  1.00 11.37 ? 102 ILE A C   1 
ATOM   753  O  O   . ILE A 1 102 ? 3.585   -4.317  -9.927  1.00 11.78 ? 102 ILE A O   1 
ATOM   754  C  CB  . ILE A 1 102 ? 3.072   -3.744  -6.988  1.00 12.67 ? 102 ILE A CB  1 
ATOM   755  C  CG1 . ILE A 1 102 ? 2.277   -3.979  -5.708  1.00 16.90 ? 102 ILE A CG1 1 
ATOM   756  C  CG2 . ILE A 1 102 ? 3.881   -2.459  -6.877  1.00 14.47 ? 102 ILE A CG2 1 
ATOM   757  C  CD1 . ILE A 1 102 ? 3.097   -3.891  -4.452  1.00 17.88 ? 102 ILE A CD1 1 
ATOM   758  N  N   . THR A 1 103 ? 2.727   -2.238  -10.016 1.00 9.14  ? 103 THR A N   1 
ATOM   759  C  CA  . THR A 1 103 ? 3.363   -1.886  -11.278 1.00 10.10 ? 103 THR A CA  1 
ATOM   760  C  C   . THR A 1 103 ? 4.205   -0.626  -11.137 1.00 10.52 ? 103 THR A C   1 
ATOM   761  O  O   . THR A 1 103 ? 3.751   0.378   -10.586 1.00 9.83  ? 103 THR A O   1 
ATOM   762  C  CB  . THR A 1 103 ? 2.281   -1.684  -12.358 1.00 9.83  ? 103 THR A CB  1 
ATOM   763  O  OG1 . THR A 1 103 ? 1.606   -2.932  -12.577 1.00 10.90 ? 103 THR A OG1 1 
ATOM   764  C  CG2 . THR A 1 103 ? 2.887   -1.186  -13.658 1.00 11.32 ? 103 THR A CG2 1 
ATOM   765  N  N   . THR A 1 104 ? 5.437   -0.687  -11.640 1.00 11.34 ? 104 THR A N   1 
ATOM   766  C  CA  . THR A 1 104 ? 6.356   0.441   -11.562 1.00 11.32 ? 104 THR A CA  1 
ATOM   767  C  C   . THR A 1 104 ? 6.708   1.038   -12.922 1.00 11.72 ? 104 THR A C   1 
ATOM   768  O  O   . THR A 1 104 ? 7.458   2.009   -12.992 1.00 12.30 ? 104 THR A O   1 
ATOM   769  C  CB  . THR A 1 104 ? 7.660   0.034   -10.858 1.00 11.59 ? 104 THR A CB  1 
ATOM   770  O  OG1 . THR A 1 104 ? 8.219   -1.106  -11.522 1.00 14.62 ? 104 THR A OG1 1 
ATOM   771  C  CG2 . THR A 1 104 ? 7.396   -0.305  -9.399  1.00 13.61 ? 104 THR A CG2 1 
ATOM   772  N  N   . SER A 1 105 ? 6.185   0.465   -14.001 1.00 11.01 ? 105 SER A N   1 
ATOM   773  C  CA  . SER A 1 105 ? 6.467   1.002   -15.326 1.00 10.88 ? 105 SER A CA  1 
ATOM   774  C  C   . SER A 1 105 ? 5.587   2.218   -15.600 1.00 11.59 ? 105 SER A C   1 
ATOM   775  O  O   . SER A 1 105 ? 4.548   2.409   -14.960 1.00 11.72 ? 105 SER A O   1 
ATOM   776  C  CB  . SER A 1 105 ? 6.279   -0.076  -16.399 1.00 11.72 ? 105 SER A CB  1 
ATOM   777  O  OG  . SER A 1 105 ? 5.101   -0.830  -16.186 1.00 10.95 ? 105 SER A OG  1 
ATOM   778  N  N   . LYS A 1 106 ? 6.006   3.043   -16.551 1.00 12.71 ? 106 LYS A N   1 
ATOM   779  C  CA  . LYS A 1 106 ? 5.282   4.264   -16.872 1.00 13.30 ? 106 LYS A CA  1 
ATOM   780  C  C   . LYS A 1 106 ? 4.051   4.084   -17.759 1.00 11.86 ? 106 LYS A C   1 
ATOM   781  O  O   . LYS A 1 106 ? 3.201   4.975   -17.837 1.00 12.36 ? 106 LYS A O   1 
ATOM   782  C  CB  . LYS A 1 106 ? 6.260   5.273   -17.480 1.00 16.71 ? 106 LYS A CB  1 
ATOM   783  C  CG  . LYS A 1 106 ? 7.440   5.547   -16.544 1.00 20.20 ? 106 LYS A CG  1 
ATOM   784  C  CD  . LYS A 1 106 ? 8.471   6.482   -17.147 1.00 21.24 ? 106 LYS A CD  1 
ATOM   785  C  CE  . LYS A 1 106 ? 7.957   7.905   -17.241 1.00 22.64 ? 106 LYS A CE  1 
ATOM   786  N  NZ  . LYS A 1 106 ? 9.005   8.806   -17.793 1.00 23.79 ? 106 LYS A NZ  1 
ATOM   787  N  N   . ASP A 1 107 ? 3.939   2.932   -18.410 1.00 12.20 ? 107 ASP A N   1 
ATOM   788  C  CA  . ASP A 1 107 ? 2.786   2.685   -19.259 1.00 11.55 ? 107 ASP A CA  1 
ATOM   789  C  C   . ASP A 1 107 ? 1.466   2.811   -18.494 1.00 11.41 ? 107 ASP A C   1 
ATOM   790  O  O   . ASP A 1 107 ? 0.498   3.363   -19.011 1.00 12.51 ? 107 ASP A O   1 
ATOM   791  C  CB  . ASP A 1 107 ? 2.894   1.309   -19.941 1.00 12.93 ? 107 ASP A CB  1 
ATOM   792  C  CG  . ASP A 1 107 ? 3.143   0.168   -18.964 1.00 14.90 ? 107 ASP A CG  1 
ATOM   793  O  OD1 . ASP A 1 107 ? 3.350   0.417   -17.759 1.00 12.69 ? 107 ASP A OD1 1 
ATOM   794  O  OD2 . ASP A 1 107 ? 3.139   -0.998  -19.418 1.00 16.48 ? 107 ASP A OD2 1 
ATOM   795  N  N   . ILE A 1 108 ? 1.427   2.332   -17.254 1.00 10.80 ? 108 ILE A N   1 
ATOM   796  C  CA  . ILE A 1 108 ? 0.195   2.415   -16.479 1.00 9.73  ? 108 ILE A CA  1 
ATOM   797  C  C   . ILE A 1 108 ? -0.139  3.869   -16.121 1.00 10.10 ? 108 ILE A C   1 
ATOM   798  O  O   . ILE A 1 108 ? -1.304  4.210   -15.913 1.00 9.39  ? 108 ILE A O   1 
ATOM   799  C  CB  . ILE A 1 108 ? 0.282   1.536   -15.201 1.00 9.62  ? 108 ILE A CB  1 
ATOM   800  C  CG1 . ILE A 1 108 ? -1.120  1.298   -14.627 1.00 9.92  ? 108 ILE A CG1 1 
ATOM   801  C  CG2 . ILE A 1 108 ? 1.179   2.196   -14.162 1.00 10.67 ? 108 ILE A CG2 1 
ATOM   802  C  CD1 . ILE A 1 108 ? -1.165  0.197   -13.580 1.00 10.67 ? 108 ILE A CD1 1 
ATOM   803  N  N   . LEU A 1 109 ? 0.879   4.726   -16.067 1.00 8.96  ? 109 LEU A N   1 
ATOM   804  C  CA  . LEU A 1 109 ? 0.660   6.141   -15.765 1.00 8.83  ? 109 LEU A CA  1 
ATOM   805  C  C   . LEU A 1 109 ? -0.090  6.806   -16.914 1.00 9.48  ? 109 LEU A C   1 
ATOM   806  O  O   . LEU A 1 109 ? -0.939  7.670   -16.696 1.00 9.51  ? 109 LEU A O   1 
ATOM   807  C  CB  . LEU A 1 109 ? 1.993   6.862   -15.537 1.00 11.06 ? 109 LEU A CB  1 
ATOM   808  C  CG  . LEU A 1 109 ? 2.868   6.347   -14.391 1.00 9.53  ? 109 LEU A CG  1 
ATOM   809  C  CD1 . LEU A 1 109 ? 4.093   7.236   -14.277 1.00 12.31 ? 109 LEU A CD1 1 
ATOM   810  C  CD2 . LEU A 1 109 ? 2.089   6.337   -13.077 1.00 11.94 ? 109 LEU A CD2 1 
ATOM   811  N  N   . ASP A 1 110 ? 0.231   6.407   -18.142 1.00 11.23 ? 110 ASP A N   1 
ATOM   812  C  CA  . ASP A 1 110 ? -0.454  6.971   -19.297 1.00 12.54 ? 110 ASP A CA  1 
ATOM   813  C  C   . ASP A 1 110 ? -1.911  6.522   -19.283 1.00 12.53 ? 110 ASP A C   1 
ATOM   814  O  O   . ASP A 1 110 ? -2.811  7.280   -19.652 1.00 12.61 ? 110 ASP A O   1 
ATOM   815  C  CB  . ASP A 1 110 ? 0.218   6.531   -20.601 1.00 16.32 ? 110 ASP A CB  1 
ATOM   816  C  CG  . ASP A 1 110 ? 1.560   7.202   -20.818 1.00 20.20 ? 110 ASP A CG  1 
ATOM   817  O  OD1 . ASP A 1 110 ? 1.667   8.418   -20.556 1.00 22.11 ? 110 ASP A OD1 1 
ATOM   818  O  OD2 . ASP A 1 110 ? 2.504   6.519   -21.267 1.00 24.18 ? 110 ASP A OD2 1 
ATOM   819  N  N   . ALA A 1 111 ? -2.143  5.288   -18.851 1.00 11.91 ? 111 ALA A N   1 
ATOM   820  C  CA  . ALA A 1 111 ? -3.497  4.754   -18.774 1.00 11.34 ? 111 ALA A CA  1 
ATOM   821  C  C   . ALA A 1 111 ? -4.284  5.552   -17.738 1.00 11.65 ? 111 ALA A C   1 
ATOM   822  O  O   . ALA A 1 111 ? -5.426  5.950   -17.977 1.00 12.05 ? 111 ALA A O   1 
ATOM   823  C  CB  . ALA A 1 111 ? -3.457  3.280   -18.394 1.00 11.69 ? 111 ALA A CB  1 
ATOM   824  N  N   . ILE A 1 112 ? -3.669  5.790   -16.585 1.00 9.67  ? 112 ILE A N   1 
ATOM   825  C  CA  . ILE A 1 112 ? -4.315  6.564   -15.535 1.00 9.15  ? 112 ILE A CA  1 
ATOM   826  C  C   . ILE A 1 112 ? -4.625  7.968   -16.056 1.00 8.94  ? 112 ILE A C   1 
ATOM   827  O  O   . ILE A 1 112 ? -5.719  8.490   -15.846 1.00 8.48  ? 112 ILE A O   1 
ATOM   828  C  CB  . ILE A 1 112 ? -3.403  6.660   -14.292 1.00 9.28  ? 112 ILE A CB  1 
ATOM   829  C  CG1 . ILE A 1 112 ? -3.319  5.292   -13.608 1.00 10.15 ? 112 ILE A CG1 1 
ATOM   830  C  CG2 . ILE A 1 112 ? -3.926  7.715   -13.328 1.00 9.65  ? 112 ILE A CG2 1 
ATOM   831  C  CD1 . ILE A 1 112 ? -2.239  5.196   -12.542 1.00 11.24 ? 112 ILE A CD1 1 
ATOM   832  N  N   . ALA A 1 113 ? -3.664  8.570   -16.756 1.00 9.42  ? 113 ALA A N   1 
ATOM   833  C  CA  . ALA A 1 113 ? -3.837  9.918   -17.294 1.00 9.12  ? 113 ALA A CA  1 
ATOM   834  C  C   . ALA A 1 113 ? -5.052  10.052  -18.201 1.00 9.61  ? 113 ALA A C   1 
ATOM   835  O  O   . ALA A 1 113 ? -5.697  11.099  -18.227 1.00 10.64 ? 113 ALA A O   1 
ATOM   836  C  CB  . ALA A 1 113 ? -2.579  10.345  -18.043 1.00 10.03 ? 113 ALA A CB  1 
ATOM   837  N  N   . HIS A 1 114 ? -5.359  8.990   -18.940 1.00 8.74  ? 114 HIS A N   1 
ATOM   838  C  CA  . HIS A 1 114 ? -6.492  8.983   -19.861 1.00 8.76  ? 114 HIS A CA  1 
ATOM   839  C  C   . HIS A 1 114 ? -7.734  8.313   -19.275 1.00 8.78  ? 114 HIS A C   1 
ATOM   840  O  O   . HIS A 1 114 ? -8.695  8.042   -19.995 1.00 9.17  ? 114 HIS A O   1 
ATOM   841  C  CB  . HIS A 1 114 ? -6.093  8.284   -21.168 1.00 9.18  ? 114 HIS A CB  1 
ATOM   842  C  CG  . HIS A 1 114 ? -5.136  9.071   -22.011 1.00 11.40 ? 114 HIS A CG  1 
ATOM   843  N  ND1 . HIS A 1 114 ? -5.552  9.998   -22.942 1.00 12.16 ? 114 HIS A ND1 1 
ATOM   844  C  CD2 . HIS A 1 114 ? -3.782  9.067   -22.062 1.00 14.95 ? 114 HIS A CD2 1 
ATOM   845  C  CE1 . HIS A 1 114 ? -4.496  10.532  -23.533 1.00 13.32 ? 114 HIS A CE1 1 
ATOM   846  N  NE2 . HIS A 1 114 ? -3.410  9.984   -23.017 1.00 15.48 ? 114 HIS A NE2 1 
ATOM   847  N  N   . ASN A 1 115 ? -7.705  8.038   -17.972 1.00 8.59  ? 115 ASN A N   1 
ATOM   848  C  CA  . ASN A 1 115 ? -8.836  7.427   -17.272 1.00 8.89  ? 115 ASN A CA  1 
ATOM   849  C  C   . ASN A 1 115 ? -9.299  6.104   -17.872 1.00 8.61  ? 115 ASN A C   1 
ATOM   850  O  O   . ASN A 1 115 ? -10.500 5.860   -17.995 1.00 10.49 ? 115 ASN A O   1 
ATOM   851  C  CB  . ASN A 1 115 ? -10.025 8.395   -17.248 1.00 10.28 ? 115 ASN A CB  1 
ATOM   852  C  CG  . ASN A 1 115 ? -9.680  9.724   -16.618 1.00 10.31 ? 115 ASN A CG  1 
ATOM   853  O  OD1 . ASN A 1 115 ? -9.166  9.778   -15.502 1.00 10.21 ? 115 ASN A OD1 1 
ATOM   854  N  ND2 . ASN A 1 115 ? -9.963  10.810  -17.330 1.00 10.83 ? 115 ASN A ND2 1 
ATOM   855  N  N   . GLU A 1 116 ? -8.369  5.232   -18.233 1.00 9.05  ? 116 GLU A N   1 
ATOM   856  C  CA  . GLU A 1 116 ? -8.803  3.975   -18.824 1.00 9.69  ? 116 GLU A CA  1 
ATOM   857  C  C   . GLU A 1 116 ? -7.911  2.766   -18.602 1.00 11.24 ? 116 GLU A C   1 
ATOM   858  O  O   . GLU A 1 116 ? -6.694  2.883   -18.487 1.00 12.84 ? 116 GLU A O   1 
ATOM   859  C  CB  . GLU A 1 116 ? -9.017  4.161   -20.330 1.00 11.32 ? 116 GLU A CB  1 
ATOM   860  C  CG  . GLU A 1 116 ? -7.759  4.519   -21.089 1.00 12.15 ? 116 GLU A CG  1 
ATOM   861  C  CD  . GLU A 1 116 ? -7.981  4.527   -22.583 1.00 11.12 ? 116 GLU A CD  1 
ATOM   862  O  OE1 . GLU A 1 116 ? -8.657  5.446   -23.081 1.00 10.56 ? 116 GLU A OE1 1 
ATOM   863  O  OE2 . GLU A 1 116 ? -7.485  3.604   -23.257 1.00 14.32 ? 116 GLU A OE2 1 
ATOM   864  N  N   . GLY A 1 117 ? -8.550  1.601   -18.547 1.00 11.14 ? 117 GLY A N   1 
ATOM   865  C  CA  . GLY A 1 117 ? -7.846  0.339   -18.396 1.00 12.97 ? 117 GLY A CA  1 
ATOM   866  C  C   . GLY A 1 117 ? -7.069  0.087   -17.122 1.00 12.89 ? 117 GLY A C   1 
ATOM   867  O  O   . GLY A 1 117 ? -6.204  -0.795  -17.083 1.00 14.32 ? 117 GLY A O   1 
ATOM   868  N  N   . VAL A 1 118 ? -7.369  0.842   -16.074 1.00 12.03 ? 118 VAL A N   1 
ATOM   869  C  CA  . VAL A 1 118 ? -6.668  0.658   -14.815 1.00 13.73 ? 118 VAL A CA  1 
ATOM   870  C  C   . VAL A 1 118 ? -7.586  0.167   -13.705 1.00 14.11 ? 118 VAL A C   1 
ATOM   871  O  O   . VAL A 1 118 ? -7.202  -0.703  -12.927 1.00 13.83 ? 118 VAL A O   1 
ATOM   872  C  CB  . VAL A 1 118 ? -5.991  1.965   -14.357 1.00 15.92 ? 118 VAL A CB  1 
ATOM   873  C  CG1 . VAL A 1 118 ? -5.270  1.745   -13.031 1.00 18.46 ? 118 VAL A CG1 1 
ATOM   874  C  CG2 . VAL A 1 118 ? -5.018  2.438   -15.420 1.00 18.32 ? 118 VAL A CG2 1 
ATOM   875  N  N   . GLY A 1 119 ? -8.793  0.718   -13.637 1.00 13.25 ? 119 GLY A N   1 
ATOM   876  C  CA  . GLY A 1 119 ? -9.728  0.331   -12.592 1.00 12.54 ? 119 GLY A CA  1 
ATOM   877  C  C   . GLY A 1 119 ? -9.302  0.946   -11.269 1.00 12.38 ? 119 GLY A C   1 
ATOM   878  O  O   . GLY A 1 119 ? -8.511  1.890   -11.252 1.00 13.33 ? 119 GLY A O   1 
ATOM   879  N  N   . ARG A 1 120 ? -9.809  0.423   -10.157 1.00 10.33 ? 120 ARG A N   1 
ATOM   880  C  CA  . ARG A 1 120 ? -9.430  0.945   -8.844  1.00 9.37  ? 120 ARG A CA  1 
ATOM   881  C  C   . ARG A 1 120 ? -7.921  0.849   -8.669  1.00 8.24  ? 120 ARG A C   1 
ATOM   882  O  O   . ARG A 1 120 ? -7.311  -0.167  -9.003  1.00 9.05  ? 120 ARG A O   1 
ATOM   883  C  CB  . ARG A 1 120 ? -10.110 0.149   -7.733  1.00 11.08 ? 120 ARG A CB  1 
ATOM   884  C  CG  . ARG A 1 120 ? -11.613 0.319   -7.670  1.00 14.31 ? 120 ARG A CG  1 
ATOM   885  C  CD  . ARG A 1 120 ? -12.236 -0.736  -6.772  1.00 16.87 ? 120 ARG A CD  1 
ATOM   886  N  NE  . ARG A 1 120 ? -12.113 -2.075  -7.347  1.00 16.69 ? 120 ARG A NE  1 
ATOM   887  C  CZ  . ARG A 1 120 ? -12.490 -3.191  -6.731  1.00 19.27 ? 120 ARG A CZ  1 
ATOM   888  N  NH1 . ARG A 1 120 ? -13.015 -3.134  -5.514  1.00 19.71 ? 120 ARG A NH1 1 
ATOM   889  N  NH2 . ARG A 1 120 ? -12.342 -4.365  -7.330  1.00 20.68 ? 120 ARG A NH2 1 
ATOM   890  N  N   . TYR A 1 121 ? -7.314  1.900   -8.132  1.00 7.14  ? 121 TYR A N   1 
ATOM   891  C  CA  . TYR A 1 121 ? -5.871  1.881   -7.957  1.00 7.70  ? 121 TYR A CA  1 
ATOM   892  C  C   . TYR A 1 121 ? -5.395  2.778   -6.835  1.00 6.89  ? 121 TYR A C   1 
ATOM   893  O  O   . TYR A 1 121 ? -6.136  3.615   -6.321  1.00 8.00  ? 121 TYR A O   1 
ATOM   894  C  CB  . TYR A 1 121 ? -5.177  2.335   -9.254  1.00 8.65  ? 121 TYR A CB  1 
ATOM   895  C  CG  . TYR A 1 121 ? -5.211  3.841   -9.511  1.00 7.04  ? 121 TYR A CG  1 
ATOM   896  C  CD1 . TYR A 1 121 ? -6.288  4.435   -10.174 1.00 7.44  ? 121 TYR A CD1 1 
ATOM   897  C  CD2 . TYR A 1 121 ? -4.168  4.669   -9.092  1.00 6.95  ? 121 TYR A CD2 1 
ATOM   898  C  CE1 . TYR A 1 121 ? -6.324  5.824   -10.413 1.00 8.49  ? 121 TYR A CE1 1 
ATOM   899  C  CE2 . TYR A 1 121 ? -4.194  6.056   -9.328  1.00 6.28  ? 121 TYR A CE2 1 
ATOM   900  C  CZ  . TYR A 1 121 ? -5.276  6.625   -9.984  1.00 6.82  ? 121 TYR A CZ  1 
ATOM   901  O  OH  . TYR A 1 121 ? -5.310  7.994   -10.184 1.00 7.60  ? 121 TYR A OH  1 
ATOM   902  N  N   . GLN A 1 122 ? -4.142  2.570   -6.452  1.00 7.72  ? 122 GLN A N   1 
ATOM   903  C  CA  . GLN A 1 122 ? -3.481  3.429   -5.486  1.00 7.85  ? 122 GLN A CA  1 
ATOM   904  C  C   . GLN A 1 122 ? -2.113  3.683   -6.097  1.00 8.04  ? 122 GLN A C   1 
ATOM   905  O  O   . GLN A 1 122 ? -1.546  2.804   -6.746  1.00 9.16  ? 122 GLN A O   1 
ATOM   906  C  CB  . GLN A 1 122 ? -3.277  2.760   -4.122  1.00 8.33  ? 122 GLN A CB  1 
ATOM   907  C  CG  . GLN A 1 122 ? -4.532  2.377   -3.366  1.00 10.20 ? 122 GLN A CG  1 
ATOM   908  C  CD  . GLN A 1 122 ? -5.495  3.527   -3.166  1.00 8.02  ? 122 GLN A CD  1 
ATOM   909  O  OE1 . GLN A 1 122 ? -5.108  4.698   -3.171  1.00 9.04  ? 122 GLN A OE1 1 
ATOM   910  N  NE2 . GLN A 1 122 ? -6.762  3.195   -2.969  1.00 11.08 ? 122 GLN A NE2 1 
ATOM   911  N  N   . ILE A 1 123 ? -1.607  4.897   -5.937  1.00 7.16  ? 123 ILE A N   1 
ATOM   912  C  CA  . ILE A 1 123 ? -0.270  5.201   -6.413  1.00 8.46  ? 123 ILE A CA  1 
ATOM   913  C  C   . ILE A 1 123 ? 0.442   5.770   -5.194  1.00 7.31  ? 123 ILE A C   1 
ATOM   914  O  O   . ILE A 1 123 ? -0.018  6.735   -4.576  1.00 7.94  ? 123 ILE A O   1 
ATOM   915  C  CB  . ILE A 1 123 ? -0.264  6.188   -7.613  1.00 9.24  ? 123 ILE A CB  1 
ATOM   916  C  CG1 . ILE A 1 123 ? 1.183   6.440   -8.042  1.00 10.09 ? 123 ILE A CG1 1 
ATOM   917  C  CG2 . ILE A 1 123 ? -0.977  7.482   -7.265  1.00 9.85  ? 123 ILE A CG2 1 
ATOM   918  C  CD1 . ILE A 1 123 ? 1.326   7.071   -9.414  1.00 11.15 ? 123 ILE A CD1 1 
ATOM   919  N  N   . ALA A 1 124 ? 1.549   5.135   -4.828  1.00 7.52  ? 124 ALA A N   1 
ATOM   920  C  CA  . ALA A 1 124 ? 2.297   5.536   -3.649  1.00 8.16  ? 124 ALA A CA  1 
ATOM   921  C  C   . ALA A 1 124 ? 3.728   5.906   -3.976  1.00 9.18  ? 124 ALA A C   1 
ATOM   922  O  O   . ALA A 1 124 ? 4.333   5.332   -4.877  1.00 9.50  ? 124 ALA A O   1 
ATOM   923  C  CB  . ALA A 1 124 ? 2.281   4.402   -2.626  1.00 10.03 ? 124 ALA A CB  1 
ATOM   924  N  N   . LEU A 1 125 ? 4.246   6.887   -3.243  1.00 8.39  ? 125 LEU A N   1 
ATOM   925  C  CA  . LEU A 1 125 ? 5.623   7.344   -3.392  1.00 8.46  ? 125 LEU A CA  1 
ATOM   926  C  C   . LEU A 1 125 ? 6.356   6.894   -2.134  1.00 8.79  ? 125 LEU A C   1 
ATOM   927  O  O   . LEU A 1 125 ? 5.926   7.194   -1.017  1.00 9.53  ? 125 LEU A O   1 
ATOM   928  C  CB  . LEU A 1 125 ? 5.677   8.868   -3.501  1.00 9.60  ? 125 LEU A CB  1 
ATOM   929  C  CG  . LEU A 1 125 ? 5.103   9.468   -4.788  1.00 10.55 ? 125 LEU A CG  1 
ATOM   930  C  CD1 . LEU A 1 125 ? 5.059   10.986  -4.674  1.00 13.19 ? 125 LEU A CD1 1 
ATOM   931  C  CD2 . LEU A 1 125 ? 5.952   9.035   -5.977  1.00 13.25 ? 125 LEU A CD2 1 
ATOM   932  N  N   . GLY A 1 126 ? 7.458   6.180   -2.324  1.00 8.49  ? 126 GLY A N   1 
ATOM   933  C  CA  . GLY A 1 126 ? 8.227   5.682   -1.197  1.00 9.33  ? 126 GLY A CA  1 
ATOM   934  C  C   . GLY A 1 126 ? 7.695   4.345   -0.713  1.00 9.85  ? 126 GLY A C   1 
ATOM   935  O  O   . GLY A 1 126 ? 6.576   3.948   -1.051  1.00 10.19 ? 126 GLY A O   1 
ATOM   936  N  N   . TYR A 1 127 ? 8.497   3.639   0.073   1.00 10.42 ? 127 TYR A N   1 
ATOM   937  C  CA  . TYR A 1 127 ? 8.084   2.347   0.597   1.00 11.02 ? 127 TYR A CA  1 
ATOM   938  C  C   . TYR A 1 127 ? 8.775   2.040   1.920   1.00 11.24 ? 127 TYR A C   1 
ATOM   939  O  O   . TYR A 1 127 ? 9.628   2.804   2.386   1.00 12.03 ? 127 TYR A O   1 
ATOM   940  C  CB  . TYR A 1 127 ? 8.383   1.230   -0.415  1.00 12.23 ? 127 TYR A CB  1 
ATOM   941  C  CG  . TYR A 1 127 ? 9.856   1.000   -0.691  1.00 14.14 ? 127 TYR A CG  1 
ATOM   942  C  CD1 . TYR A 1 127 ? 10.579  1.866   -1.509  1.00 14.45 ? 127 TYR A CD1 1 
ATOM   943  C  CD2 . TYR A 1 127 ? 10.524  -0.086  -0.132  1.00 15.45 ? 127 TYR A CD2 1 
ATOM   944  C  CE1 . TYR A 1 127 ? 11.939  1.652   -1.766  1.00 17.91 ? 127 TYR A CE1 1 
ATOM   945  C  CE2 . TYR A 1 127 ? 11.882  -0.309  -0.381  1.00 17.38 ? 127 TYR A CE2 1 
ATOM   946  C  CZ  . TYR A 1 127 ? 12.579  0.562   -1.198  1.00 18.21 ? 127 TYR A CZ  1 
ATOM   947  O  OH  . TYR A 1 127 ? 13.915  0.338   -1.450  1.00 22.36 ? 127 TYR A OH  1 
ATOM   948  N  N   . ALA A 1 128 ? 8.377   0.924   2.522   1.00 10.58 ? 128 ALA A N   1 
ATOM   949  C  CA  . ALA A 1 128 ? 8.946   0.464   3.784   1.00 12.02 ? 128 ALA A CA  1 
ATOM   950  C  C   . ALA A 1 128 ? 9.726   -0.812  3.495   1.00 12.22 ? 128 ALA A C   1 
ATOM   951  O  O   . ALA A 1 128 ? 9.306   -1.635  2.680   1.00 13.15 ? 128 ALA A O   1 
ATOM   952  C  CB  . ALA A 1 128 ? 7.834   0.188   4.787   1.00 13.11 ? 128 ALA A CB  1 
ATOM   953  N  N   . SER A 1 129 ? 10.862  -0.979  4.165   1.00 14.09 ? 129 SER A N   1 
ATOM   954  C  CA  . SER A 1 129 ? 11.689  -2.159  3.948   1.00 16.39 ? 129 SER A CA  1 
ATOM   955  C  C   . SER A 1 129 ? 12.261  -2.740  5.234   1.00 16.73 ? 129 SER A C   1 
ATOM   956  O  O   . SER A 1 129 ? 12.537  -2.019  6.193   1.00 18.06 ? 129 SER A O   1 
ATOM   957  C  CB  . SER A 1 129 ? 12.832  -1.822  2.989   1.00 19.67 ? 129 SER A CB  1 
ATOM   958  O  OG  . SER A 1 129 ? 13.607  -2.972  2.695   1.00 23.43 ? 129 SER A OG  1 
ATOM   959  N  N   . TRP A 1 130 ? 12.428  -4.056  5.234   1.00 15.84 ? 130 TRP A N   1 
ATOM   960  C  CA  . TRP A 1 130 ? 12.979  -4.779  6.373   1.00 17.33 ? 130 TRP A CA  1 
ATOM   961  C  C   . TRP A 1 130 ? 14.108  -5.664  5.872   1.00 18.62 ? 130 TRP A C   1 
ATOM   962  O  O   . TRP A 1 130 ? 13.994  -6.282  4.813   1.00 17.97 ? 130 TRP A O   1 
ATOM   963  C  CB  . TRP A 1 130 ? 11.906  -5.658  7.015   1.00 16.83 ? 130 TRP A CB  1 
ATOM   964  C  CG  . TRP A 1 130 ? 10.867  -4.905  7.787   1.00 17.16 ? 130 TRP A CG  1 
ATOM   965  C  CD1 . TRP A 1 130 ? 10.871  -4.640  9.124   1.00 16.16 ? 130 TRP A CD1 1 
ATOM   966  C  CD2 . TRP A 1 130 ? 9.661   -4.329  7.267   1.00 16.39 ? 130 TRP A CD2 1 
ATOM   967  N  NE1 . TRP A 1 130 ? 9.740   -3.940  9.474   1.00 16.96 ? 130 TRP A NE1 1 
ATOM   968  C  CE2 . TRP A 1 130 ? 8.980   -3.735  8.352   1.00 16.03 ? 130 TRP A CE2 1 
ATOM   969  C  CE3 . TRP A 1 130 ? 9.089   -4.260  5.989   1.00 15.21 ? 130 TRP A CE3 1 
ATOM   970  C  CZ2 . TRP A 1 130 ? 7.753   -3.078  8.200   1.00 15.09 ? 130 TRP A CZ2 1 
ATOM   971  C  CZ3 . TRP A 1 130 ? 7.866   -3.605  5.836   1.00 16.10 ? 130 TRP A CZ3 1 
ATOM   972  C  CH2 . TRP A 1 130 ? 7.213   -3.025  6.939   1.00 14.63 ? 130 TRP A CH2 1 
ATOM   973  N  N   . GLY A 1 131 ? 15.194  -5.717  6.636   1.00 20.09 ? 131 GLY A N   1 
ATOM   974  C  CA  . GLY A 1 131 ? 16.321  -6.546  6.259   1.00 20.80 ? 131 GLY A CA  1 
ATOM   975  C  C   . GLY A 1 131 ? 16.046  -7.993  6.617   1.00 21.93 ? 131 GLY A C   1 
ATOM   976  O  O   . GLY A 1 131 ? 14.976  -8.316  7.130   1.00 20.95 ? 131 GLY A O   1 
ATOM   977  N  N   . LYS A 1 132 ? 17.011  -8.866  6.358   1.00 22.83 ? 132 LYS A N   1 
ATOM   978  C  CA  . LYS A 1 132 ? 16.847  -10.283 6.653   1.00 24.19 ? 132 LYS A CA  1 
ATOM   979  C  C   . LYS A 1 132 ? 16.444  -10.523 8.109   1.00 24.09 ? 132 LYS A C   1 
ATOM   980  O  O   . LYS A 1 132 ? 17.110  -10.057 9.032   1.00 24.02 ? 132 LYS A O   1 
ATOM   981  C  CB  . LYS A 1 132 ? 18.147  -11.030 6.345   1.00 32.83 ? 132 LYS A CB  1 
ATOM   982  C  CG  . LYS A 1 132 ? 18.045  -12.540 6.465   1.00 35.44 ? 132 LYS A CG  1 
ATOM   983  C  CD  . LYS A 1 132 ? 19.348  -13.207 6.059   1.00 37.70 ? 132 LYS A CD  1 
ATOM   984  C  CE  . LYS A 1 132 ? 19.243  -14.721 6.145   1.00 38.14 ? 132 LYS A CE  1 
ATOM   985  N  NZ  . LYS A 1 132 ? 18.921  -15.178 7.524   1.00 39.49 ? 132 LYS A NZ  1 
ATOM   986  N  N   . ASN A 1 133 ? 15.338  -11.241 8.293   1.00 24.29 ? 133 ASN A N   1 
ATOM   987  C  CA  . ASN A 1 133 ? 14.817  -11.582 9.616   1.00 24.47 ? 133 ASN A CA  1 
ATOM   988  C  C   . ASN A 1 133 ? 14.322  -10.396 10.447  1.00 23.69 ? 133 ASN A C   1 
ATOM   989  O  O   . ASN A 1 133 ? 13.826  -10.582 11.558  1.00 23.63 ? 133 ASN A O   1 
ATOM   990  C  CB  . ASN A 1 133 ? 15.883  -12.340 10.418  1.00 31.40 ? 133 ASN A CB  1 
ATOM   991  C  CG  . ASN A 1 133 ? 16.257  -13.672 9.790   1.00 33.22 ? 133 ASN A CG  1 
ATOM   992  O  OD1 . ASN A 1 133 ? 17.229  -14.308 10.196  1.00 34.54 ? 133 ASN A OD1 1 
ATOM   993  N  ND2 . ASN A 1 133 ? 15.483  -14.103 8.801   1.00 34.70 ? 133 ASN A ND2 1 
ATOM   994  N  N   . GLN A 1 134 ? 14.440  -9.184  9.911   1.00 20.34 ? 134 GLN A N   1 
ATOM   995  C  CA  . GLN A 1 134 ? 14.022  -7.992  10.644  1.00 19.88 ? 134 GLN A CA  1 
ATOM   996  C  C   . GLN A 1 134 ? 12.526  -7.938  10.955  1.00 18.37 ? 134 GLN A C   1 
ATOM   997  O  O   . GLN A 1 134 ? 12.134  -7.668  12.090  1.00 18.07 ? 134 GLN A O   1 
ATOM   998  C  CB  . GLN A 1 134 ? 14.420  -6.729  9.881   1.00 24.97 ? 134 GLN A CB  1 
ATOM   999  C  CG  . GLN A 1 134 ? 14.337  -5.467  10.724  1.00 28.20 ? 134 GLN A CG  1 
ATOM   1000 C  CD  . GLN A 1 134 ? 14.491  -4.200  9.908   1.00 30.27 ? 134 GLN A CD  1 
ATOM   1001 O  OE1 . GLN A 1 134 ? 15.436  -4.057  9.132   1.00 30.95 ? 134 GLN A OE1 1 
ATOM   1002 N  NE2 . GLN A 1 134 ? 13.564  -3.266  10.088  1.00 32.21 ? 134 GLN A NE2 1 
ATOM   1003 N  N   . LEU A 1 135 ? 11.691  -8.175  9.948   1.00 18.92 ? 135 LEU A N   1 
ATOM   1004 C  CA  . LEU A 1 135 ? 10.246  -8.146  10.152  1.00 18.65 ? 135 LEU A CA  1 
ATOM   1005 C  C   . LEU A 1 135 ? 9.833   -9.259  11.110  1.00 19.70 ? 135 LEU A C   1 
ATOM   1006 O  O   . LEU A 1 135 ? 9.009   -9.050  12.000  1.00 19.11 ? 135 LEU A O   1 
ATOM   1007 C  CB  . LEU A 1 135 ? 9.512   -8.312  8.819   1.00 18.60 ? 135 LEU A CB  1 
ATOM   1008 C  CG  . LEU A 1 135 ? 7.982   -8.386  8.892   1.00 18.18 ? 135 LEU A CG  1 
ATOM   1009 C  CD1 . LEU A 1 135 ? 7.432   -7.115  9.515   1.00 18.26 ? 135 LEU A CD1 1 
ATOM   1010 C  CD2 . LEU A 1 135 ? 7.410   -8.593  7.493   1.00 19.60 ? 135 LEU A CD2 1 
ATOM   1011 N  N   . GLU A 1 136 ? 10.416  -10.438 10.921  1.00 21.19 ? 136 GLU A N   1 
ATOM   1012 C  CA  . GLU A 1 136 ? 10.112  -11.582 11.769  1.00 21.80 ? 136 GLU A CA  1 
ATOM   1013 C  C   . GLU A 1 136 ? 10.427  -11.285 13.232  1.00 21.77 ? 136 GLU A C   1 
ATOM   1014 O  O   . GLU A 1 136 ? 9.668   -11.669 14.124  1.00 22.35 ? 136 GLU A O   1 
ATOM   1015 C  CB  . GLU A 1 136 ? 10.893  -12.817 11.300  1.00 23.36 ? 136 GLU A CB  1 
ATOM   1016 C  CG  . GLU A 1 136 ? 10.479  -13.323 9.920   1.00 24.62 ? 136 GLU A CG  1 
ATOM   1017 C  CD  . GLU A 1 136 ? 11.302  -12.726 8.792   1.00 24.85 ? 136 GLU A CD  1 
ATOM   1018 O  OE1 . GLU A 1 136 ? 11.703  -11.549 8.893   1.00 26.81 ? 136 GLU A OE1 1 
ATOM   1019 O  OE2 . GLU A 1 136 ? 11.537  -13.438 7.793   1.00 26.98 ? 136 GLU A OE2 1 
ATOM   1020 N  N   . ASP A 1 137 ? 11.539  -10.601 13.481  1.00 21.90 ? 137 ASP A N   1 
ATOM   1021 C  CA  . ASP A 1 137 ? 11.923  -10.258 14.847  1.00 22.87 ? 137 ASP A CA  1 
ATOM   1022 C  C   . ASP A 1 137 ? 10.946  -9.248  15.445  1.00 21.96 ? 137 ASP A C   1 
ATOM   1023 O  O   . ASP A 1 137 ? 10.541  -9.376  16.600  1.00 22.71 ? 137 ASP A O   1 
ATOM   1024 C  CB  . ASP A 1 137 ? 13.341  -9.678  14.888  1.00 31.85 ? 137 ASP A CB  1 
ATOM   1025 C  CG  . ASP A 1 137 ? 14.399  -10.691 14.489  1.00 33.49 ? 137 ASP A CG  1 
ATOM   1026 O  OD1 . ASP A 1 137 ? 14.278  -11.869 14.885  1.00 34.39 ? 137 ASP A OD1 1 
ATOM   1027 O  OD2 . ASP A 1 137 ? 15.360  -10.307 13.790  1.00 36.64 ? 137 ASP A OD2 1 
ATOM   1028 N  N   . GLU A 1 138 ? 10.574  -8.246  14.654  1.00 19.40 ? 138 GLU A N   1 
ATOM   1029 C  CA  . GLU A 1 138 ? 9.642   -7.221  15.108  1.00 18.76 ? 138 GLU A CA  1 
ATOM   1030 C  C   . GLU A 1 138 ? 8.285   -7.813  15.459  1.00 18.29 ? 138 GLU A C   1 
ATOM   1031 O  O   . GLU A 1 138 ? 7.679   -7.440  16.462  1.00 18.03 ? 138 GLU A O   1 
ATOM   1032 C  CB  . GLU A 1 138 ? 9.481   -6.146  14.031  1.00 18.40 ? 138 GLU A CB  1 
ATOM   1033 C  CG  . GLU A 1 138 ? 10.614  -5.135  14.019  1.00 18.57 ? 138 GLU A CG  1 
ATOM   1034 C  CD  . GLU A 1 138 ? 10.581  -4.237  12.805  1.00 18.60 ? 138 GLU A CD  1 
ATOM   1035 O  OE1 . GLU A 1 138 ? 9.470   -3.873  12.365  1.00 18.31 ? 138 GLU A OE1 1 
ATOM   1036 O  OE2 . GLU A 1 138 ? 11.668  -3.887  12.299  1.00 21.15 ? 138 GLU A OE2 1 
ATOM   1037 N  N   . ILE A 1 139 ? 7.811   -8.736  14.630  1.00 20.17 ? 139 ILE A N   1 
ATOM   1038 C  CA  . ILE A 1 139 ? 6.530   -9.381  14.879  1.00 20.90 ? 139 ILE A CA  1 
ATOM   1039 C  C   . ILE A 1 139 ? 6.643   -10.254 16.125  1.00 21.81 ? 139 ILE A C   1 
ATOM   1040 O  O   . ILE A 1 139 ? 5.709   -10.342 16.922  1.00 21.36 ? 139 ILE A O   1 
ATOM   1041 C  CB  . ILE A 1 139 ? 6.108   -10.248 13.679  1.00 23.37 ? 139 ILE A CB  1 
ATOM   1042 C  CG1 . ILE A 1 139 ? 5.910   -9.353  12.452  1.00 23.67 ? 139 ILE A CG1 1 
ATOM   1043 C  CG2 . ILE A 1 139 ? 4.821   -11.002 13.999  1.00 25.41 ? 139 ILE A CG2 1 
ATOM   1044 C  CD1 . ILE A 1 139 ? 5.680   -10.111 11.170  1.00 24.21 ? 139 ILE A CD1 1 
ATOM   1045 N  N   . ALA A 1 140 ? 7.802   -10.887 16.292  1.00 23.54 ? 140 ALA A N   1 
ATOM   1046 C  CA  . ALA A 1 140 ? 8.048   -11.752 17.439  1.00 24.88 ? 140 ALA A CA  1 
ATOM   1047 C  C   . ALA A 1 140 ? 7.886   -11.005 18.758  1.00 25.18 ? 140 ALA A C   1 
ATOM   1048 O  O   . ALA A 1 140 ? 7.341   -11.549 19.720  1.00 25.81 ? 140 ALA A O   1 
ATOM   1049 C  CB  . ALA A 1 140 ? 9.446   -12.352 17.351  1.00 26.45 ? 140 ALA A CB  1 
ATOM   1050 N  N   . ARG A 1 141 ? 8.358   -9.762  18.809  1.00 23.37 ? 141 ARG A N   1 
ATOM   1051 C  CA  . ARG A 1 141 ? 8.250   -8.981  20.034  1.00 24.17 ? 141 ARG A CA  1 
ATOM   1052 C  C   . ARG A 1 141 ? 6.980   -8.138  20.123  1.00 22.96 ? 141 ARG A C   1 
ATOM   1053 O  O   . ARG A 1 141 ? 6.905   -7.198  20.917  1.00 23.67 ? 141 ARG A O   1 
ATOM   1054 C  CB  . ARG A 1 141 ? 9.487   -8.095  20.227  1.00 40.06 ? 141 ARG A CB  1 
ATOM   1055 C  CG  . ARG A 1 141 ? 9.795   -7.123  19.105  1.00 43.35 ? 141 ARG A CG  1 
ATOM   1056 C  CD  . ARG A 1 141 ? 10.869  -6.142  19.563  1.00 45.88 ? 141 ARG A CD  1 
ATOM   1057 N  NE  . ARG A 1 141 ? 11.257  -5.187  18.528  1.00 48.37 ? 141 ARG A NE  1 
ATOM   1058 C  CZ  . ARG A 1 141 ? 11.999  -5.489  17.468  1.00 49.57 ? 141 ARG A CZ  1 
ATOM   1059 N  NH1 . ARG A 1 141 ? 12.441  -6.729  17.291  1.00 50.63 ? 141 ARG A NH1 1 
ATOM   1060 N  NH2 . ARG A 1 141 ? 12.305  -4.548  16.586  1.00 50.45 ? 141 ARG A NH2 1 
ATOM   1061 N  N   . GLY A 1 142 ? 5.990   -8.480  19.303  1.00 24.18 ? 142 GLY A N   1 
ATOM   1062 C  CA  . GLY A 1 142 ? 4.714   -7.783  19.320  1.00 22.41 ? 142 GLY A CA  1 
ATOM   1063 C  C   . GLY A 1 142 ? 4.656   -6.364  18.782  1.00 20.98 ? 142 GLY A C   1 
ATOM   1064 O  O   . GLY A 1 142 ? 3.793   -5.584  19.184  1.00 21.70 ? 142 GLY A O   1 
ATOM   1065 N  N   . ASP A 1 143 ? 5.555   -6.028  17.866  1.00 19.46 ? 143 ASP A N   1 
ATOM   1066 C  CA  . ASP A 1 143 ? 5.588   -4.690  17.288  1.00 19.05 ? 143 ASP A CA  1 
ATOM   1067 C  C   . ASP A 1 143 ? 4.470   -4.430  16.281  1.00 18.25 ? 143 ASP A C   1 
ATOM   1068 O  O   . ASP A 1 143 ? 4.088   -3.280  16.059  1.00 18.14 ? 143 ASP A O   1 
ATOM   1069 C  CB  . ASP A 1 143 ? 6.938   -4.454  16.609  1.00 20.53 ? 143 ASP A CB  1 
ATOM   1070 C  CG  . ASP A 1 143 ? 8.044   -4.169  17.599  1.00 23.33 ? 143 ASP A CG  1 
ATOM   1071 O  OD1 . ASP A 1 143 ? 7.981   -4.697  18.728  1.00 25.16 ? 143 ASP A OD1 1 
ATOM   1072 O  OD2 . ASP A 1 143 ? 8.980   -3.424  17.242  1.00 25.89 ? 143 ASP A OD2 1 
ATOM   1073 N  N   . TRP A 1 144 ? 3.951   -5.495  15.676  1.00 17.59 ? 144 TRP A N   1 
ATOM   1074 C  CA  . TRP A 1 144 ? 2.895   -5.356  14.678  1.00 15.75 ? 144 TRP A CA  1 
ATOM   1075 C  C   . TRP A 1 144 ? 1.722   -6.305  14.846  1.00 15.40 ? 144 TRP A C   1 
ATOM   1076 O  O   . TRP A 1 144 ? 1.857   -7.400  15.389  1.00 16.75 ? 144 TRP A O   1 
ATOM   1077 C  CB  . TRP A 1 144 ? 3.448   -5.598  13.270  1.00 16.43 ? 144 TRP A CB  1 
ATOM   1078 C  CG  . TRP A 1 144 ? 4.601   -4.745  12.882  1.00 15.92 ? 144 TRP A CG  1 
ATOM   1079 C  CD1 . TRP A 1 144 ? 5.924   -5.067  12.959  1.00 16.79 ? 144 TRP A CD1 1 
ATOM   1080 C  CD2 . TRP A 1 144 ? 4.538   -3.426  12.334  1.00 15.89 ? 144 TRP A CD2 1 
ATOM   1081 N  NE1 . TRP A 1 144 ? 6.692   -4.030  12.487  1.00 17.24 ? 144 TRP A NE1 1 
ATOM   1082 C  CE2 . TRP A 1 144 ? 5.865   -3.008  12.097  1.00 15.75 ? 144 TRP A CE2 1 
ATOM   1083 C  CE3 . TRP A 1 144 ? 3.486   -2.555  12.018  1.00 15.04 ? 144 TRP A CE3 1 
ATOM   1084 C  CZ2 . TRP A 1 144 ? 6.170   -1.752  11.558  1.00 16.81 ? 144 TRP A CZ2 1 
ATOM   1085 C  CZ3 . TRP A 1 144 ? 3.788   -1.305  11.482  1.00 16.26 ? 144 TRP A CZ3 1 
ATOM   1086 C  CH2 . TRP A 1 144 ? 5.122   -0.917  11.257  1.00 15.13 ? 144 TRP A CH2 1 
ATOM   1087 N  N   . LEU A 1 145 ? 0.567   -5.865  14.359  1.00 13.19 ? 145 LEU A N   1 
ATOM   1088 C  CA  . LEU A 1 145 ? -0.635  -6.683  14.346  1.00 12.98 ? 145 LEU A CA  1 
ATOM   1089 C  C   . LEU A 1 145 ? -0.714  -7.067  12.869  1.00 13.30 ? 145 LEU A C   1 
ATOM   1090 O  O   . LEU A 1 145 ? -0.088  -6.415  12.025  1.00 12.82 ? 145 LEU A O   1 
ATOM   1091 C  CB  . LEU A 1 145 ? -1.869  -5.873  14.745  1.00 15.05 ? 145 LEU A CB  1 
ATOM   1092 C  CG  . LEU A 1 145 ? -1.844  -5.184  16.109  1.00 14.09 ? 145 LEU A CG  1 
ATOM   1093 C  CD1 . LEU A 1 145 ? -3.169  -4.467  16.324  1.00 16.37 ? 145 LEU A CD1 1 
ATOM   1094 C  CD2 . LEU A 1 145 ? -1.602  -6.203  17.212  1.00 16.24 ? 145 LEU A CD2 1 
ATOM   1095 N  N   . ILE A 1 146 ? -1.465  -8.111  12.549  1.00 14.04 ? 146 ILE A N   1 
ATOM   1096 C  CA  . ILE A 1 146 ? -1.569  -8.560  11.166  1.00 15.44 ? 146 ILE A CA  1 
ATOM   1097 C  C   . ILE A 1 146 ? -2.977  -9.000  10.796  1.00 14.41 ? 146 ILE A C   1 
ATOM   1098 O  O   . ILE A 1 146 ? -3.697  -9.566  11.617  1.00 16.15 ? 146 ILE A O   1 
ATOM   1099 C  CB  . ILE A 1 146 ? -0.638  -9.771  10.899  1.00 19.31 ? 146 ILE A CB  1 
ATOM   1100 C  CG1 . ILE A 1 146 ? 0.784   -9.476  11.379  1.00 21.52 ? 146 ILE A CG1 1 
ATOM   1101 C  CG2 . ILE A 1 146 ? -0.626  -10.097 9.411   1.00 21.96 ? 146 ILE A CG2 1 
ATOM   1102 C  CD1 . ILE A 1 146 ? 1.703   -10.686 11.334  1.00 25.01 ? 146 ILE A CD1 1 
ATOM   1103 N  N   . CYS A 1 147 ? -3.372  -8.732  9.556   1.00 13.12 ? 147 CYS A N   1 
ATOM   1104 C  CA  . CYS A 1 147 ? -4.666  -9.177  9.065   1.00 12.90 ? 147 CYS A CA  1 
ATOM   1105 C  C   . CYS A 1 147 ? -4.523  -9.440  7.576   1.00 12.67 ? 147 CYS A C   1 
ATOM   1106 O  O   . CYS A 1 147 ? -3.555  -9.005  6.949   1.00 13.40 ? 147 CYS A O   1 
ATOM   1107 C  CB  . CYS A 1 147 ? -5.763  -8.136  9.327   1.00 11.44 ? 147 CYS A CB  1 
ATOM   1108 S  SG  . CYS A 1 147 ? -5.788  -6.688  8.242   1.00 13.11 ? 147 CYS A SG  1 
ATOM   1109 N  N   . ASP A 1 148 ? -5.465  -10.185 7.016   1.00 11.80 ? 148 ASP A N   1 
ATOM   1110 C  CA  . ASP A 1 148 ? -5.437  -10.487 5.595   1.00 13.33 ? 148 ASP A CA  1 
ATOM   1111 C  C   . ASP A 1 148 ? -5.838  -9.227  4.847   1.00 12.59 ? 148 ASP A C   1 
ATOM   1112 O  O   . ASP A 1 148 ? -6.623  -8.420  5.344   1.00 12.38 ? 148 ASP A O   1 
ATOM   1113 C  CB  . ASP A 1 148 ? -6.438  -11.594 5.259   1.00 16.78 ? 148 ASP A CB  1 
ATOM   1114 C  CG  . ASP A 1 148 ? -6.004  -12.951 5.763   1.00 18.12 ? 148 ASP A CG  1 
ATOM   1115 O  OD1 . ASP A 1 148 ? -4.840  -13.093 6.186   1.00 21.25 ? 148 ASP A OD1 1 
ATOM   1116 O  OD2 . ASP A 1 148 ? -6.834  -13.883 5.723   1.00 23.46 ? 148 ASP A OD2 1 
ATOM   1117 N  N   . ALA A 1 149 ? -5.292  -9.054  3.652   1.00 14.09 ? 149 ALA A N   1 
ATOM   1118 C  CA  . ALA A 1 149 ? -5.651  -7.903  2.851   1.00 13.79 ? 149 ALA A CA  1 
ATOM   1119 C  C   . ALA A 1 149 ? -6.965  -8.243  2.157   1.00 14.50 ? 149 ALA A C   1 
ATOM   1120 O  O   . ALA A 1 149 ? -7.352  -9.411  2.069   1.00 16.34 ? 149 ALA A O   1 
ATOM   1121 C  CB  . ALA A 1 149 ? -4.569  -7.628  1.817   1.00 18.50 ? 149 ALA A CB  1 
ATOM   1122 N  N   . ASP A 1 150 ? -7.674  -7.214  1.712   1.00 12.16 ? 150 ASP A N   1 
ATOM   1123 C  CA  . ASP A 1 150 ? -8.912  -7.396  0.968   1.00 11.46 ? 150 ASP A CA  1 
ATOM   1124 C  C   . ASP A 1 150 ? -9.161  -6.130  0.161   1.00 11.54 ? 150 ASP A C   1 
ATOM   1125 O  O   . ASP A 1 150 ? -8.448  -5.134  0.323   1.00 11.06 ? 150 ASP A O   1 
ATOM   1126 C  CB  . ASP A 1 150 ? -10.108 -7.737  1.881   1.00 13.10 ? 150 ASP A CB  1 
ATOM   1127 C  CG  . ASP A 1 150 ? -10.430 -6.652  2.888   1.00 13.49 ? 150 ASP A CG  1 
ATOM   1128 O  OD1 . ASP A 1 150 ? -10.517 -5.471  2.503   1.00 14.25 ? 150 ASP A OD1 1 
ATOM   1129 O  OD2 . ASP A 1 150 ? -10.626 -6.991  4.074   1.00 15.03 ? 150 ASP A OD2 1 
HETATM 1130 N  N   . MSE A 1 151 ? -10.151 -6.173  -0.722  1.00 12.08 ? 151 MSE A N   1 
HETATM 1131 C  CA  . MSE A 1 151 ? -10.455 -5.031  -1.576  1.00 11.54 ? 151 MSE A CA  1 
HETATM 1132 C  C   . MSE A 1 151 ? -10.852 -3.778  -0.817  1.00 11.69 ? 151 MSE A C   1 
HETATM 1133 O  O   . MSE A 1 151 ? -10.545 -2.666  -1.250  1.00 11.15 ? 151 MSE A O   1 
HETATM 1134 C  CB  . MSE A 1 151 ? -11.553 -5.398  -2.577  1.00 15.62 ? 151 MSE A CB  1 
HETATM 1135 C  CG  . MSE A 1 151 ? -11.157 -6.506  -3.544  1.00 18.10 ? 151 MSE A CG  1 
HETATM 1136 SE SE  . MSE A 1 151 ? -9.653  -6.044  -4.671  1.00 27.07 ? 151 MSE A SE  1 
HETATM 1137 C  CE  . MSE A 1 151 ? -8.242  -6.768  -3.601  1.00 25.42 ? 151 MSE A CE  1 
ATOM   1138 N  N   . ASP A 1 152 ? -11.533 -3.941  0.311   1.00 11.04 ? 152 ASP A N   1 
ATOM   1139 C  CA  . ASP A 1 152 ? -11.944 -2.785  1.089   1.00 11.14 ? 152 ASP A CA  1 
ATOM   1140 C  C   . ASP A 1 152 ? -10.755 -2.047  1.690   1.00 10.38 ? 152 ASP A C   1 
ATOM   1141 O  O   . ASP A 1 152 ? -10.678 -0.821  1.623   1.00 9.92  ? 152 ASP A O   1 
ATOM   1142 C  CB  . ASP A 1 152 ? -12.916 -3.199  2.197   1.00 14.31 ? 152 ASP A CB  1 
ATOM   1143 C  CG  . ASP A 1 152 ? -14.273 -3.590  1.656   1.00 17.68 ? 152 ASP A CG  1 
ATOM   1144 O  OD1 . ASP A 1 152 ? -14.791 -2.864  0.782   1.00 18.38 ? 152 ASP A OD1 1 
ATOM   1145 O  OD2 . ASP A 1 152 ? -14.827 -4.617  2.106   1.00 24.22 ? 152 ASP A OD2 1 
ATOM   1146 N  N   . LEU A 1 153 ? -9.821  -2.788  2.271   1.00 9.56  ? 153 LEU A N   1 
ATOM   1147 C  CA  . LEU A 1 153 ? -8.657  -2.163  2.879   1.00 8.58  ? 153 LEU A CA  1 
ATOM   1148 C  C   . LEU A 1 153 ? -7.735  -1.486  1.871   1.00 8.53  ? 153 LEU A C   1 
ATOM   1149 O  O   . LEU A 1 153 ? -7.229  -0.397  2.125   1.00 9.46  ? 153 LEU A O   1 
ATOM   1150 C  CB  . LEU A 1 153 ? -7.859  -3.196  3.677   1.00 10.13 ? 153 LEU A CB  1 
ATOM   1151 C  CG  . LEU A 1 153 ? -8.540  -3.760  4.926   1.00 9.80  ? 153 LEU A CG  1 
ATOM   1152 C  CD1 . LEU A 1 153 ? -7.664  -4.834  5.534   1.00 12.42 ? 153 LEU A CD1 1 
ATOM   1153 C  CD2 . LEU A 1 153 ? -8.797  -2.648  5.933   1.00 13.22 ? 153 LEU A CD2 1 
ATOM   1154 N  N   . ILE A 1 154 ? -7.525  -2.117  0.723   1.00 8.31  ? 154 ILE A N   1 
ATOM   1155 C  CA  . ILE A 1 154 ? -6.621  -1.564  -0.274  1.00 8.79  ? 154 ILE A CA  1 
ATOM   1156 C  C   . ILE A 1 154 ? -7.244  -0.524  -1.195  1.00 8.16  ? 154 ILE A C   1 
ATOM   1157 O  O   . ILE A 1 154 ? -6.607  0.484   -1.510  1.00 7.85  ? 154 ILE A O   1 
ATOM   1158 C  CB  . ILE A 1 154 ? -6.022  -2.685  -1.163  1.00 9.76  ? 154 ILE A CB  1 
ATOM   1159 C  CG1 . ILE A 1 154 ? -5.325  -3.725  -0.283  1.00 11.60 ? 154 ILE A CG1 1 
ATOM   1160 C  CG2 . ILE A 1 154 ? -5.040  -2.087  -2.174  1.00 11.34 ? 154 ILE A CG2 1 
ATOM   1161 C  CD1 . ILE A 1 154 ? -4.892  -4.965  -1.033  1.00 14.74 ? 154 ILE A CD1 1 
ATOM   1162 N  N   . PHE A 1 155 ? -8.491  -0.745  -1.601  1.00 8.99  ? 155 PHE A N   1 
ATOM   1163 C  CA  . PHE A 1 155 ? -9.133  0.160   -2.546  1.00 8.93  ? 155 PHE A CA  1 
ATOM   1164 C  C   . PHE A 1 155 ? -10.410 0.893   -2.149  1.00 10.42 ? 155 PHE A C   1 
ATOM   1165 O  O   . PHE A 1 155 ? -10.484 2.114   -2.267  1.00 11.89 ? 155 PHE A O   1 
ATOM   1166 C  CB  . PHE A 1 155 ? -9.431  -0.596  -3.853  1.00 9.84  ? 155 PHE A CB  1 
ATOM   1167 C  CG  . PHE A 1 155 ? -8.225  -1.234  -4.481  1.00 8.09  ? 155 PHE A CG  1 
ATOM   1168 C  CD1 . PHE A 1 155 ? -7.223  -0.455  -5.053  1.00 9.36  ? 155 PHE A CD1 1 
ATOM   1169 C  CD2 . PHE A 1 155 ? -8.088  -2.621  -4.497  1.00 9.65  ? 155 PHE A CD2 1 
ATOM   1170 C  CE1 . PHE A 1 155 ? -6.100  -1.047  -5.629  1.00 10.35 ? 155 PHE A CE1 1 
ATOM   1171 C  CE2 . PHE A 1 155 ? -6.967  -3.222  -5.072  1.00 10.77 ? 155 PHE A CE2 1 
ATOM   1172 C  CZ  . PHE A 1 155 ? -5.975  -2.433  -5.637  1.00 9.53  ? 155 PHE A CZ  1 
ATOM   1173 N  N   . ASN A 1 156 ? -11.409 0.162   -1.673  1.00 10.75 ? 156 ASN A N   1 
ATOM   1174 C  CA  . ASN A 1 156 ? -12.706 0.767   -1.392  1.00 11.08 ? 156 ASN A CA  1 
ATOM   1175 C  C   . ASN A 1 156 ? -12.896 1.730   -0.232  1.00 11.53 ? 156 ASN A C   1 
ATOM   1176 O  O   . ASN A 1 156 ? -13.540 2.772   -0.385  1.00 13.03 ? 156 ASN A O   1 
ATOM   1177 C  CB  . ASN A 1 156 ? -13.776 -0.328  -1.281  1.00 12.27 ? 156 ASN A CB  1 
ATOM   1178 C  CG  . ASN A 1 156 ? -13.726 -1.319  -2.434  1.00 14.80 ? 156 ASN A CG  1 
ATOM   1179 O  OD1 . ASN A 1 156 ? -13.465 -0.949  -3.582  1.00 15.63 ? 156 ASN A OD1 1 
ATOM   1180 N  ND2 . ASN A 1 156 ? -13.998 -2.583  -2.134  1.00 16.32 ? 156 ASN A ND2 1 
ATOM   1181 N  N   . LEU A 1 157 ? -12.354 1.396   0.929   1.00 9.41  ? 157 LEU A N   1 
ATOM   1182 C  CA  . LEU A 1 157 ? -12.540 2.234   2.105   1.00 8.99  ? 157 LEU A CA  1 
ATOM   1183 C  C   . LEU A 1 157 ? -11.813 3.565   2.092   1.00 8.86  ? 157 LEU A C   1 
ATOM   1184 O  O   . LEU A 1 157 ? -10.733 3.683   1.519   1.00 8.90  ? 157 LEU A O   1 
ATOM   1185 C  CB  . LEU A 1 157 ? -12.101 1.476   3.358   1.00 9.75  ? 157 LEU A CB  1 
ATOM   1186 C  CG  . LEU A 1 157 ? -12.945 0.282   3.794   1.00 11.60 ? 157 LEU A CG  1 
ATOM   1187 C  CD1 . LEU A 1 157 ? -12.195 -0.470  4.882   1.00 12.23 ? 157 LEU A CD1 1 
ATOM   1188 C  CD2 . LEU A 1 157 ? -14.307 0.754   4.286   1.00 15.01 ? 157 LEU A CD2 1 
ATOM   1189 N  N   . PRO A 1 158 ? -12.408 4.591   2.720   1.00 8.92  ? 158 PRO A N   1 
ATOM   1190 C  CA  . PRO A 1 158 ? -11.754 5.900   2.772   1.00 9.82  ? 158 PRO A CA  1 
ATOM   1191 C  C   . PRO A 1 158 ? -10.432 5.689   3.509   1.00 8.44  ? 158 PRO A C   1 
ATOM   1192 O  O   . PRO A 1 158 ? -10.365 4.896   4.454   1.00 8.98  ? 158 PRO A O   1 
ATOM   1193 C  CB  . PRO A 1 158 ? -12.727 6.740   3.590   1.00 10.87 ? 158 PRO A CB  1 
ATOM   1194 C  CG  . PRO A 1 158 ? -14.060 6.151   3.246   1.00 12.42 ? 158 PRO A CG  1 
ATOM   1195 C  CD  . PRO A 1 158 ? -13.783 4.661   3.253   1.00 10.36 ? 158 PRO A CD  1 
ATOM   1196 N  N   . TYR A 1 159 ? -9.387  6.401   3.105   1.00 8.20  ? 159 TYR A N   1 
ATOM   1197 C  CA  . TYR A 1 159 ? -8.091  6.227   3.746   1.00 7.56  ? 159 TYR A CA  1 
ATOM   1198 C  C   . TYR A 1 159 ? -8.142  6.395   5.255   1.00 8.41  ? 159 TYR A C   1 
ATOM   1199 O  O   . TYR A 1 159 ? -7.533  5.613   5.990   1.00 8.41  ? 159 TYR A O   1 
ATOM   1200 C  CB  . TYR A 1 159 ? -7.075  7.212   3.173   1.00 8.36  ? 159 TYR A CB  1 
ATOM   1201 C  CG  . TYR A 1 159 ? -6.912  7.111   1.679   1.00 8.57  ? 159 TYR A CG  1 
ATOM   1202 C  CD1 . TYR A 1 159 ? -6.381  5.964   1.089   1.00 7.70  ? 159 TYR A CD1 1 
ATOM   1203 C  CD2 . TYR A 1 159 ? -7.311  8.151   0.848   1.00 9.38  ? 159 TYR A CD2 1 
ATOM   1204 C  CE1 . TYR A 1 159 ? -6.252  5.858   -0.299  1.00 8.49  ? 159 TYR A CE1 1 
ATOM   1205 C  CE2 . TYR A 1 159 ? -7.190  8.058   -0.533  1.00 9.26  ? 159 TYR A CE2 1 
ATOM   1206 C  CZ  . TYR A 1 159 ? -6.662  6.914   -1.102  1.00 9.72  ? 159 TYR A CZ  1 
ATOM   1207 O  OH  . TYR A 1 159 ? -6.546  6.831   -2.470  1.00 10.24 ? 159 TYR A OH  1 
ATOM   1208 N  N   . ASP A 1 160 ? -8.877  7.405   5.720   1.00 8.71  ? 160 ASP A N   1 
ATOM   1209 C  CA  . ASP A 1 160 ? -8.946  7.670   7.149   1.00 9.17  ? 160 ASP A CA  1 
ATOM   1210 C  C   . ASP A 1 160 ? -9.739  6.666   7.977   1.00 11.09 ? 160 ASP A C   1 
ATOM   1211 O  O   . ASP A 1 160 ? -9.788  6.775   9.199   1.00 12.91 ? 160 ASP A O   1 
ATOM   1212 C  CB  . ASP A 1 160 ? -9.436  9.106   7.421   1.00 11.19 ? 160 ASP A CB  1 
ATOM   1213 C  CG  . ASP A 1 160 ? -10.761 9.426   6.759   1.00 11.58 ? 160 ASP A CG  1 
ATOM   1214 O  OD1 . ASP A 1 160 ? -11.519 8.494   6.432   1.00 12.35 ? 160 ASP A OD1 1 
ATOM   1215 O  OD2 . ASP A 1 160 ? -11.050 10.634  6.586   1.00 12.96 ? 160 ASP A OD2 1 
ATOM   1216 N  N   . ASP A 1 161 ? -10.340 5.679   7.319   1.00 9.69  ? 161 ASP A N   1 
ATOM   1217 C  CA  . ASP A 1 161 ? -11.097 4.645   8.026   1.00 10.66 ? 161 ASP A CA  1 
ATOM   1218 C  C   . ASP A 1 161 ? -10.388 3.293   7.963   1.00 9.92  ? 161 ASP A C   1 
ATOM   1219 O  O   . ASP A 1 161 ? -10.834 2.326   8.581   1.00 10.70 ? 161 ASP A O   1 
ATOM   1220 C  CB  . ASP A 1 161 ? -12.495 4.476   7.423   1.00 13.34 ? 161 ASP A CB  1 
ATOM   1221 C  CG  . ASP A 1 161 ? -13.444 5.588   7.815   1.00 13.62 ? 161 ASP A CG  1 
ATOM   1222 O  OD1 . ASP A 1 161 ? -13.202 6.249   8.843   1.00 16.09 ? 161 ASP A OD1 1 
ATOM   1223 O  OD2 . ASP A 1 161 ? -14.445 5.780   7.093   1.00 18.17 ? 161 ASP A OD2 1 
ATOM   1224 N  N   . ARG A 1 162 ? -9.277  3.224   7.237   1.00 8.69  ? 162 ARG A N   1 
ATOM   1225 C  CA  . ARG A 1 162 ? -8.573  1.959   7.075   1.00 8.70  ? 162 ARG A CA  1 
ATOM   1226 C  C   . ARG A 1 162 ? -7.911  1.366   8.312   1.00 9.17  ? 162 ARG A C   1 
ATOM   1227 O  O   . ARG A 1 162 ? -7.953  0.150   8.498   1.00 9.55  ? 162 ARG A O   1 
ATOM   1228 C  CB  . ARG A 1 162 ? -7.562  2.070   5.930   1.00 8.49  ? 162 ARG A CB  1 
ATOM   1229 C  CG  . ARG A 1 162 ? -8.253  2.300   4.604   1.00 9.32  ? 162 ARG A CG  1 
ATOM   1230 C  CD  . ARG A 1 162 ? -7.303  2.568   3.447   1.00 8.35  ? 162 ARG A CD  1 
ATOM   1231 N  NE  . ARG A 1 162 ? -8.102  2.688   2.234   1.00 8.44  ? 162 ARG A NE  1 
ATOM   1232 C  CZ  . ARG A 1 162 ? -7.645  2.553   0.995   1.00 8.26  ? 162 ARG A CZ  1 
ATOM   1233 N  NH1 . ARG A 1 162 ? -6.361  2.307   0.762   1.00 7.91  ? 162 ARG A NH1 1 
ATOM   1234 N  NH2 . ARG A 1 162 ? -8.506  2.593   -0.015  1.00 8.21  ? 162 ARG A NH2 1 
ATOM   1235 N  N   . TRP A 1 163 ? -7.303  2.188   9.159   1.00 8.71  ? 163 TRP A N   1 
ATOM   1236 C  CA  . TRP A 1 163 ? -6.677  1.628   10.350  1.00 9.15  ? 163 TRP A CA  1 
ATOM   1237 C  C   . TRP A 1 163 ? -7.757  1.003   11.234  1.00 10.50 ? 163 TRP A C   1 
ATOM   1238 O  O   . TRP A 1 163 ? -7.611  -0.126  11.695  1.00 9.74  ? 163 TRP A O   1 
ATOM   1239 C  CB  . TRP A 1 163 ? -5.921  2.699   11.142  1.00 10.10 ? 163 TRP A CB  1 
ATOM   1240 C  CG  . TRP A 1 163 ? -5.129  2.109   12.281  1.00 9.95  ? 163 TRP A CG  1 
ATOM   1241 C  CD1 . TRP A 1 163 ? -3.835  1.678   12.243  1.00 10.44 ? 163 TRP A CD1 1 
ATOM   1242 C  CD2 . TRP A 1 163 ? -5.612  1.811   13.598  1.00 10.64 ? 163 TRP A CD2 1 
ATOM   1243 N  NE1 . TRP A 1 163 ? -3.481  1.127   13.454  1.00 10.81 ? 163 TRP A NE1 1 
ATOM   1244 C  CE2 . TRP A 1 163 ? -4.553  1.195   14.302  1.00 10.75 ? 163 TRP A CE2 1 
ATOM   1245 C  CE3 . TRP A 1 163 ? -6.838  2.001   14.251  1.00 11.89 ? 163 TRP A CE3 1 
ATOM   1246 C  CZ2 . TRP A 1 163 ? -4.683  0.767   15.629  1.00 12.09 ? 163 TRP A CZ2 1 
ATOM   1247 C  CZ3 . TRP A 1 163 ? -6.966  1.574   15.575  1.00 11.77 ? 163 TRP A CZ3 1 
ATOM   1248 C  CH2 . TRP A 1 163 ? -5.892  0.964   16.245  1.00 12.73 ? 163 TRP A CH2 1 
ATOM   1249 N  N   . ASP A 1 164 ? -8.845  1.730   11.461  1.00 10.03 ? 164 ASP A N   1 
ATOM   1250 C  CA  . ASP A 1 164 ? -9.930  1.213   12.287  1.00 11.85 ? 164 ASP A CA  1 
ATOM   1251 C  C   . ASP A 1 164 ? -10.487 -0.081  11.706  1.00 10.84 ? 164 ASP A C   1 
ATOM   1252 O  O   . ASP A 1 164 ? -10.743 -1.043  12.435  1.00 11.45 ? 164 ASP A O   1 
ATOM   1253 C  CB  . ASP A 1 164 ? -11.065 2.237   12.404  1.00 14.89 ? 164 ASP A CB  1 
ATOM   1254 C  CG  . ASP A 1 164 ? -10.691 3.438   13.251  1.00 20.03 ? 164 ASP A CG  1 
ATOM   1255 O  OD1 . ASP A 1 164 ? -10.067 3.250   14.316  1.00 23.77 ? 164 ASP A OD1 1 
ATOM   1256 O  OD2 . ASP A 1 164 ? -11.039 4.574   12.857  1.00 23.70 ? 164 ASP A OD2 1 
ATOM   1257 N  N   . ALA A 1 165 ? -10.676 -0.111  10.391  1.00 10.50 ? 165 ALA A N   1 
ATOM   1258 C  CA  . ALA A 1 165 ? -11.216 -1.296  9.742   1.00 10.03 ? 165 ALA A CA  1 
ATOM   1259 C  C   . ALA A 1 165 ? -10.279 -2.495  9.874   1.00 10.95 ? 165 ALA A C   1 
ATOM   1260 O  O   . ALA A 1 165 ? -10.727 -3.609  10.138  1.00 11.68 ? 165 ALA A O   1 
ATOM   1261 C  CB  . ALA A 1 165 ? -11.496 -1.003  8.269   1.00 9.74  ? 165 ALA A CB  1 
ATOM   1262 N  N   . ALA A 1 166 ? -8.982  -2.268  9.698   1.00 10.06 ? 166 ALA A N   1 
ATOM   1263 C  CA  . ALA A 1 166 ? -8.014  -3.358  9.800   1.00 10.89 ? 166 ALA A CA  1 
ATOM   1264 C  C   . ALA A 1 166 ? -7.943  -3.877  11.234  1.00 11.12 ? 166 ALA A C   1 
ATOM   1265 O  O   . ALA A 1 166 ? -7.920  -5.085  11.470  1.00 11.38 ? 166 ALA A O   1 
ATOM   1266 C  CB  . ALA A 1 166 ? -6.640  -2.879  9.341   1.00 9.22  ? 166 ALA A CB  1 
ATOM   1267 N  N   . TYR A 1 167 ? -7.909  -2.951  12.186  1.00 11.22 ? 167 TYR A N   1 
ATOM   1268 C  CA  . TYR A 1 167 ? -7.848  -3.276  13.609  1.00 10.60 ? 167 TYR A CA  1 
ATOM   1269 C  C   . TYR A 1 167 ? -9.060  -4.127  13.992  1.00 11.84 ? 167 TYR A C   1 
ATOM   1270 O  O   . TYR A 1 167 ? -8.942  -5.092  14.752  1.00 13.12 ? 167 TYR A O   1 
ATOM   1271 C  CB  . TYR A 1 167 ? -7.844  -1.966  14.398  1.00 10.52 ? 167 TYR A CB  1 
ATOM   1272 C  CG  . TYR A 1 167 ? -7.672  -2.079  15.897  1.00 11.08 ? 167 TYR A CG  1 
ATOM   1273 C  CD1 . TYR A 1 167 ? -6.549  -2.691  16.454  1.00 11.06 ? 167 TYR A CD1 1 
ATOM   1274 C  CD2 . TYR A 1 167 ? -8.597  -1.493  16.759  1.00 12.71 ? 167 TYR A CD2 1 
ATOM   1275 C  CE1 . TYR A 1 167 ? -6.352  -2.711  17.841  1.00 11.99 ? 167 TYR A CE1 1 
ATOM   1276 C  CE2 . TYR A 1 167 ? -8.409  -1.505  18.142  1.00 12.00 ? 167 TYR A CE2 1 
ATOM   1277 C  CZ  . TYR A 1 167 ? -7.285  -2.113  18.673  1.00 11.57 ? 167 TYR A CZ  1 
ATOM   1278 O  OH  . TYR A 1 167 ? -7.086  -2.101  20.035  1.00 13.32 ? 167 TYR A OH  1 
ATOM   1279 N  N   . LYS A 1 168 ? -10.219 -3.777  13.445  1.00 11.75 ? 168 LYS A N   1 
ATOM   1280 C  CA  . LYS A 1 168 ? -11.458 -4.489  13.728  1.00 12.96 ? 168 LYS A CA  1 
ATOM   1281 C  C   . LYS A 1 168 ? -11.515 -5.841  13.018  1.00 12.92 ? 168 LYS A C   1 
ATOM   1282 O  O   . LYS A 1 168 ? -12.057 -6.810  13.557  1.00 13.29 ? 168 LYS A O   1 
ATOM   1283 C  CB  . LYS A 1 168 ? -12.646 -3.621  13.304  1.00 23.78 ? 168 LYS A CB  1 
ATOM   1284 C  CG  . LYS A 1 168 ? -13.946 -3.913  14.033  1.00 30.52 ? 168 LYS A CG  1 
ATOM   1285 C  CD  . LYS A 1 168 ? -14.630 -2.612  14.444  1.00 34.74 ? 168 LYS A CD  1 
ATOM   1286 C  CE  . LYS A 1 168 ? -13.776 -1.831  15.439  1.00 37.44 ? 168 LYS A CE  1 
ATOM   1287 N  NZ  . LYS A 1 168 ? -14.368 -0.510  15.787  1.00 39.50 ? 168 LYS A NZ  1 
ATOM   1288 N  N   . LYS A 1 169 ? -10.947 -5.912  11.819  1.00 12.64 ? 169 LYS A N   1 
ATOM   1289 C  CA  . LYS A 1 169 ? -10.958 -7.151  11.047  1.00 12.66 ? 169 LYS A CA  1 
ATOM   1290 C  C   . LYS A 1 169 ? -10.297 -8.313  11.782  1.00 14.10 ? 169 LYS A C   1 
ATOM   1291 O  O   . LYS A 1 169 ? -10.649 -9.474  11.565  1.00 14.12 ? 169 LYS A O   1 
ATOM   1292 C  CB  . LYS A 1 169 ? -10.284 -6.945  9.685   1.00 12.61 ? 169 LYS A CB  1 
ATOM   1293 C  CG  . LYS A 1 169 ? -10.342 -8.178  8.798   1.00 13.92 ? 169 LYS A CG  1 
ATOM   1294 C  CD  . LYS A 1 169 ? -9.800  -7.914  7.404   1.00 13.48 ? 169 LYS A CD  1 
ATOM   1295 C  CE  . LYS A 1 169 ? -9.841  -9.190  6.581   1.00 13.67 ? 169 LYS A CE  1 
ATOM   1296 N  NZ  . LYS A 1 169 ? -9.293  -9.002  5.214   1.00 14.04 ? 169 LYS A NZ  1 
ATOM   1297 N  N   . ILE A 1 170 ? -9.338  -8.000  12.647  1.00 12.52 ? 170 ILE A N   1 
ATOM   1298 C  CA  . ILE A 1 170 ? -8.649  -9.029  13.420  1.00 12.46 ? 170 ILE A CA  1 
ATOM   1299 C  C   . ILE A 1 170 ? -9.679  -9.870  14.174  1.00 13.05 ? 170 ILE A C   1 
ATOM   1300 O  O   . ILE A 1 170 ? -9.492  -11.070 14.370  1.00 13.93 ? 170 ILE A O   1 
ATOM   1301 C  CB  . ILE A 1 170 ? -7.671  -8.388  14.433  1.00 11.96 ? 170 ILE A CB  1 
ATOM   1302 C  CG1 . ILE A 1 170 ? -6.583  -7.613  13.683  1.00 12.34 ? 170 ILE A CG1 1 
ATOM   1303 C  CG2 . ILE A 1 170 ? -7.052  -9.463  15.320  1.00 12.99 ? 170 ILE A CG2 1 
ATOM   1304 C  CD1 . ILE A 1 170 ? -5.709  -6.758  14.574  1.00 12.13 ? 170 ILE A CD1 1 
ATOM   1305 N  N   . GLY A 1 171 ? -10.776 -9.234  14.572  1.00 12.93 ? 171 GLY A N   1 
ATOM   1306 C  CA  . GLY A 1 171 ? -11.813 -9.926  15.319  1.00 14.05 ? 171 GLY A CA  1 
ATOM   1307 C  C   . GLY A 1 171 ? -12.826 -10.748 14.545  1.00 16.90 ? 171 GLY A C   1 
ATOM   1308 O  O   . GLY A 1 171 ? -13.793 -11.238 15.131  1.00 17.06 ? 171 GLY A O   1 
ATOM   1309 N  N   . VAL A 1 172 ? -12.629 -10.914 13.242  1.00 18.62 ? 172 VAL A N   1 
ATOM   1310 C  CA  . VAL A 1 172 ? -13.578 -11.697 12.457  1.00 21.28 ? 172 VAL A CA  1 
ATOM   1311 C  C   . VAL A 1 172 ? -13.405 -13.195 12.700  1.00 21.99 ? 172 VAL A C   1 
ATOM   1312 O  O   . VAL A 1 172 ? -14.386 -13.937 12.735  1.00 23.90 ? 172 VAL A O   1 
ATOM   1313 C  CB  . VAL A 1 172 ? -13.437 -11.421 10.938  1.00 25.44 ? 172 VAL A CB  1 
ATOM   1314 C  CG1 . VAL A 1 172 ? -13.688 -9.952  10.652  1.00 26.76 ? 172 VAL A CG1 1 
ATOM   1315 C  CG2 . VAL A 1 172 ? -12.061 -11.839 10.452  1.00 27.46 ? 172 VAL A CG2 1 
ATOM   1316 N  N   . ASP A 1 173 ? -12.161 -13.633 12.877  1.00 21.93 ? 173 ASP A N   1 
ATOM   1317 C  CA  . ASP A 1 173 ? -11.883 -15.048 13.104  1.00 23.57 ? 173 ASP A CA  1 
ATOM   1318 C  C   . ASP A 1 173 ? -11.199 -15.361 14.435  1.00 22.11 ? 173 ASP A C   1 
ATOM   1319 O  O   . ASP A 1 173 ? -10.612 -16.430 14.603  1.00 22.65 ? 173 ASP A O   1 
ATOM   1320 C  CB  . ASP A 1 173 ? -11.046 -15.610 11.950  1.00 42.88 ? 173 ASP A CB  1 
ATOM   1321 C  CG  . ASP A 1 173 ? -9.849  -14.742 11.618  1.00 45.92 ? 173 ASP A CG  1 
ATOM   1322 O  OD1 . ASP A 1 173 ? -9.025  -14.488 12.521  1.00 48.17 ? 173 ASP A OD1 1 
ATOM   1323 O  OD2 . ASP A 1 173 ? -9.733  -14.316 10.448  1.00 49.68 ? 173 ASP A OD2 1 
ATOM   1324 N  N   . ARG A 1 174 ? -11.265 -14.429 15.378  1.00 18.14 ? 174 ARG A N   1 
ATOM   1325 C  CA  . ARG A 1 174 ? -10.676 -14.651 16.692  1.00 17.31 ? 174 ARG A CA  1 
ATOM   1326 C  C   . ARG A 1 174 ? -11.249 -13.658 17.686  1.00 14.04 ? 174 ARG A C   1 
ATOM   1327 O  O   . ARG A 1 174 ? -11.677 -12.571 17.312  1.00 14.52 ? 174 ARG A O   1 
ATOM   1328 C  CB  . ARG A 1 174 ? -9.149  -14.537 16.646  1.00 29.39 ? 174 ARG A CB  1 
ATOM   1329 C  CG  . ARG A 1 174 ? -8.595  -13.129 16.510  1.00 33.31 ? 174 ARG A CG  1 
ATOM   1330 C  CD  . ARG A 1 174 ? -7.076  -13.165 16.597  1.00 37.09 ? 174 ARG A CD  1 
ATOM   1331 N  NE  . ARG A 1 174 ? -6.634  -13.762 17.856  1.00 40.21 ? 174 ARG A NE  1 
ATOM   1332 C  CZ  . ARG A 1 174 ? -5.398  -14.187 18.096  1.00 40.94 ? 174 ARG A CZ  1 
ATOM   1333 N  NH1 . ARG A 1 174 ? -4.461  -14.090 17.162  1.00 42.18 ? 174 ARG A NH1 1 
ATOM   1334 N  NH2 . ARG A 1 174 ? -5.099  -14.715 19.276  1.00 39.62 ? 174 ARG A NH2 1 
ATOM   1335 N  N   . THR A 1 175 ? -11.268 -14.044 18.955  1.00 11.63 ? 175 THR A N   1 
ATOM   1336 C  CA  . THR A 1 175 ? -11.802 -13.190 20.001  1.00 10.58 ? 175 THR A CA  1 
ATOM   1337 C  C   . THR A 1 175 ? -10.923 -11.956 20.117  1.00 10.75 ? 175 THR A C   1 
ATOM   1338 O  O   . THR A 1 175 ? -9.753  -12.045 20.485  1.00 10.75 ? 175 THR A O   1 
ATOM   1339 C  CB  . THR A 1 175 ? -11.865 -13.964 21.312  1.00 10.94 ? 175 THR A CB  1 
ATOM   1340 O  OG1 . THR A 1 175 ? -12.650 -15.145 21.102  1.00 12.61 ? 175 THR A OG1 1 
ATOM   1341 C  CG2 . THR A 1 175 ? -12.501 -13.121 22.402  1.00 11.85 ? 175 THR A CG2 1 
ATOM   1342 N  N   . TRP A 1 176 ? -11.508 -10.808 19.796  1.00 11.55 ? 176 TRP A N   1 
ATOM   1343 C  CA  . TRP A 1 176 ? -10.769 -9.554  19.779  1.00 11.27 ? 176 TRP A CA  1 
ATOM   1344 C  C   . TRP A 1 176 ? -11.662 -8.372  20.135  1.00 12.20 ? 176 TRP A C   1 
ATOM   1345 O  O   . TRP A 1 176 ? -12.590 -8.040  19.396  1.00 13.56 ? 176 TRP A O   1 
ATOM   1346 C  CB  . TRP A 1 176 ? -10.179 -9.390  18.373  1.00 12.20 ? 176 TRP A CB  1 
ATOM   1347 C  CG  . TRP A 1 176 ? -9.294  -8.212  18.157  1.00 11.30 ? 176 TRP A CG  1 
ATOM   1348 C  CD1 . TRP A 1 176 ? -9.640  -7.017  17.602  1.00 13.05 ? 176 TRP A CD1 1 
ATOM   1349 C  CD2 . TRP A 1 176 ? -7.893  -8.130  18.448  1.00 11.93 ? 176 TRP A CD2 1 
ATOM   1350 N  NE1 . TRP A 1 176 ? -8.540  -6.197  17.523  1.00 12.10 ? 176 TRP A NE1 1 
ATOM   1351 C  CE2 . TRP A 1 176 ? -7.454  -6.854  18.036  1.00 11.48 ? 176 TRP A CE2 1 
ATOM   1352 C  CE3 . TRP A 1 176 ? -6.964  -9.016  19.018  1.00 12.29 ? 176 TRP A CE3 1 
ATOM   1353 C  CZ2 . TRP A 1 176 ? -6.125  -6.439  18.171  1.00 12.03 ? 176 TRP A CZ2 1 
ATOM   1354 C  CZ3 . TRP A 1 176 ? -5.642  -8.605  19.152  1.00 11.68 ? 176 TRP A CZ3 1 
ATOM   1355 C  CH2 . TRP A 1 176 ? -5.236  -7.325  18.729  1.00 12.30 ? 176 TRP A CH2 1 
ATOM   1356 N  N   . LEU A 1 177 ? -11.381 -7.747  21.274  1.00 13.94 ? 177 LEU A N   1 
ATOM   1357 C  CA  . LEU A 1 177 ? -12.152 -6.596  21.738  1.00 17.14 ? 177 LEU A CA  1 
ATOM   1358 C  C   . LEU A 1 177 ? -11.393 -5.332  21.342  1.00 19.77 ? 177 LEU A C   1 
ATOM   1359 O  O   . LEU A 1 177 ? -10.442 -4.937  22.017  1.00 18.73 ? 177 LEU A O   1 
ATOM   1360 C  CB  . LEU A 1 177 ? -12.301 -6.646  23.262  1.00 27.95 ? 177 LEU A CB  1 
ATOM   1361 C  CG  . LEU A 1 177 ? -13.538 -6.018  23.915  1.00 31.27 ? 177 LEU A CG  1 
ATOM   1362 C  CD1 . LEU A 1 177 ? -13.321 -5.973  25.421  1.00 33.33 ? 177 LEU A CD1 1 
ATOM   1363 C  CD2 . LEU A 1 177 ? -13.791 -4.623  23.375  1.00 33.87 ? 177 LEU A CD2 1 
ATOM   1364 N  N   . ALA A 1 178 ? -11.818 -4.705  20.251  1.00 20.30 ? 178 ALA A N   1 
ATOM   1365 C  CA  . ALA A 1 178 ? -11.166 -3.498  19.754  1.00 24.94 ? 178 ALA A CA  1 
ATOM   1366 C  C   . ALA A 1 178 ? -11.412 -2.261  20.615  1.00 29.33 ? 178 ALA A C   1 
ATOM   1367 O  O   . ALA A 1 178 ? -12.136 -1.348  20.214  1.00 31.86 ? 178 ALA A O   1 
ATOM   1368 C  CB  . ALA A 1 178 ? -11.609 -3.227  18.320  1.00 27.46 ? 178 ALA A CB  1 
ATOM   1369 N  N   . SER A 1 179 ? -10.798 -2.233  21.795  1.00 53.74 ? 179 SER A N   1 
ATOM   1370 C  CA  . SER A 1 179 ? -10.929 -1.106  22.715  1.00 55.69 ? 179 SER A CA  1 
ATOM   1371 C  C   . SER A 1 179 ? -10.038 -1.320  23.934  1.00 56.72 ? 179 SER A C   1 
ATOM   1372 O  O   . SER A 1 179 ? -9.219  -0.424  24.227  1.00 57.40 ? 179 SER A O   1 
ATOM   1373 C  CB  . SER A 1 179 ? -12.384 -0.936  23.168  1.00 45.06 ? 179 SER A CB  1 
ATOM   1374 O  OG  . SER A 1 179 ? -12.758 -1.948  24.086  1.00 46.44 ? 179 SER A OG  1 
HETATM 1375 S  S   . SO4 B 2 .   ? 7.906   1.784   -19.444 1.00 26.34 ? 221 SO4 A S   1 
HETATM 1376 O  O1  . SO4 B 2 .   ? 8.619   0.515   -19.683 1.00 27.31 ? 221 SO4 A O1  1 
HETATM 1377 O  O2  . SO4 B 2 .   ? 6.449   1.541   -19.520 1.00 22.46 ? 221 SO4 A O2  1 
HETATM 1378 O  O3  . SO4 B 2 .   ? 8.273   2.302   -18.112 1.00 22.47 ? 221 SO4 A O3  1 
HETATM 1379 O  O4  . SO4 B 2 .   ? 8.290   2.770   -20.472 1.00 28.22 ? 221 SO4 A O4  1 
HETATM 1380 S  S   . SO4 C 2 .   ? -10.310 4.862   -7.940  1.00 22.61 ? 222 SO4 A S   1 
HETATM 1381 O  O1  . SO4 C 2 .   ? -9.061  4.226   -7.467  1.00 12.61 ? 222 SO4 A O1  1 
HETATM 1382 O  O2  . SO4 C 2 .   ? -11.404 3.872   -7.909  1.00 23.33 ? 222 SO4 A O2  1 
HETATM 1383 O  O3  . SO4 C 2 .   ? -10.655 6.001   -7.065  1.00 23.14 ? 222 SO4 A O3  1 
HETATM 1384 O  O4  . SO4 C 2 .   ? -10.140 5.336   -9.331  1.00 20.85 ? 222 SO4 A O4  1 
HETATM 1385 O  O   . HOH D 3 .   ? -3.428  6.508   -4.478  1.00 8.58  ? 223 HOH A O   1 
HETATM 1386 O  O   . HOH D 3 .   ? -0.185  5.607   2.272   1.00 9.26  ? 224 HOH A O   1 
HETATM 1387 O  O   . HOH D 3 .   ? -7.701  7.965   -13.986 1.00 9.69  ? 225 HOH A O   1 
HETATM 1388 O  O   . HOH D 3 .   ? -6.577  4.973   8.488   1.00 9.61  ? 226 HOH A O   1 
HETATM 1389 O  O   . HOH D 3 .   ? -9.588  7.938   -22.619 1.00 9.90  ? 227 HOH A O   1 
HETATM 1390 O  O   . HOH D 3 .   ? -7.573  8.991   -11.434 1.00 10.01 ? 228 HOH A O   1 
HETATM 1391 O  O   . HOH D 3 .   ? -7.601  -2.041  -10.772 1.00 11.30 ? 229 HOH A O   1 
HETATM 1392 O  O   . HOH D 3 .   ? 4.083   2.893   -12.169 1.00 11.40 ? 230 HOH A O   1 
HETATM 1393 O  O   . HOH D 3 .   ? -8.073  8.821   -4.027  1.00 13.47 ? 231 HOH A O   1 
HETATM 1394 O  O   . HOH D 3 .   ? -9.889  15.247  -2.828  1.00 13.61 ? 232 HOH A O   1 
HETATM 1395 O  O   . HOH D 3 .   ? -8.953  4.686   10.972  1.00 13.90 ? 233 HOH A O   1 
HETATM 1396 O  O   . HOH D 3 .   ? -11.964 8.586   -21.442 1.00 14.50 ? 234 HOH A O   1 
HETATM 1397 O  O   . HOH D 3 .   ? -9.139  12.645  6.116   1.00 14.24 ? 235 HOH A O   1 
HETATM 1398 O  O   . HOH D 3 .   ? -7.722  -14.010 20.567  1.00 14.51 ? 236 HOH A O   1 
HETATM 1399 O  O   . HOH D 3 .   ? -8.079  2.665   -25.535 1.00 14.70 ? 237 HOH A O   1 
HETATM 1400 O  O   . HOH D 3 .   ? -4.203  -5.475  -14.512 1.00 15.10 ? 238 HOH A O   1 
HETATM 1401 O  O   . HOH D 3 .   ? -12.700 6.878   -19.339 1.00 15.28 ? 239 HOH A O   1 
HETATM 1402 O  O   . HOH D 3 .   ? 9.237   8.358   -14.044 1.00 16.20 ? 240 HOH A O   1 
HETATM 1403 O  O   . HOH D 3 .   ? -9.060  4.641   -2.892  1.00 16.42 ? 241 HOH A O   1 
HETATM 1404 O  O   . HOH D 3 .   ? -5.869  15.477  -9.908  1.00 17.36 ? 242 HOH A O   1 
HETATM 1405 O  O   . HOH D 3 .   ? -9.665  4.255   -11.905 1.00 18.14 ? 243 HOH A O   1 
HETATM 1406 O  O   . HOH D 3 .   ? -4.666  -5.243  -17.297 1.00 17.75 ? 244 HOH A O   1 
HETATM 1407 O  O   . HOH D 3 .   ? -2.830  12.963  -1.583  1.00 18.04 ? 245 HOH A O   1 
HETATM 1408 O  O   . HOH D 3 .   ? -11.672 -1.849  -10.243 1.00 19.18 ? 246 HOH A O   1 
HETATM 1409 O  O   . HOH D 3 .   ? -9.974  7.981   -10.252 1.00 20.04 ? 247 HOH A O   1 
HETATM 1410 O  O   . HOH D 3 .   ? 6.738   9.736   -0.017  1.00 19.23 ? 248 HOH A O   1 
HETATM 1411 O  O   . HOH D 3 .   ? -9.160  5.505   -14.216 1.00 19.36 ? 249 HOH A O   1 
HETATM 1412 O  O   . HOH D 3 .   ? -13.428 2.069   9.708   1.00 20.07 ? 250 HOH A O   1 
HETATM 1413 O  O   . HOH D 3 .   ? -13.341 -4.105  9.581   1.00 20.79 ? 251 HOH A O   1 
HETATM 1414 O  O   . HOH D 3 .   ? -0.598  3.195   15.998  1.00 20.18 ? 252 HOH A O   1 
HETATM 1415 O  O   . HOH D 3 .   ? -0.508  2.768   -21.535 1.00 20.82 ? 253 HOH A O   1 
HETATM 1416 O  O   . HOH D 3 .   ? -7.389  -11.292 8.693   1.00 20.90 ? 254 HOH A O   1 
HETATM 1417 O  O   . HOH D 3 .   ? -4.318  -2.614  -14.859 1.00 21.09 ? 255 HOH A O   1 
HETATM 1418 O  O   . HOH D 3 .   ? 15.367  7.152   1.164   1.00 20.80 ? 256 HOH A O   1 
HETATM 1419 O  O   . HOH D 3 .   ? -9.190  2.626   -5.032  1.00 21.04 ? 257 HOH A O   1 
HETATM 1420 O  O   . HOH D 3 .   ? 12.273  -9.190  7.320   1.00 20.67 ? 258 HOH A O   1 
HETATM 1421 O  O   . HOH D 3 .   ? 11.072  1.270   6.256   1.00 21.52 ? 259 HOH A O   1 
HETATM 1422 O  O   . HOH D 3 .   ? -2.892  -11.237 -10.882 1.00 20.86 ? 260 HOH A O   1 
HETATM 1423 O  O   . HOH D 3 .   ? 3.826   -11.850 -11.333 1.00 21.57 ? 261 HOH A O   1 
HETATM 1424 O  O   . HOH D 3 .   ? -6.807  1.063   -22.604 1.00 21.02 ? 262 HOH A O   1 
HETATM 1425 O  O   . HOH D 3 .   ? -4.784  13.800  0.627   1.00 22.36 ? 263 HOH A O   1 
HETATM 1426 O  O   . HOH D 3 .   ? -6.036  7.226   9.905   1.00 21.51 ? 264 HOH A O   1 
HETATM 1427 O  O   . HOH D 3 .   ? -12.467 4.525   -2.734  1.00 22.53 ? 265 HOH A O   1 
HETATM 1428 O  O   . HOH D 3 .   ? -8.186  15.805  -11.560 1.00 21.88 ? 266 HOH A O   1 
HETATM 1429 O  O   . HOH D 3 .   ? -5.932  16.101  -2.742  1.00 22.24 ? 267 HOH A O   1 
HETATM 1430 O  O   . HOH D 3 .   ? -9.943  -11.448 3.809   1.00 21.73 ? 268 HOH A O   1 
HETATM 1431 O  O   . HOH D 3 .   ? 8.388   9.361   2.106   1.00 22.19 ? 269 HOH A O   1 
HETATM 1432 O  O   . HOH D 3 .   ? -5.439  8.079   7.264   1.00 22.88 ? 270 HOH A O   1 
HETATM 1433 O  O   . HOH D 3 .   ? 1.562   -6.947  20.080  1.00 22.83 ? 271 HOH A O   1 
HETATM 1434 O  O   . HOH D 3 .   ? -13.412 -6.506  0.757   1.00 23.96 ? 272 HOH A O   1 
HETATM 1435 O  O   . HOH D 3 .   ? -5.513  10.516  6.097   1.00 23.11 ? 273 HOH A O   1 
HETATM 1436 O  O   . HOH D 3 .   ? 4.588   -1.357  18.165  1.00 23.40 ? 274 HOH A O   1 
HETATM 1437 O  O   . HOH D 3 .   ? -7.341  -12.501 13.336  1.00 24.35 ? 275 HOH A O   1 
HETATM 1438 O  O   . HOH D 3 .   ? -2.120  -11.019 -8.360  1.00 23.67 ? 276 HOH A O   1 
HETATM 1439 O  O   . HOH D 3 .   ? 0.615   -8.103  -21.288 1.00 24.22 ? 277 HOH A O   1 
HETATM 1440 O  O   . HOH D 3 .   ? -5.363  13.384  -19.624 1.00 24.50 ? 278 HOH A O   1 
HETATM 1441 O  O   . HOH D 3 .   ? 5.847   -7.066  -16.103 1.00 24.44 ? 279 HOH A O   1 
HETATM 1442 O  O   . HOH D 3 .   ? -1.644  -9.865  14.981  1.00 24.79 ? 280 HOH A O   1 
HETATM 1443 O  O   . HOH D 3 .   ? -14.276 -0.043  11.269  1.00 24.63 ? 281 HOH A O   1 
HETATM 1444 O  O   . HOH D 3 .   ? -15.153 -2.144  9.753   1.00 25.05 ? 282 HOH A O   1 
HETATM 1445 O  O   . HOH D 3 .   ? -14.644 -4.838  -3.932  1.00 24.78 ? 283 HOH A O   1 
HETATM 1446 O  O   . HOH D 3 .   ? -15.868 3.615   5.961   1.00 25.24 ? 284 HOH A O   1 
HETATM 1447 O  O   . HOH D 3 .   ? -14.168 -6.705  9.618   1.00 24.79 ? 285 HOH A O   1 
HETATM 1448 O  O   . HOH D 3 .   ? 7.453   11.420  -2.096  1.00 25.60 ? 286 HOH A O   1 
HETATM 1449 O  O   . HOH D 3 .   ? -12.742 -6.103  5.499   1.00 25.38 ? 287 HOH A O   1 
HETATM 1450 O  O   . HOH D 3 .   ? -2.028  -3.650  -19.865 1.00 23.28 ? 288 HOH A O   1 
HETATM 1451 O  O   . HOH D 3 .   ? -3.220  4.211   15.574  1.00 25.83 ? 289 HOH A O   1 
HETATM 1452 O  O   . HOH D 3 .   ? -14.206 1.516   -4.631  1.00 25.77 ? 290 HOH A O   1 
HETATM 1453 O  O   . HOH D 3 .   ? -4.174  -11.483 2.511   1.00 26.80 ? 291 HOH A O   1 
HETATM 1454 O  O   . HOH D 3 .   ? -10.841 -18.965 13.886  1.00 27.42 ? 292 HOH A O   1 
HETATM 1455 O  O   . HOH D 3 .   ? -6.019  -14.376 -13.135 1.00 27.42 ? 293 HOH A O   1 
HETATM 1456 O  O   . HOH D 3 .   ? -8.513  16.829  -14.795 1.00 27.90 ? 294 HOH A O   1 
HETATM 1457 O  O   . HOH D 3 .   ? -13.679 -8.095  7.261   1.00 27.51 ? 295 HOH A O   1 
HETATM 1458 O  O   . HOH D 3 .   ? -7.289  5.666   12.959  1.00 27.10 ? 296 HOH A O   1 
HETATM 1459 O  O   . HOH D 3 .   ? -12.041 -8.434  -0.998  1.00 26.26 ? 297 HOH A O   1 
HETATM 1460 O  O   . HOH D 3 .   ? -8.654  -0.708  -23.398 1.00 25.95 ? 298 HOH A O   1 
HETATM 1461 O  O   . HOH D 3 .   ? 10.045  -0.487  -13.417 1.00 27.60 ? 299 HOH A O   1 
HETATM 1462 O  O   . HOH D 3 .   ? 6.329   -10.442 -4.099  1.00 27.14 ? 300 HOH A O   1 
HETATM 1463 O  O   . HOH D 3 .   ? 14.921  11.993  -1.966  1.00 26.96 ? 301 HOH A O   1 
HETATM 1464 O  O   . HOH D 3 .   ? -1.860  -13.203 -12.404 1.00 28.19 ? 302 HOH A O   1 
HETATM 1465 O  O   . HOH D 3 .   ? -5.226  0.960   -20.469 1.00 28.21 ? 303 HOH A O   1 
HETATM 1466 O  O   . HOH D 3 .   ? -3.501  -14.749 -14.084 1.00 28.28 ? 304 HOH A O   1 
HETATM 1467 O  O   . HOH D 3 .   ? -0.586  10.127  -21.345 1.00 28.03 ? 305 HOH A O   1 
HETATM 1468 O  O   . HOH D 3 .   ? 4.876   -10.734 -13.571 1.00 29.01 ? 306 HOH A O   1 
HETATM 1469 O  O   . HOH D 3 .   ? -15.464 1.539   7.922   1.00 27.66 ? 307 HOH A O   1 
HETATM 1470 O  O   . HOH D 3 .   ? -3.323  -17.013 20.087  1.00 28.98 ? 308 HOH A O   1 
HETATM 1471 O  O   . HOH D 3 .   ? 0.086   4.726   18.115  1.00 29.68 ? 309 HOH A O   1 
HETATM 1472 O  O   . HOH D 3 .   ? -15.324 4.892   -0.036  1.00 30.21 ? 310 HOH A O   1 
HETATM 1473 O  O   . HOH D 3 .   ? 2.084   -1.884  -21.720 1.00 31.03 ? 311 HOH A O   1 
HETATM 1474 O  O   . HOH D 3 .   ? -1.567  18.338  -18.020 1.00 30.93 ? 312 HOH A O   1 
HETATM 1475 O  O   . HOH D 3 .   ? -4.040  -11.202 -20.502 1.00 29.91 ? 313 HOH A O   1 
HETATM 1476 O  O   . HOH D 3 .   ? -5.107  -2.227  -19.414 1.00 31.35 ? 314 HOH A O   1 
HETATM 1477 O  O   . HOH D 3 .   ? -11.964 3.063   -5.174  1.00 30.20 ? 315 HOH A O   1 
HETATM 1478 O  O   . HOH D 3 .   ? 13.388  -12.445 6.081   1.00 30.00 ? 316 HOH A O   1 
HETATM 1479 O  O   . HOH D 3 .   ? 2.067   13.173  -22.003 1.00 30.49 ? 317 HOH A O   1 
HETATM 1480 O  O   . HOH D 3 .   ? -0.034  20.093  -12.224 1.00 31.30 ? 318 HOH A O   1 
HETATM 1481 O  O   . HOH D 3 .   ? -10.710 8.907   -7.095  1.00 30.87 ? 319 HOH A O   1 
HETATM 1482 O  O   . HOH D 3 .   ? 9.451   10.881  -15.653 1.00 31.48 ? 320 HOH A O   1 
HETATM 1483 O  O   . HOH D 3 .   ? 1.775   8.576   12.554  1.00 30.31 ? 321 HOH A O   1 
HETATM 1484 O  O   . HOH D 3 .   ? 0.852   -13.772 -12.338 1.00 32.04 ? 322 HOH A O   1 
HETATM 1485 O  O   . HOH D 3 .   ? 2.599   -4.349  23.253  1.00 31.84 ? 323 HOH A O   1 
HETATM 1486 O  O   . HOH D 3 .   ? -2.892  19.264  -3.725  1.00 31.38 ? 324 HOH A O   1 
HETATM 1487 O  O   . HOH D 3 .   ? 3.808   -2.708  20.492  1.00 31.62 ? 325 HOH A O   1 
HETATM 1488 O  O   . HOH D 3 .   ? 13.990  -3.756  13.874  1.00 31.09 ? 326 HOH A O   1 
HETATM 1489 O  O   . HOH D 3 .   ? -2.581  11.060  5.514   1.00 32.47 ? 327 HOH A O   1 
HETATM 1490 O  O   . HOH D 3 .   ? -14.164 7.595   -0.324  1.00 32.30 ? 328 HOH A O   1 
HETATM 1491 O  O   . HOH D 3 .   ? -11.940 14.615  -17.820 1.00 32.80 ? 329 HOH A O   1 
HETATM 1492 O  O   . HOH D 3 .   ? -13.357 4.573   11.247  1.00 32.60 ? 330 HOH A O   1 
HETATM 1493 O  O   . HOH D 3 .   ? -9.803  -13.320 5.943   1.00 34.15 ? 331 HOH A O   1 
HETATM 1494 O  O   . HOH D 3 .   ? 3.992   -8.422  16.426  1.00 33.80 ? 332 HOH A O   1 
HETATM 1495 O  O   . HOH D 3 .   ? 15.845  -3.161  4.289   1.00 33.36 ? 333 HOH A O   1 
HETATM 1496 O  O   . HOH D 3 .   ? 6.078   -4.182  20.906  1.00 32.98 ? 334 HOH A O   1 
HETATM 1497 O  O   . HOH D 3 .   ? -0.712  -13.890 -7.546  1.00 35.40 ? 335 HOH A O   1 
HETATM 1498 O  O   . HOH D 3 .   ? 1.464   3.884   -23.178 1.00 33.92 ? 336 HOH A O   1 
HETATM 1499 O  O   . HOH D 3 .   ? 2.773   -4.845  -21.695 1.00 34.39 ? 337 HOH A O   1 
HETATM 1500 O  O   . HOH D 3 .   ? -2.588  5.455   -22.559 1.00 34.67 ? 338 HOH A O   1 
HETATM 1501 O  O   . HOH D 3 .   ? 5.510   3.100   -21.718 1.00 34.87 ? 339 HOH A O   1 
HETATM 1502 O  O   . HOH D 3 .   ? -12.869 -9.647  23.476  1.00 35.22 ? 340 HOH A O   1 
HETATM 1503 O  O   . HOH D 3 .   ? 6.954   -7.159  -19.718 1.00 33.69 ? 341 HOH A O   1 
HETATM 1504 O  O   . HOH D 3 .   ? 4.170   11.414  7.145   1.00 34.12 ? 342 HOH A O   1 
HETATM 1505 O  O   . HOH D 3 .   ? -13.077 -3.702  6.843   1.00 30.50 ? 343 HOH A O   1 
HETATM 1506 O  O   . HOH D 3 .   ? 7.955   -13.859 13.859  1.00 35.09 ? 344 HOH A O   1 
HETATM 1507 O  O   . HOH D 3 .   ? 12.016  -10.728 18.571  1.00 34.91 ? 345 HOH A O   1 
HETATM 1508 O  O   . HOH D 3 .   ? 2.359   0.171   -23.769 1.00 34.44 ? 346 HOH A O   1 
HETATM 1509 O  O   . HOH D 3 .   ? -13.032 11.125  8.550   1.00 34.48 ? 347 HOH A O   1 
HETATM 1510 O  O   . HOH D 3 .   ? 13.570  -8.990  -0.087  1.00 35.78 ? 348 HOH A O   1 
HETATM 1511 O  O   . HOH D 3 .   ? 14.683  -2.221  -0.015  1.00 36.25 ? 349 HOH A O   1 
HETATM 1512 O  O   . HOH D 3 .   ? 5.569   8.705   -19.919 1.00 36.18 ? 350 HOH A O   1 
HETATM 1513 O  O   . HOH D 3 .   ? 13.443  11.592  -13.544 1.00 35.66 ? 351 HOH A O   1 
HETATM 1514 O  O   . HOH D 3 .   ? 2.529   -8.662  22.222  1.00 36.42 ? 352 HOH A O   1 
HETATM 1515 O  O   . HOH D 3 .   ? -11.223 -5.252  -9.928  1.00 35.94 ? 353 HOH A O   1 
HETATM 1516 O  O   . HOH D 3 .   ? 6.794   -4.334  -9.907  1.00 36.36 ? 354 HOH A O   1 
HETATM 1517 O  O   . HOH D 3 .   ? 5.132   -8.042  23.133  1.00 35.96 ? 355 HOH A O   1 
HETATM 1518 O  O   . HOH D 3 .   ? -11.359 6.935   -13.067 1.00 36.71 ? 356 HOH A O   1 
HETATM 1519 O  O   . HOH D 3 .   ? 3.386   10.332  -21.617 1.00 37.81 ? 357 HOH A O   1 
HETATM 1520 O  O   . HOH D 3 .   ? 7.569   11.045  -18.844 1.00 38.19 ? 358 HOH A O   1 
HETATM 1521 O  O   . HOH D 3 .   ? -3.037  7.758   8.770   1.00 39.78 ? 359 HOH A O   1 
HETATM 1522 O  O   . HOH D 3 .   ? 7.536   -12.214 -2.013  1.00 38.29 ? 360 HOH A O   1 
HETATM 1523 O  O   . HOH D 3 .   ? -9.999  4.131   17.353  1.00 42.33 ? 361 HOH A O   1 
HETATM 1524 O  O   . HOH D 3 .   ? -16.259 -6.011  -0.077  1.00 40.88 ? 362 HOH A O   1 
HETATM 1525 O  O   . HOH D 3 .   ? 2.217   12.306  3.666   1.00 40.61 ? 363 HOH A O   1 
HETATM 1526 O  O   . HOH D 3 .   ? -17.368 -12.555 13.150  1.00 40.79 ? 364 HOH A O   1 
HETATM 1527 O  O   . HOH D 3 .   ? -15.217 -6.095  19.063  1.00 42.72 ? 365 HOH A O   1 
HETATM 1528 O  O   . HOH D 3 .   ? 3.660   15.957  -7.209  1.00 41.55 ? 366 HOH A O   1 
HETATM 1529 O  O   . HOH D 3 .   ? -3.073  -15.887 6.416   1.00 42.15 ? 367 HOH A O   1 
HETATM 1530 O  O   . HOH D 3 .   ? -12.518 -9.120  -5.210  1.00 41.43 ? 368 HOH A O   1 
HETATM 1531 O  O   . HOH D 3 .   ? 15.374  -0.025  5.763   1.00 43.11 ? 369 HOH A O   1 
HETATM 1532 O  O   . HOH D 3 .   ? 5.200   5.774   -21.006 1.00 42.73 ? 370 HOH A O   1 
HETATM 1533 O  O   . HOH D 3 .   ? 8.854   0.119   13.852  1.00 43.85 ? 371 HOH A O   1 
HETATM 1534 O  O   . HOH D 3 .   ? -1.897  -2.208  24.056  1.00 42.46 ? 372 HOH A O   1 
HETATM 1535 O  O   . HOH D 3 .   ? 1.182   -8.897  17.895  1.00 42.25 ? 373 HOH A O   1 
HETATM 1536 O  O   . HOH D 3 .   ? -17.792 -10.385 11.066  1.00 43.41 ? 374 HOH A O   1 
HETATM 1537 O  O   . HOH D 3 .   ? 4.435   20.672  -8.652  1.00 43.94 ? 375 HOH A O   1 
HETATM 1538 O  O   . HOH D 3 .   ? -1.217  25.621  -17.430 1.00 45.03 ? 376 HOH A O   1 
HETATM 1539 O  O   . HOH D 3 .   ? 4.396   -9.460  -16.418 1.00 43.10 ? 377 HOH A O   1 
HETATM 1540 O  O   . HOH D 3 .   ? -17.413 3.134   3.681   1.00 43.02 ? 378 HOH A O   1 
HETATM 1541 O  O   . HOH D 3 .   ? 6.019   -10.867 22.139  1.00 44.00 ? 379 HOH A O   1 
HETATM 1542 O  O   . HOH D 3 .   ? -15.943 -1.129  7.253   1.00 42.84 ? 380 HOH A O   1 
HETATM 1543 O  O   . HOH D 3 .   ? 8.235   -10.710 -6.090  1.00 44.55 ? 381 HOH A O   1 
HETATM 1544 O  O   . HOH D 3 .   ? 10.506  6.028   12.022  1.00 44.42 ? 382 HOH A O   1 
HETATM 1545 O  O   . HOH D 3 .   ? -4.581  25.011  -16.761 1.00 43.83 ? 383 HOH A O   1 
HETATM 1546 O  O   . HOH D 3 .   ? -6.648  -11.965 1.409   1.00 42.86 ? 384 HOH A O   1 
HETATM 1547 O  O   . HOH D 3 .   ? -14.011 8.752   9.556   1.00 42.83 ? 385 HOH A O   1 
HETATM 1548 O  O   . HOH D 3 .   ? -6.108  -10.904 11.463  1.00 42.37 ? 386 HOH A O   1 
HETATM 1549 O  O   . HOH D 3 .   ? -13.793 -6.712  -6.398  1.00 45.33 ? 387 HOH A O   1 
HETATM 1550 O  O   . HOH D 3 .   ? -3.711  14.231  -21.726 1.00 45.11 ? 388 HOH A O   1 
HETATM 1551 O  O   . HOH D 3 .   ? 14.707  -5.550  2.141   1.00 46.15 ? 389 HOH A O   1 
HETATM 1552 O  O   . HOH D 3 .   ? 18.791  -5.483  4.064   1.00 45.94 ? 390 HOH A O   1 
HETATM 1553 O  O   . HOH D 3 .   ? -0.488  14.755  4.640   1.00 47.13 ? 391 HOH A O   1 
HETATM 1554 O  O   . HOH D 3 .   ? 3.003   18.941  -6.657  1.00 46.81 ? 392 HOH A O   1 
HETATM 1555 O  O   . HOH D 3 .   ? 8.915   12.602  -4.104  1.00 47.95 ? 393 HOH A O   1 
HETATM 1556 O  O   . HOH D 3 .   ? -7.709  9.074   11.144  1.00 47.58 ? 394 HOH A O   1 
HETATM 1557 O  O   . HOH D 3 .   ? -12.018 6.204   15.721  1.00 48.43 ? 395 HOH A O   1 
HETATM 1558 O  O   . HOH D 3 .   ? -8.966  -11.765 11.008  1.00 48.03 ? 396 HOH A O   1 
HETATM 1559 O  O   . HOH D 3 .   ? -5.884  19.960  -5.261  1.00 48.15 ? 397 HOH A O   1 
HETATM 1560 O  O   . HOH D 3 .   ? 4.816   -2.992  -25.571 1.00 48.38 ? 398 HOH A O   1 
HETATM 1561 O  O   . HOH D 3 .   ? 4.095   -12.149 -5.049  1.00 47.75 ? 399 HOH A O   1 
HETATM 1562 O  O   . HOH D 3 .   ? -14.538 -6.992  3.540   1.00 47.29 ? 400 HOH A O   1 
HETATM 1563 O  O   . HOH D 3 .   ? 4.889   -15.040 19.142  1.00 49.24 ? 401 HOH A O   1 
HETATM 1564 O  O   . HOH D 3 .   ? -5.387  4.283   17.633  1.00 48.79 ? 402 HOH A O   1 
HETATM 1565 O  O   . HOH D 3 .   ? 13.087  10.332  -15.942 1.00 49.62 ? 403 HOH A O   1 
HETATM 1566 O  O   . HOH D 3 .   ? -4.539  18.097  -22.763 1.00 49.91 ? 404 HOH A O   1 
HETATM 1567 O  O   . HOH D 3 .   ? 2.777   19.787  -11.135 1.00 49.46 ? 405 HOH A O   1 
HETATM 1568 O  O   . HOH D 3 .   ? 5.737   -12.821 -9.387  1.00 51.72 ? 406 HOH A O   1 
HETATM 1569 O  O   . HOH D 3 .   ? -12.359 3.867   -12.658 1.00 50.69 ? 407 HOH A O   1 
HETATM 1570 O  O   . HOH D 3 .   ? -9.248  -9.735  -2.394  1.00 51.91 ? 408 HOH A O   1 
HETATM 1571 O  O   . HOH D 3 .   ? 6.415   0.821   20.047  1.00 52.48 ? 409 HOH A O   1 
HETATM 1572 O  O   . HOH D 3 .   ? 7.280   9.596   19.444  1.00 54.98 ? 410 HOH A O   1 
HETATM 1573 O  O   . HOH D 3 .   ? 7.806   1.425   17.696  1.00 54.64 ? 411 HOH A O   1 
HETATM 1574 O  O   . HOH D 3 .   ? -2.451  16.788  3.482   1.00 41.62 ? 412 HOH A O   1 
HETATM 1575 O  O   . HOH D 3 .   ? -13.459 -10.903 6.424   1.00 36.36 ? 413 HOH A O   1 
HETATM 1576 O  O   . HOH D 3 .   ? -11.641 -12.733 7.939   1.00 35.89 ? 414 HOH A O   1 
HETATM 1577 O  O   . HOH D 3 .   ? 10.244  -0.760  8.345   1.00 42.60 ? 415 HOH A O   1 
HETATM 1578 O  O   . HOH D 3 .   ? 10.427  11.483  2.913   1.00 40.45 ? 416 HOH A O   1 
HETATM 1579 O  O   . HOH D 3 .   ? 8.165   -4.426  -6.957  1.00 42.03 ? 417 HOH A O   1 
HETATM 1580 O  O   . HOH D 3 .   ? 13.244  3.231   7.737   1.00 46.96 ? 418 HOH A O   1 
HETATM 1581 O  O   . HOH D 3 .   ? -10.930 1.360   16.105  1.00 39.50 ? 419 HOH A O   1 
HETATM 1582 O  O   . HOH D 3 .   ? 1.198   -14.430 3.336   1.00 40.29 ? 420 HOH A O   1 
HETATM 1583 O  O   . HOH D 3 .   ? 12.856  -17.004 -0.156  1.00 38.15 ? 421 HOH A O   1 
HETATM 1584 O  O   . HOH D 3 .   ? 8.115   -7.694  -13.595 1.00 47.06 ? 422 HOH A O   1 
HETATM 1585 O  O   . HOH D 3 .   ? -3.096  21.861  -17.395 1.00 40.79 ? 423 HOH A O   1 
HETATM 1586 O  O   . HOH D 3 .   ? 6.144   -14.915 16.097  1.00 49.96 ? 424 HOH A O   1 
HETATM 1587 O  O   . HOH D 3 .   ? 7.200   18.378  -18.163 1.00 46.41 ? 425 HOH A O   1 
HETATM 1588 O  O   . HOH D 3 .   ? 9.277   12.088  -21.289 1.00 44.79 ? 426 HOH A O   1 
HETATM 1589 O  O   . HOH D 3 .   ? -15.882 1.119   1.586   1.00 40.43 ? 427 HOH A O   1 
HETATM 1590 O  O   . HOH D 3 .   ? 2.264   -15.202 -9.746  1.00 40.25 ? 428 HOH A O   1 
HETATM 1591 O  O   . HOH D 3 .   ? 4.552   20.401  -13.760 1.00 36.70 ? 429 HOH A O   1 
HETATM 1592 O  O   . HOH D 3 .   ? -8.196  -14.152 3.008   1.00 44.18 ? 430 HOH A O   1 
HETATM 1593 O  O   . HOH D 3 .   ? -2.844  1.102   -22.326 1.00 46.32 ? 431 HOH A O   1 
HETATM 1594 O  O   . HOH D 3 .   ? 19.527  -8.238  5.396   1.00 47.17 ? 432 HOH A O   1 
HETATM 1595 O  O   . HOH D 3 .   ? 11.697  -16.221 7.529   1.00 45.60 ? 433 HOH A O   1 
HETATM 1596 O  O   . HOH D 3 .   ? 8.316   -15.733 -0.080  1.00 36.01 ? 434 HOH A O   1 
HETATM 1597 O  O   . HOH D 3 .   ? 12.721  -2.089  -13.693 1.00 47.38 ? 435 HOH A O   1 
HETATM 1598 O  O   . HOH D 3 .   ? -1.940  -15.999 3.368   1.00 43.50 ? 436 HOH A O   1 
HETATM 1599 O  O   . HOH D 3 .   ? -6.182  -16.012 7.489   1.00 45.14 ? 437 HOH A O   1 
HETATM 1600 O  O   . HOH D 3 .   ? 12.810  -13.646 16.462  1.00 47.01 ? 438 HOH A O   1 
HETATM 1601 O  O   . HOH D 3 .   ? -18.197 4.804   -1.769  1.00 50.03 ? 439 HOH A O   1 
HETATM 1602 O  O   . HOH D 3 .   ? -9.586  -11.238 0.595   1.00 47.58 ? 440 HOH A O   1 
HETATM 1603 O  O   . HOH D 3 .   ? 17.634  -20.682 -0.517  1.00 47.33 ? 441 HOH A O   1 
# 
